data_2NPL
# 
_entry.id   2NPL 
# 
_audit_conform.dict_name       mmcif_pdbx.dic 
_audit_conform.dict_version    5.398 
_audit_conform.dict_location   http://mmcif.pdb.org/dictionaries/ascii/mmcif_pdbx.dic 
# 
loop_
_database_2.database_id 
_database_2.database_code 
_database_2.pdbx_database_accession 
_database_2.pdbx_DOI 
PDB   2NPL         pdb_00002npl 10.2210/pdb2npl/pdb 
RCSB  RCSB040147   ?            ?                   
WWPDB D_1000040147 ?            ?                   
# 
loop_
_pdbx_audit_revision_history.ordinal 
_pdbx_audit_revision_history.data_content_type 
_pdbx_audit_revision_history.major_revision 
_pdbx_audit_revision_history.minor_revision 
_pdbx_audit_revision_history.revision_date 
1 'Structure model' 1 0 2007-03-13 
2 'Structure model' 1 1 2008-05-01 
3 'Structure model' 1 2 2011-07-13 
4 'Structure model' 1 3 2022-03-16 
5 'Structure model' 1 4 2023-12-27 
6 'Structure model' 1 5 2024-10-30 
# 
_pdbx_audit_revision_details.ordinal             1 
_pdbx_audit_revision_details.revision_ordinal    1 
_pdbx_audit_revision_details.data_content_type   'Structure model' 
_pdbx_audit_revision_details.provider            repository 
_pdbx_audit_revision_details.type                'Initial release' 
_pdbx_audit_revision_details.description         ? 
_pdbx_audit_revision_details.details             ? 
# 
loop_
_pdbx_audit_revision_group.ordinal 
_pdbx_audit_revision_group.revision_ordinal 
_pdbx_audit_revision_group.data_content_type 
_pdbx_audit_revision_group.group 
1 2 'Structure model' 'Version format compliance' 
2 3 'Structure model' 'Version format compliance' 
3 4 'Structure model' 'Data collection'           
4 4 'Structure model' 'Database references'       
5 4 'Structure model' 'Derived calculations'      
6 5 'Structure model' 'Data collection'           
7 6 'Structure model' 'Structure summary'         
# 
loop_
_pdbx_audit_revision_category.ordinal 
_pdbx_audit_revision_category.revision_ordinal 
_pdbx_audit_revision_category.data_content_type 
_pdbx_audit_revision_category.category 
1 4 'Structure model' database_2                
2 4 'Structure model' pdbx_nmr_spectrometer     
3 4 'Structure model' pdbx_struct_assembly      
4 4 'Structure model' pdbx_struct_oper_list     
5 4 'Structure model' struct_ref_seq_dif        
6 5 'Structure model' chem_comp_atom            
7 5 'Structure model' chem_comp_bond            
8 6 'Structure model' pdbx_entry_details        
9 6 'Structure model' pdbx_modification_feature 
# 
loop_
_pdbx_audit_revision_item.ordinal 
_pdbx_audit_revision_item.revision_ordinal 
_pdbx_audit_revision_item.data_content_type 
_pdbx_audit_revision_item.item 
1 4 'Structure model' '_database_2.pdbx_DOI'                
2 4 'Structure model' '_database_2.pdbx_database_accession' 
3 4 'Structure model' '_pdbx_nmr_spectrometer.model'        
4 4 'Structure model' '_struct_ref_seq_dif.details'         
# 
_pdbx_database_status.status_code                     REL 
_pdbx_database_status.entry_id                        2NPL 
_pdbx_database_status.recvd_initial_deposition_date   2006-10-27 
_pdbx_database_status.deposit_site                    RCSB 
_pdbx_database_status.process_site                    RCSB 
_pdbx_database_status.status_code_sf                  ? 
_pdbx_database_status.status_code_mr                  REL 
_pdbx_database_status.SG_entry                        N 
_pdbx_database_status.pdb_format_compatible           Y 
_pdbx_database_status.status_code_cs                  ? 
_pdbx_database_status.status_code_nmr_data            ? 
_pdbx_database_status.methods_development_category    ? 
# 
_pdbx_database_related.db_name        PDB 
_pdbx_database_related.db_id          1RSF 
_pdbx_database_related.details        'NMR  Structure of Monomeric CAR d1 Domain' 
_pdbx_database_related.content_type   unspecified 
# 
loop_
_audit_author.name 
_audit_author.pdbx_ordinal 
'Jiang, S.'   1 
'Caffrey, M.' 2 
# 
_citation.id                        primary 
_citation.title                     'Solution structure of the coxsackievirus and adenovirus receptor domain 2' 
_citation.journal_abbrev            'Protein Sci.' 
_citation.journal_volume            16 
_citation.page_first                539 
_citation.page_last                 542 
_citation.year                      2007 
_citation.journal_id_ASTM           PRCIEI 
_citation.country                   US 
_citation.journal_id_ISSN           0961-8368 
_citation.journal_id_CSD            0795 
_citation.book_publisher            ? 
_citation.pdbx_database_id_PubMed   17322536 
_citation.pdbx_database_id_DOI      10.1110/ps.062643507 
# 
loop_
_citation_author.citation_id 
_citation_author.name 
_citation_author.ordinal 
_citation_author.identifier_ORCID 
primary 'Jiang, S.'   1 ? 
primary 'Caffrey, M.' 2 ? 
# 
_entity.id                         1 
_entity.type                       polymer 
_entity.src_method                 man 
_entity.pdbx_description           'Coxsackievirus and Adenovirus Receptor' 
_entity.formula_weight             10539.775 
_entity.pdbx_number_of_molecules   1 
_entity.pdbx_ec                    ? 
_entity.pdbx_mutation              ? 
_entity.pdbx_fragment              'Domain CAR 2' 
_entity.details                    ? 
# 
_entity_name_com.entity_id   1 
_entity_name_com.name        'Coxsackievirus B- adenovirus receptor; hCAR; CVB3-binding protein; HCVADR' 
# 
_entity_poly.entity_id                      1 
_entity_poly.type                           'polypeptide(L)' 
_entity_poly.nstd_linkage                   no 
_entity_poly.nstd_monomer                   no 
_entity_poly.pdbx_seq_one_letter_code       
;GSSGARCYVDGSEEIGSDFKIKCEPKEGSLPLQYEWQKLSDSQKMPTSWLAEMTSSVISVKNASSEYSGTYSCTVRNRVG
SDQCLLRLNVVPPSNK
;
_entity_poly.pdbx_seq_one_letter_code_can   
;GSSGARCYVDGSEEIGSDFKIKCEPKEGSLPLQYEWQKLSDSQKMPTSWLAEMTSSVISVKNASSEYSGTYSCTVRNRVG
SDQCLLRLNVVPPSNK
;
_entity_poly.pdbx_strand_id                 X 
_entity_poly.pdbx_target_identifier         ? 
# 
loop_
_entity_poly_seq.entity_id 
_entity_poly_seq.num 
_entity_poly_seq.mon_id 
_entity_poly_seq.hetero 
1 1  GLY n 
1 2  SER n 
1 3  SER n 
1 4  GLY n 
1 5  ALA n 
1 6  ARG n 
1 7  CYS n 
1 8  TYR n 
1 9  VAL n 
1 10 ASP n 
1 11 GLY n 
1 12 SER n 
1 13 GLU n 
1 14 GLU n 
1 15 ILE n 
1 16 GLY n 
1 17 SER n 
1 18 ASP n 
1 19 PHE n 
1 20 LYS n 
1 21 ILE n 
1 22 LYS n 
1 23 CYS n 
1 24 GLU n 
1 25 PRO n 
1 26 LYS n 
1 27 GLU n 
1 28 GLY n 
1 29 SER n 
1 30 LEU n 
1 31 PRO n 
1 32 LEU n 
1 33 GLN n 
1 34 TYR n 
1 35 GLU n 
1 36 TRP n 
1 37 GLN n 
1 38 LYS n 
1 39 LEU n 
1 40 SER n 
1 41 ASP n 
1 42 SER n 
1 43 GLN n 
1 44 LYS n 
1 45 MET n 
1 46 PRO n 
1 47 THR n 
1 48 SER n 
1 49 TRP n 
1 50 LEU n 
1 51 ALA n 
1 52 GLU n 
1 53 MET n 
1 54 THR n 
1 55 SER n 
1 56 SER n 
1 57 VAL n 
1 58 ILE n 
1 59 SER n 
1 60 VAL n 
1 61 LYS n 
1 62 ASN n 
1 63 ALA n 
1 64 SER n 
1 65 SER n 
1 66 GLU n 
1 67 TYR n 
1 68 SER n 
1 69 GLY n 
1 70 THR n 
1 71 TYR n 
1 72 SER n 
1 73 CYS n 
1 74 THR n 
1 75 VAL n 
1 76 ARG n 
1 77 ASN n 
1 78 ARG n 
1 79 VAL n 
1 80 GLY n 
1 81 SER n 
1 82 ASP n 
1 83 GLN n 
1 84 CYS n 
1 85 LEU n 
1 86 LEU n 
1 87 ARG n 
1 88 LEU n 
1 89 ASN n 
1 90 VAL n 
1 91 VAL n 
1 92 PRO n 
1 93 PRO n 
1 94 SER n 
1 95 ASN n 
1 96 LYS n 
# 
_entity_src_gen.entity_id                          1 
_entity_src_gen.pdbx_src_id                        1 
_entity_src_gen.pdbx_alt_source_flag               sample 
_entity_src_gen.pdbx_seq_type                      ? 
_entity_src_gen.pdbx_beg_seq_num                   ? 
_entity_src_gen.pdbx_end_seq_num                   ? 
_entity_src_gen.gene_src_common_name               human 
_entity_src_gen.gene_src_genus                     Homo 
_entity_src_gen.pdbx_gene_src_gene                 'CXADR, CAR' 
_entity_src_gen.gene_src_species                   ? 
_entity_src_gen.gene_src_strain                    ? 
_entity_src_gen.gene_src_tissue                    ? 
_entity_src_gen.gene_src_tissue_fraction           ? 
_entity_src_gen.gene_src_details                   ? 
_entity_src_gen.pdbx_gene_src_fragment             ? 
_entity_src_gen.pdbx_gene_src_scientific_name      'Homo sapiens' 
_entity_src_gen.pdbx_gene_src_ncbi_taxonomy_id     9606 
_entity_src_gen.pdbx_gene_src_variant              ? 
_entity_src_gen.pdbx_gene_src_cell_line            ? 
_entity_src_gen.pdbx_gene_src_atcc                 ? 
_entity_src_gen.pdbx_gene_src_organ                ? 
_entity_src_gen.pdbx_gene_src_organelle            ? 
_entity_src_gen.pdbx_gene_src_cell                 ? 
_entity_src_gen.pdbx_gene_src_cellular_location    ? 
_entity_src_gen.host_org_common_name               ? 
_entity_src_gen.pdbx_host_org_scientific_name      'Escherichia coli' 
_entity_src_gen.pdbx_host_org_ncbi_taxonomy_id     562 
_entity_src_gen.host_org_genus                     Escherichia 
_entity_src_gen.pdbx_host_org_gene                 ? 
_entity_src_gen.pdbx_host_org_organ                ? 
_entity_src_gen.host_org_species                   ? 
_entity_src_gen.pdbx_host_org_tissue               ? 
_entity_src_gen.pdbx_host_org_tissue_fraction      ? 
_entity_src_gen.pdbx_host_org_strain               ? 
_entity_src_gen.pdbx_host_org_variant              ? 
_entity_src_gen.pdbx_host_org_cell_line            ? 
_entity_src_gen.pdbx_host_org_atcc                 ? 
_entity_src_gen.pdbx_host_org_culture_collection   ? 
_entity_src_gen.pdbx_host_org_cell                 ? 
_entity_src_gen.pdbx_host_org_organelle            ? 
_entity_src_gen.pdbx_host_org_cellular_location    ? 
_entity_src_gen.pdbx_host_org_vector_type          plasmid 
_entity_src_gen.pdbx_host_org_vector               ? 
_entity_src_gen.host_org_details                   ? 
_entity_src_gen.expression_system_id               ? 
_entity_src_gen.plasmid_name                       ? 
_entity_src_gen.plasmid_details                    ? 
_entity_src_gen.pdbx_description                   ? 
# 
loop_
_chem_comp.id 
_chem_comp.type 
_chem_comp.mon_nstd_flag 
_chem_comp.name 
_chem_comp.pdbx_synonyms 
_chem_comp.formula 
_chem_comp.formula_weight 
ALA 'L-peptide linking' y ALANINE         ? 'C3 H7 N O2'     89.093  
ARG 'L-peptide linking' y ARGININE        ? 'C6 H15 N4 O2 1' 175.209 
ASN 'L-peptide linking' y ASPARAGINE      ? 'C4 H8 N2 O3'    132.118 
ASP 'L-peptide linking' y 'ASPARTIC ACID' ? 'C4 H7 N O4'     133.103 
CYS 'L-peptide linking' y CYSTEINE        ? 'C3 H7 N O2 S'   121.158 
GLN 'L-peptide linking' y GLUTAMINE       ? 'C5 H10 N2 O3'   146.144 
GLU 'L-peptide linking' y 'GLUTAMIC ACID' ? 'C5 H9 N O4'     147.129 
GLY 'peptide linking'   y GLYCINE         ? 'C2 H5 N O2'     75.067  
ILE 'L-peptide linking' y ISOLEUCINE      ? 'C6 H13 N O2'    131.173 
LEU 'L-peptide linking' y LEUCINE         ? 'C6 H13 N O2'    131.173 
LYS 'L-peptide linking' y LYSINE          ? 'C6 H15 N2 O2 1' 147.195 
MET 'L-peptide linking' y METHIONINE      ? 'C5 H11 N O2 S'  149.211 
PHE 'L-peptide linking' y PHENYLALANINE   ? 'C9 H11 N O2'    165.189 
PRO 'L-peptide linking' y PROLINE         ? 'C5 H9 N O2'     115.130 
SER 'L-peptide linking' y SERINE          ? 'C3 H7 N O3'     105.093 
THR 'L-peptide linking' y THREONINE       ? 'C4 H9 N O3'     119.119 
TRP 'L-peptide linking' y TRYPTOPHAN      ? 'C11 H12 N2 O2'  204.225 
TYR 'L-peptide linking' y TYROSINE        ? 'C9 H11 N O3'    181.189 
VAL 'L-peptide linking' y VALINE          ? 'C5 H11 N O2'    117.146 
# 
loop_
_pdbx_poly_seq_scheme.asym_id 
_pdbx_poly_seq_scheme.entity_id 
_pdbx_poly_seq_scheme.seq_id 
_pdbx_poly_seq_scheme.mon_id 
_pdbx_poly_seq_scheme.ndb_seq_num 
_pdbx_poly_seq_scheme.pdb_seq_num 
_pdbx_poly_seq_scheme.auth_seq_num 
_pdbx_poly_seq_scheme.pdb_mon_id 
_pdbx_poly_seq_scheme.auth_mon_id 
_pdbx_poly_seq_scheme.pdb_strand_id 
_pdbx_poly_seq_scheme.pdb_ins_code 
_pdbx_poly_seq_scheme.hetero 
A 1 1  GLY 1  1  1  GLY GLY X . n 
A 1 2  SER 2  2  2  SER SER X . n 
A 1 3  SER 3  3  3  SER SER X . n 
A 1 4  GLY 4  4  4  GLY GLY X . n 
A 1 5  ALA 5  5  5  ALA ALA X . n 
A 1 6  ARG 6  6  6  ARG ARG X . n 
A 1 7  CYS 7  7  7  CYS CYS X . n 
A 1 8  TYR 8  8  8  TYR TYR X . n 
A 1 9  VAL 9  9  9  VAL VAL X . n 
A 1 10 ASP 10 10 10 ASP ASP X . n 
A 1 11 GLY 11 11 11 GLY GLY X . n 
A 1 12 SER 12 12 12 SER SER X . n 
A 1 13 GLU 13 13 13 GLU GLU X . n 
A 1 14 GLU 14 14 14 GLU GLU X . n 
A 1 15 ILE 15 15 15 ILE ILE X . n 
A 1 16 GLY 16 16 16 GLY GLY X . n 
A 1 17 SER 17 17 17 SER SER X . n 
A 1 18 ASP 18 18 18 ASP ASP X . n 
A 1 19 PHE 19 19 19 PHE PHE X . n 
A 1 20 LYS 20 20 20 LYS LYS X . n 
A 1 21 ILE 21 21 21 ILE ILE X . n 
A 1 22 LYS 22 22 22 LYS LYS X . n 
A 1 23 CYS 23 23 23 CYS CYS X . n 
A 1 24 GLU 24 24 24 GLU GLU X . n 
A 1 25 PRO 25 25 25 PRO PRO X . n 
A 1 26 LYS 26 26 26 LYS LYS X . n 
A 1 27 GLU 27 27 27 GLU GLU X . n 
A 1 28 GLY 28 28 28 GLY GLY X . n 
A 1 29 SER 29 29 29 SER SER X . n 
A 1 30 LEU 30 30 30 LEU LEU X . n 
A 1 31 PRO 31 31 31 PRO PRO X . n 
A 1 32 LEU 32 32 32 LEU LEU X . n 
A 1 33 GLN 33 33 33 GLN GLN X . n 
A 1 34 TYR 34 34 34 TYR TYR X . n 
A 1 35 GLU 35 35 35 GLU GLU X . n 
A 1 36 TRP 36 36 36 TRP TRP X . n 
A 1 37 GLN 37 37 37 GLN GLN X . n 
A 1 38 LYS 38 38 38 LYS LYS X . n 
A 1 39 LEU 39 39 39 LEU LEU X . n 
A 1 40 SER 40 40 40 SER SER X . n 
A 1 41 ASP 41 41 41 ASP ASP X . n 
A 1 42 SER 42 42 42 SER SER X . n 
A 1 43 GLN 43 43 43 GLN GLN X . n 
A 1 44 LYS 44 44 44 LYS LYS X . n 
A 1 45 MET 45 45 45 MET MET X . n 
A 1 46 PRO 46 46 46 PRO PRO X . n 
A 1 47 THR 47 47 47 THR THR X . n 
A 1 48 SER 48 48 48 SER SER X . n 
A 1 49 TRP 49 49 49 TRP TRP X . n 
A 1 50 LEU 50 50 50 LEU LEU X . n 
A 1 51 ALA 51 51 51 ALA ALA X . n 
A 1 52 GLU 52 52 52 GLU GLU X . n 
A 1 53 MET 53 53 53 MET MET X . n 
A 1 54 THR 54 54 54 THR THR X . n 
A 1 55 SER 55 55 55 SER SER X . n 
A 1 56 SER 56 56 56 SER SER X . n 
A 1 57 VAL 57 57 57 VAL VAL X . n 
A 1 58 ILE 58 58 58 ILE ILE X . n 
A 1 59 SER 59 59 59 SER SER X . n 
A 1 60 VAL 60 60 60 VAL VAL X . n 
A 1 61 LYS 61 61 61 LYS LYS X . n 
A 1 62 ASN 62 62 62 ASN ASN X . n 
A 1 63 ALA 63 63 63 ALA ALA X . n 
A 1 64 SER 64 64 64 SER SER X . n 
A 1 65 SER 65 65 65 SER SER X . n 
A 1 66 GLU 66 66 66 GLU GLU X . n 
A 1 67 TYR 67 67 67 TYR TYR X . n 
A 1 68 SER 68 68 68 SER SER X . n 
A 1 69 GLY 69 69 69 GLY GLY X . n 
A 1 70 THR 70 70 70 THR THR X . n 
A 1 71 TYR 71 71 71 TYR TYR X . n 
A 1 72 SER 72 72 72 SER SER X . n 
A 1 73 CYS 73 73 73 CYS CYS X . n 
A 1 74 THR 74 74 74 THR THR X . n 
A 1 75 VAL 75 75 75 VAL VAL X . n 
A 1 76 ARG 76 76 76 ARG ARG X . n 
A 1 77 ASN 77 77 77 ASN ASN X . n 
A 1 78 ARG 78 78 78 ARG ARG X . n 
A 1 79 VAL 79 79 79 VAL VAL X . n 
A 1 80 GLY 80 80 80 GLY GLY X . n 
A 1 81 SER 81 81 81 SER SER X . n 
A 1 82 ASP 82 82 82 ASP ASP X . n 
A 1 83 GLN 83 83 83 GLN GLN X . n 
A 1 84 CYS 84 84 84 CYS CYS X . n 
A 1 85 LEU 85 85 85 LEU LEU X . n 
A 1 86 LEU 86 86 86 LEU LEU X . n 
A 1 87 ARG 87 87 87 ARG ARG X . n 
A 1 88 LEU 88 88 88 LEU LEU X . n 
A 1 89 ASN 89 89 89 ASN ASN X . n 
A 1 90 VAL 90 90 90 VAL VAL X . n 
A 1 91 VAL 91 91 91 VAL VAL X . n 
A 1 92 PRO 92 92 92 PRO PRO X . n 
A 1 93 PRO 93 93 93 PRO PRO X . n 
A 1 94 SER 94 94 94 SER SER X . n 
A 1 95 ASN 95 95 95 ASN ASN X . n 
A 1 96 LYS 96 96 96 LYS LYS X . n 
# 
_exptl.entry_id          2NPL 
_exptl.method            'SOLUTION NMR' 
_exptl.crystals_number   ? 
# 
_struct.entry_id                  2NPL 
_struct.title                     'NMR Structure of CARD d2 Domain' 
_struct.pdbx_model_details        ? 
_struct.pdbx_CASP_flag            ? 
_struct.pdbx_model_type_details   'minimized average' 
# 
_struct_keywords.entry_id        2NPL 
_struct_keywords.pdbx_keywords   'CELL ADHESION' 
_struct_keywords.text            'Coxsakievirus and Adenovirus Receptor, cell adhesion' 
# 
_struct_asym.id                            A 
_struct_asym.pdbx_blank_PDB_chainid_flag   N 
_struct_asym.pdbx_modified                 N 
_struct_asym.entity_id                     1 
_struct_asym.details                       ? 
# 
_struct_ref.id                         1 
_struct_ref.entity_id                  1 
_struct_ref.db_name                    UNP 
_struct_ref.db_code                    CXAR_HUMAN 
_struct_ref.pdbx_db_accession          P78310 
_struct_ref.pdbx_align_begin           142 
_struct_ref.pdbx_seq_one_letter_code   
;SGARCYVDGSEEIGSDFKIKCEPKEGSLPLQYEWQKLSDSQKMPTSWLAEMTSSVISVKNASSEYSGTYSCTVRNRVGSD
QCLLRLNVVPPSNK
;
_struct_ref.pdbx_db_isoform            ? 
# 
_struct_ref_seq.align_id                      1 
_struct_ref_seq.ref_id                        1 
_struct_ref_seq.pdbx_PDB_id_code              2NPL 
_struct_ref_seq.pdbx_strand_id                X 
_struct_ref_seq.seq_align_beg                 3 
_struct_ref_seq.pdbx_seq_align_beg_ins_code   ? 
_struct_ref_seq.seq_align_end                 96 
_struct_ref_seq.pdbx_seq_align_end_ins_code   ? 
_struct_ref_seq.pdbx_db_accession             P78310 
_struct_ref_seq.db_align_beg                  142 
_struct_ref_seq.pdbx_db_align_beg_ins_code    ? 
_struct_ref_seq.db_align_end                  235 
_struct_ref_seq.pdbx_db_align_end_ins_code    ? 
_struct_ref_seq.pdbx_auth_seq_align_beg       3 
_struct_ref_seq.pdbx_auth_seq_align_end       96 
# 
loop_
_struct_ref_seq_dif.align_id 
_struct_ref_seq_dif.pdbx_pdb_id_code 
_struct_ref_seq_dif.mon_id 
_struct_ref_seq_dif.pdbx_pdb_strand_id 
_struct_ref_seq_dif.seq_num 
_struct_ref_seq_dif.pdbx_pdb_ins_code 
_struct_ref_seq_dif.pdbx_seq_db_name 
_struct_ref_seq_dif.pdbx_seq_db_accession_code 
_struct_ref_seq_dif.db_mon_id 
_struct_ref_seq_dif.pdbx_seq_db_seq_num 
_struct_ref_seq_dif.details 
_struct_ref_seq_dif.pdbx_auth_seq_num 
_struct_ref_seq_dif.pdbx_ordinal 
1 2NPL GLY X 1 ? UNP P78310 ? ? 'cloning artifact' 1 1 
1 2NPL SER X 2 ? UNP P78310 ? ? 'cloning artifact' 2 2 
# 
_pdbx_struct_assembly.id                   1 
_pdbx_struct_assembly.details              author_defined_assembly 
_pdbx_struct_assembly.method_details       ? 
_pdbx_struct_assembly.oligomeric_details   monomeric 
_pdbx_struct_assembly.oligomeric_count     1 
# 
_pdbx_struct_assembly_gen.assembly_id       1 
_pdbx_struct_assembly_gen.oper_expression   1 
_pdbx_struct_assembly_gen.asym_id_list      A 
# 
_pdbx_struct_oper_list.id                   1 
_pdbx_struct_oper_list.type                 'identity operation' 
_pdbx_struct_oper_list.name                 1_555 
_pdbx_struct_oper_list.symmetry_operation   x,y,z 
_pdbx_struct_oper_list.matrix[1][1]         1.0000000000 
_pdbx_struct_oper_list.matrix[1][2]         0.0000000000 
_pdbx_struct_oper_list.matrix[1][3]         0.0000000000 
_pdbx_struct_oper_list.vector[1]            0.0000000000 
_pdbx_struct_oper_list.matrix[2][1]         0.0000000000 
_pdbx_struct_oper_list.matrix[2][2]         1.0000000000 
_pdbx_struct_oper_list.matrix[2][3]         0.0000000000 
_pdbx_struct_oper_list.vector[2]            0.0000000000 
_pdbx_struct_oper_list.matrix[3][1]         0.0000000000 
_pdbx_struct_oper_list.matrix[3][2]         0.0000000000 
_pdbx_struct_oper_list.matrix[3][3]         1.0000000000 
_pdbx_struct_oper_list.vector[3]            0.0000000000 
# 
_struct_biol.id   1 
# 
_struct_conf.conf_type_id            HELX_P 
_struct_conf.id                      HELX_P1 
_struct_conf.pdbx_PDB_helix_id       1 
_struct_conf.beg_label_comp_id       MET 
_struct_conf.beg_label_asym_id       A 
_struct_conf.beg_label_seq_id        45 
_struct_conf.pdbx_beg_PDB_ins_code   ? 
_struct_conf.end_label_comp_id       THR 
_struct_conf.end_label_asym_id       A 
_struct_conf.end_label_seq_id        54 
_struct_conf.pdbx_end_PDB_ins_code   ? 
_struct_conf.beg_auth_comp_id        MET 
_struct_conf.beg_auth_asym_id        X 
_struct_conf.beg_auth_seq_id         45 
_struct_conf.end_auth_comp_id        THR 
_struct_conf.end_auth_asym_id        X 
_struct_conf.end_auth_seq_id         54 
_struct_conf.pdbx_PDB_helix_class    1 
_struct_conf.details                 ? 
_struct_conf.pdbx_PDB_helix_length   10 
# 
_struct_conf_type.id          HELX_P 
_struct_conf_type.criteria    ? 
_struct_conf_type.reference   ? 
# 
loop_
_struct_conn.id 
_struct_conn.conn_type_id 
_struct_conn.pdbx_leaving_atom_flag 
_struct_conn.pdbx_PDB_id 
_struct_conn.ptnr1_label_asym_id 
_struct_conn.ptnr1_label_comp_id 
_struct_conn.ptnr1_label_seq_id 
_struct_conn.ptnr1_label_atom_id 
_struct_conn.pdbx_ptnr1_label_alt_id 
_struct_conn.pdbx_ptnr1_PDB_ins_code 
_struct_conn.pdbx_ptnr1_standard_comp_id 
_struct_conn.ptnr1_symmetry 
_struct_conn.ptnr2_label_asym_id 
_struct_conn.ptnr2_label_comp_id 
_struct_conn.ptnr2_label_seq_id 
_struct_conn.ptnr2_label_atom_id 
_struct_conn.pdbx_ptnr2_label_alt_id 
_struct_conn.pdbx_ptnr2_PDB_ins_code 
_struct_conn.ptnr1_auth_asym_id 
_struct_conn.ptnr1_auth_comp_id 
_struct_conn.ptnr1_auth_seq_id 
_struct_conn.ptnr2_auth_asym_id 
_struct_conn.ptnr2_auth_comp_id 
_struct_conn.ptnr2_auth_seq_id 
_struct_conn.ptnr2_symmetry 
_struct_conn.pdbx_ptnr3_label_atom_id 
_struct_conn.pdbx_ptnr3_label_seq_id 
_struct_conn.pdbx_ptnr3_label_comp_id 
_struct_conn.pdbx_ptnr3_label_asym_id 
_struct_conn.pdbx_ptnr3_label_alt_id 
_struct_conn.pdbx_ptnr3_PDB_ins_code 
_struct_conn.details 
_struct_conn.pdbx_dist_value 
_struct_conn.pdbx_value_order 
_struct_conn.pdbx_role 
disulf1 disulf ? ? A CYS 7  SG ? ? ? 1_555 A CYS 84 SG ? ? X CYS 7  X CYS 84 1_555 ? ? ? ? ? ? ? 2.030 ? ? 
disulf2 disulf ? ? A CYS 23 SG ? ? ? 1_555 A CYS 73 SG ? ? X CYS 23 X CYS 73 1_555 ? ? ? ? ? ? ? 2.027 ? ? 
# 
_struct_conn_type.id          disulf 
_struct_conn_type.criteria    ? 
_struct_conn_type.reference   ? 
# 
loop_
_pdbx_modification_feature.ordinal 
_pdbx_modification_feature.label_comp_id 
_pdbx_modification_feature.label_asym_id 
_pdbx_modification_feature.label_seq_id 
_pdbx_modification_feature.label_alt_id 
_pdbx_modification_feature.modified_residue_label_comp_id 
_pdbx_modification_feature.modified_residue_label_asym_id 
_pdbx_modification_feature.modified_residue_label_seq_id 
_pdbx_modification_feature.modified_residue_label_alt_id 
_pdbx_modification_feature.auth_comp_id 
_pdbx_modification_feature.auth_asym_id 
_pdbx_modification_feature.auth_seq_id 
_pdbx_modification_feature.PDB_ins_code 
_pdbx_modification_feature.symmetry 
_pdbx_modification_feature.modified_residue_auth_comp_id 
_pdbx_modification_feature.modified_residue_auth_asym_id 
_pdbx_modification_feature.modified_residue_auth_seq_id 
_pdbx_modification_feature.modified_residue_PDB_ins_code 
_pdbx_modification_feature.modified_residue_symmetry 
_pdbx_modification_feature.comp_id_linking_atom 
_pdbx_modification_feature.modified_residue_id_linking_atom 
_pdbx_modification_feature.modified_residue_id 
_pdbx_modification_feature.ref_pcm_id 
_pdbx_modification_feature.ref_comp_id 
_pdbx_modification_feature.type 
_pdbx_modification_feature.category 
1 CYS A 7  ? CYS A 84 ? CYS X 7  ? 1_555 CYS X 84 ? 1_555 SG SG . . . None 'Disulfide bridge' 
2 CYS A 23 ? CYS A 73 ? CYS X 23 ? 1_555 CYS X 73 ? 1_555 SG SG . . . None 'Disulfide bridge' 
# 
loop_
_struct_sheet.id 
_struct_sheet.type 
_struct_sheet.number_strands 
_struct_sheet.details 
A ? 3 ? 
B ? 3 ? 
# 
loop_
_struct_sheet_order.sheet_id 
_struct_sheet_order.range_id_1 
_struct_sheet_order.range_id_2 
_struct_sheet_order.offset 
_struct_sheet_order.sense 
A 1 2 ? anti-parallel 
A 2 3 ? anti-parallel 
B 1 2 ? anti-parallel 
B 2 3 ? anti-parallel 
# 
loop_
_struct_sheet_range.sheet_id 
_struct_sheet_range.id 
_struct_sheet_range.beg_label_comp_id 
_struct_sheet_range.beg_label_asym_id 
_struct_sheet_range.beg_label_seq_id 
_struct_sheet_range.pdbx_beg_PDB_ins_code 
_struct_sheet_range.end_label_comp_id 
_struct_sheet_range.end_label_asym_id 
_struct_sheet_range.end_label_seq_id 
_struct_sheet_range.pdbx_end_PDB_ins_code 
_struct_sheet_range.beg_auth_comp_id 
_struct_sheet_range.beg_auth_asym_id 
_struct_sheet_range.beg_auth_seq_id 
_struct_sheet_range.end_auth_comp_id 
_struct_sheet_range.end_auth_asym_id 
_struct_sheet_range.end_auth_seq_id 
A 1 ARG A 6  ? VAL A 9  ? ARG X 6  VAL X 9  
A 2 SER A 17 ? GLU A 24 ? SER X 17 GLU X 24 
A 3 ILE A 58 ? ASN A 62 ? ILE X 58 ASN X 62 
B 1 GLN A 33 ? LEU A 39 ? GLN X 33 LEU X 39 
B 2 GLY A 69 ? ARG A 76 ? GLY X 69 ARG X 76 
B 3 ASP A 82 ? LEU A 88 ? ASP X 82 LEU X 88 
# 
loop_
_pdbx_struct_sheet_hbond.sheet_id 
_pdbx_struct_sheet_hbond.range_id_1 
_pdbx_struct_sheet_hbond.range_id_2 
_pdbx_struct_sheet_hbond.range_1_label_atom_id 
_pdbx_struct_sheet_hbond.range_1_label_comp_id 
_pdbx_struct_sheet_hbond.range_1_label_asym_id 
_pdbx_struct_sheet_hbond.range_1_label_seq_id 
_pdbx_struct_sheet_hbond.range_1_PDB_ins_code 
_pdbx_struct_sheet_hbond.range_1_auth_atom_id 
_pdbx_struct_sheet_hbond.range_1_auth_comp_id 
_pdbx_struct_sheet_hbond.range_1_auth_asym_id 
_pdbx_struct_sheet_hbond.range_1_auth_seq_id 
_pdbx_struct_sheet_hbond.range_2_label_atom_id 
_pdbx_struct_sheet_hbond.range_2_label_comp_id 
_pdbx_struct_sheet_hbond.range_2_label_asym_id 
_pdbx_struct_sheet_hbond.range_2_label_seq_id 
_pdbx_struct_sheet_hbond.range_2_PDB_ins_code 
_pdbx_struct_sheet_hbond.range_2_auth_atom_id 
_pdbx_struct_sheet_hbond.range_2_auth_comp_id 
_pdbx_struct_sheet_hbond.range_2_auth_asym_id 
_pdbx_struct_sheet_hbond.range_2_auth_seq_id 
A 1 2 N TYR A 8  ? N TYR X 8  O LYS A 22 ? O LYS X 22 
A 2 3 N ILE A 21 ? N ILE X 21 O ILE A 58 ? O ILE X 58 
B 1 2 N GLN A 33 ? N GLN X 33 O ARG A 76 ? O ARG X 76 
B 2 3 N VAL A 75 ? N VAL X 75 O ASP A 82 ? O ASP X 82 
# 
_pdbx_entry_details.entry_id                   2NPL 
_pdbx_entry_details.compound_details           ? 
_pdbx_entry_details.source_details             ? 
_pdbx_entry_details.nonpolymer_details         ? 
_pdbx_entry_details.sequence_details           ? 
_pdbx_entry_details.has_ligand_of_interest     ? 
_pdbx_entry_details.has_protein_modification   Y 
# 
_pdbx_validate_close_contact.id               1 
_pdbx_validate_close_contact.PDB_model_num    1 
_pdbx_validate_close_contact.auth_atom_id_1   O 
_pdbx_validate_close_contact.auth_asym_id_1   X 
_pdbx_validate_close_contact.auth_comp_id_1   GLU 
_pdbx_validate_close_contact.auth_seq_id_1    27 
_pdbx_validate_close_contact.PDB_ins_code_1   ? 
_pdbx_validate_close_contact.label_alt_id_1   ? 
_pdbx_validate_close_contact.auth_atom_id_2   H 
_pdbx_validate_close_contact.auth_asym_id_2   X 
_pdbx_validate_close_contact.auth_comp_id_2   SER 
_pdbx_validate_close_contact.auth_seq_id_2    29 
_pdbx_validate_close_contact.PDB_ins_code_2   ? 
_pdbx_validate_close_contact.label_alt_id_2   ? 
_pdbx_validate_close_contact.dist             1.58 
# 
loop_
_pdbx_validate_rmsd_angle.id 
_pdbx_validate_rmsd_angle.PDB_model_num 
_pdbx_validate_rmsd_angle.auth_atom_id_1 
_pdbx_validate_rmsd_angle.auth_asym_id_1 
_pdbx_validate_rmsd_angle.auth_comp_id_1 
_pdbx_validate_rmsd_angle.auth_seq_id_1 
_pdbx_validate_rmsd_angle.PDB_ins_code_1 
_pdbx_validate_rmsd_angle.label_alt_id_1 
_pdbx_validate_rmsd_angle.auth_atom_id_2 
_pdbx_validate_rmsd_angle.auth_asym_id_2 
_pdbx_validate_rmsd_angle.auth_comp_id_2 
_pdbx_validate_rmsd_angle.auth_seq_id_2 
_pdbx_validate_rmsd_angle.PDB_ins_code_2 
_pdbx_validate_rmsd_angle.label_alt_id_2 
_pdbx_validate_rmsd_angle.auth_atom_id_3 
_pdbx_validate_rmsd_angle.auth_asym_id_3 
_pdbx_validate_rmsd_angle.auth_comp_id_3 
_pdbx_validate_rmsd_angle.auth_seq_id_3 
_pdbx_validate_rmsd_angle.PDB_ins_code_3 
_pdbx_validate_rmsd_angle.label_alt_id_3 
_pdbx_validate_rmsd_angle.angle_value 
_pdbx_validate_rmsd_angle.angle_target_value 
_pdbx_validate_rmsd_angle.angle_deviation 
_pdbx_validate_rmsd_angle.angle_standard_deviation 
_pdbx_validate_rmsd_angle.linker_flag 
1 1 CB  X PHE 19 ? ? CG  X PHE 19 ? ? CD2 X PHE 19 ? ? 134.77 120.80 13.97  0.70 N 
2 1 CD1 X PHE 19 ? ? CG  X PHE 19 ? ? CD2 X PHE 19 ? ? 55.32  118.30 -62.98 1.30 N 
3 1 CB  X PHE 19 ? ? CG  X PHE 19 ? ? CD1 X PHE 19 ? ? 114.18 120.80 -6.62  0.70 N 
4 1 CG  X PHE 19 ? ? CD1 X PHE 19 ? ? CE1 X PHE 19 ? ? 78.78  120.80 -42.02 1.10 N 
5 1 CG  X PHE 19 ? ? CD2 X PHE 19 ? ? CE2 X PHE 19 ? ? 79.66  120.80 -41.14 1.10 N 
6 1 CD1 X PHE 19 ? ? CE1 X PHE 19 ? ? CZ  X PHE 19 ? ? 79.06  120.10 -41.04 1.20 N 
7 1 CE1 X PHE 19 ? ? CZ  X PHE 19 ? ? CE2 X PHE 19 ? ? 45.50  120.00 -74.50 1.80 N 
8 1 CZ  X PHE 19 ? ? CE2 X PHE 19 ? ? CD2 X PHE 19 ? ? 77.14  120.10 -42.96 1.20 N 
# 
loop_
_pdbx_validate_torsion.id 
_pdbx_validate_torsion.PDB_model_num 
_pdbx_validate_torsion.auth_comp_id 
_pdbx_validate_torsion.auth_asym_id 
_pdbx_validate_torsion.auth_seq_id 
_pdbx_validate_torsion.PDB_ins_code 
_pdbx_validate_torsion.label_alt_id 
_pdbx_validate_torsion.phi 
_pdbx_validate_torsion.psi 
1 1 ILE X 15 ? ? -58.62  96.76  
2 1 LYS X 20 ? ? -176.00 136.86 
3 1 LEU X 32 ? ? -98.68  -60.70 
4 1 GLN X 43 ? ? -34.56  -12.09 
5 1 MET X 45 ? ? -153.06 74.25  
6 1 SER X 55 ? ? -108.02 -72.44 
7 1 SER X 56 ? ? 94.32   -44.78 
8 1 VAL X 79 ? ? -106.20 55.98  
# 
_pdbx_validate_planes.id              1 
_pdbx_validate_planes.PDB_model_num   1 
_pdbx_validate_planes.auth_comp_id    PHE 
_pdbx_validate_planes.auth_asym_id    X 
_pdbx_validate_planes.auth_seq_id     19 
_pdbx_validate_planes.PDB_ins_code    ? 
_pdbx_validate_planes.label_alt_id    ? 
_pdbx_validate_planes.rmsd            0.458 
_pdbx_validate_planes.type            'SIDE CHAIN' 
# 
_pdbx_nmr_ensemble.entry_id                                      2NPL 
_pdbx_nmr_ensemble.conformers_calculated_total_number            30 
_pdbx_nmr_ensemble.conformers_submitted_total_number             1 
_pdbx_nmr_ensemble.conformer_selection_criteria                  'lowest energy' 
_pdbx_nmr_ensemble.average_constraints_per_residue               ? 
_pdbx_nmr_ensemble.average_constraint_violations_per_residue     ? 
_pdbx_nmr_ensemble.maximum_distance_constraint_violation         ? 
_pdbx_nmr_ensemble.average_distance_constraint_violation         ? 
_pdbx_nmr_ensemble.maximum_upper_distance_constraint_violation   ? 
_pdbx_nmr_ensemble.maximum_lower_distance_constraint_violation   ? 
_pdbx_nmr_ensemble.distance_constraint_violation_method          ? 
_pdbx_nmr_ensemble.maximum_torsion_angle_constraint_violation    ? 
_pdbx_nmr_ensemble.average_torsion_angle_constraint_violation    ? 
_pdbx_nmr_ensemble.torsion_angle_constraint_violation_method     ? 
# 
_pdbx_nmr_representative.entry_id             2NPL 
_pdbx_nmr_representative.conformer_id         1 
_pdbx_nmr_representative.selection_criteria   'minimized average structure' 
# 
loop_
_pdbx_nmr_exptl.experiment_id 
_pdbx_nmr_exptl.conditions_id 
_pdbx_nmr_exptl.type 
_pdbx_nmr_exptl.solution_id 
1 1 3D_15N-separated_NOESY 1 
2 1 '2D NOESY'             1 
3 1 HNHA                   1 
4 1 3D_13C-separated_NOESY 1 
# 
_pdbx_nmr_refine.entry_id           2NPL 
_pdbx_nmr_refine.method             SA 
_pdbx_nmr_refine.details            
;Structure is based on the average structure of the 30 lowest energy structures with 488 distance restraints, 234 dihedral restraints and 47 hodrogen bond restraints.
;
_pdbx_nmr_refine.software_ordinal   1 
# 
loop_
_pdbx_nmr_software.classification 
_pdbx_nmr_software.name 
_pdbx_nmr_software.version 
_pdbx_nmr_software.authors 
_pdbx_nmr_software.ordinal 
'structure solution' CNS 1.1 'Brunger, et al' 1 
refinement           CNS 1.1 'Brunger, et al' 2 
# 
loop_
_chem_comp_atom.comp_id 
_chem_comp_atom.atom_id 
_chem_comp_atom.type_symbol 
_chem_comp_atom.pdbx_aromatic_flag 
_chem_comp_atom.pdbx_stereo_config 
_chem_comp_atom.pdbx_ordinal 
ALA N    N N N 1   
ALA CA   C N S 2   
ALA C    C N N 3   
ALA O    O N N 4   
ALA CB   C N N 5   
ALA OXT  O N N 6   
ALA H    H N N 7   
ALA H2   H N N 8   
ALA HA   H N N 9   
ALA HB1  H N N 10  
ALA HB2  H N N 11  
ALA HB3  H N N 12  
ALA HXT  H N N 13  
ARG N    N N N 14  
ARG CA   C N S 15  
ARG C    C N N 16  
ARG O    O N N 17  
ARG CB   C N N 18  
ARG CG   C N N 19  
ARG CD   C N N 20  
ARG NE   N N N 21  
ARG CZ   C N N 22  
ARG NH1  N N N 23  
ARG NH2  N N N 24  
ARG OXT  O N N 25  
ARG H    H N N 26  
ARG H2   H N N 27  
ARG HA   H N N 28  
ARG HB2  H N N 29  
ARG HB3  H N N 30  
ARG HG2  H N N 31  
ARG HG3  H N N 32  
ARG HD2  H N N 33  
ARG HD3  H N N 34  
ARG HE   H N N 35  
ARG HH11 H N N 36  
ARG HH12 H N N 37  
ARG HH21 H N N 38  
ARG HH22 H N N 39  
ARG HXT  H N N 40  
ASN N    N N N 41  
ASN CA   C N S 42  
ASN C    C N N 43  
ASN O    O N N 44  
ASN CB   C N N 45  
ASN CG   C N N 46  
ASN OD1  O N N 47  
ASN ND2  N N N 48  
ASN OXT  O N N 49  
ASN H    H N N 50  
ASN H2   H N N 51  
ASN HA   H N N 52  
ASN HB2  H N N 53  
ASN HB3  H N N 54  
ASN HD21 H N N 55  
ASN HD22 H N N 56  
ASN HXT  H N N 57  
ASP N    N N N 58  
ASP CA   C N S 59  
ASP C    C N N 60  
ASP O    O N N 61  
ASP CB   C N N 62  
ASP CG   C N N 63  
ASP OD1  O N N 64  
ASP OD2  O N N 65  
ASP OXT  O N N 66  
ASP H    H N N 67  
ASP H2   H N N 68  
ASP HA   H N N 69  
ASP HB2  H N N 70  
ASP HB3  H N N 71  
ASP HD2  H N N 72  
ASP HXT  H N N 73  
CYS N    N N N 74  
CYS CA   C N R 75  
CYS C    C N N 76  
CYS O    O N N 77  
CYS CB   C N N 78  
CYS SG   S N N 79  
CYS OXT  O N N 80  
CYS H    H N N 81  
CYS H2   H N N 82  
CYS HA   H N N 83  
CYS HB2  H N N 84  
CYS HB3  H N N 85  
CYS HG   H N N 86  
CYS HXT  H N N 87  
GLN N    N N N 88  
GLN CA   C N S 89  
GLN C    C N N 90  
GLN O    O N N 91  
GLN CB   C N N 92  
GLN CG   C N N 93  
GLN CD   C N N 94  
GLN OE1  O N N 95  
GLN NE2  N N N 96  
GLN OXT  O N N 97  
GLN H    H N N 98  
GLN H2   H N N 99  
GLN HA   H N N 100 
GLN HB2  H N N 101 
GLN HB3  H N N 102 
GLN HG2  H N N 103 
GLN HG3  H N N 104 
GLN HE21 H N N 105 
GLN HE22 H N N 106 
GLN HXT  H N N 107 
GLU N    N N N 108 
GLU CA   C N S 109 
GLU C    C N N 110 
GLU O    O N N 111 
GLU CB   C N N 112 
GLU CG   C N N 113 
GLU CD   C N N 114 
GLU OE1  O N N 115 
GLU OE2  O N N 116 
GLU OXT  O N N 117 
GLU H    H N N 118 
GLU H2   H N N 119 
GLU HA   H N N 120 
GLU HB2  H N N 121 
GLU HB3  H N N 122 
GLU HG2  H N N 123 
GLU HG3  H N N 124 
GLU HE2  H N N 125 
GLU HXT  H N N 126 
GLY N    N N N 127 
GLY CA   C N N 128 
GLY C    C N N 129 
GLY O    O N N 130 
GLY OXT  O N N 131 
GLY H    H N N 132 
GLY H2   H N N 133 
GLY HA2  H N N 134 
GLY HA3  H N N 135 
GLY HXT  H N N 136 
ILE N    N N N 137 
ILE CA   C N S 138 
ILE C    C N N 139 
ILE O    O N N 140 
ILE CB   C N S 141 
ILE CG1  C N N 142 
ILE CG2  C N N 143 
ILE CD1  C N N 144 
ILE OXT  O N N 145 
ILE H    H N N 146 
ILE H2   H N N 147 
ILE HA   H N N 148 
ILE HB   H N N 149 
ILE HG12 H N N 150 
ILE HG13 H N N 151 
ILE HG21 H N N 152 
ILE HG22 H N N 153 
ILE HG23 H N N 154 
ILE HD11 H N N 155 
ILE HD12 H N N 156 
ILE HD13 H N N 157 
ILE HXT  H N N 158 
LEU N    N N N 159 
LEU CA   C N S 160 
LEU C    C N N 161 
LEU O    O N N 162 
LEU CB   C N N 163 
LEU CG   C N N 164 
LEU CD1  C N N 165 
LEU CD2  C N N 166 
LEU OXT  O N N 167 
LEU H    H N N 168 
LEU H2   H N N 169 
LEU HA   H N N 170 
LEU HB2  H N N 171 
LEU HB3  H N N 172 
LEU HG   H N N 173 
LEU HD11 H N N 174 
LEU HD12 H N N 175 
LEU HD13 H N N 176 
LEU HD21 H N N 177 
LEU HD22 H N N 178 
LEU HD23 H N N 179 
LEU HXT  H N N 180 
LYS N    N N N 181 
LYS CA   C N S 182 
LYS C    C N N 183 
LYS O    O N N 184 
LYS CB   C N N 185 
LYS CG   C N N 186 
LYS CD   C N N 187 
LYS CE   C N N 188 
LYS NZ   N N N 189 
LYS OXT  O N N 190 
LYS H    H N N 191 
LYS H2   H N N 192 
LYS HA   H N N 193 
LYS HB2  H N N 194 
LYS HB3  H N N 195 
LYS HG2  H N N 196 
LYS HG3  H N N 197 
LYS HD2  H N N 198 
LYS HD3  H N N 199 
LYS HE2  H N N 200 
LYS HE3  H N N 201 
LYS HZ1  H N N 202 
LYS HZ2  H N N 203 
LYS HZ3  H N N 204 
LYS HXT  H N N 205 
MET N    N N N 206 
MET CA   C N S 207 
MET C    C N N 208 
MET O    O N N 209 
MET CB   C N N 210 
MET CG   C N N 211 
MET SD   S N N 212 
MET CE   C N N 213 
MET OXT  O N N 214 
MET H    H N N 215 
MET H2   H N N 216 
MET HA   H N N 217 
MET HB2  H N N 218 
MET HB3  H N N 219 
MET HG2  H N N 220 
MET HG3  H N N 221 
MET HE1  H N N 222 
MET HE2  H N N 223 
MET HE3  H N N 224 
MET HXT  H N N 225 
PHE N    N N N 226 
PHE CA   C N S 227 
PHE C    C N N 228 
PHE O    O N N 229 
PHE CB   C N N 230 
PHE CG   C Y N 231 
PHE CD1  C Y N 232 
PHE CD2  C Y N 233 
PHE CE1  C Y N 234 
PHE CE2  C Y N 235 
PHE CZ   C Y N 236 
PHE OXT  O N N 237 
PHE H    H N N 238 
PHE H2   H N N 239 
PHE HA   H N N 240 
PHE HB2  H N N 241 
PHE HB3  H N N 242 
PHE HD1  H N N 243 
PHE HD2  H N N 244 
PHE HE1  H N N 245 
PHE HE2  H N N 246 
PHE HZ   H N N 247 
PHE HXT  H N N 248 
PRO N    N N N 249 
PRO CA   C N S 250 
PRO C    C N N 251 
PRO O    O N N 252 
PRO CB   C N N 253 
PRO CG   C N N 254 
PRO CD   C N N 255 
PRO OXT  O N N 256 
PRO H    H N N 257 
PRO HA   H N N 258 
PRO HB2  H N N 259 
PRO HB3  H N N 260 
PRO HG2  H N N 261 
PRO HG3  H N N 262 
PRO HD2  H N N 263 
PRO HD3  H N N 264 
PRO HXT  H N N 265 
SER N    N N N 266 
SER CA   C N S 267 
SER C    C N N 268 
SER O    O N N 269 
SER CB   C N N 270 
SER OG   O N N 271 
SER OXT  O N N 272 
SER H    H N N 273 
SER H2   H N N 274 
SER HA   H N N 275 
SER HB2  H N N 276 
SER HB3  H N N 277 
SER HG   H N N 278 
SER HXT  H N N 279 
THR N    N N N 280 
THR CA   C N S 281 
THR C    C N N 282 
THR O    O N N 283 
THR CB   C N R 284 
THR OG1  O N N 285 
THR CG2  C N N 286 
THR OXT  O N N 287 
THR H    H N N 288 
THR H2   H N N 289 
THR HA   H N N 290 
THR HB   H N N 291 
THR HG1  H N N 292 
THR HG21 H N N 293 
THR HG22 H N N 294 
THR HG23 H N N 295 
THR HXT  H N N 296 
TRP N    N N N 297 
TRP CA   C N S 298 
TRP C    C N N 299 
TRP O    O N N 300 
TRP CB   C N N 301 
TRP CG   C Y N 302 
TRP CD1  C Y N 303 
TRP CD2  C Y N 304 
TRP NE1  N Y N 305 
TRP CE2  C Y N 306 
TRP CE3  C Y N 307 
TRP CZ2  C Y N 308 
TRP CZ3  C Y N 309 
TRP CH2  C Y N 310 
TRP OXT  O N N 311 
TRP H    H N N 312 
TRP H2   H N N 313 
TRP HA   H N N 314 
TRP HB2  H N N 315 
TRP HB3  H N N 316 
TRP HD1  H N N 317 
TRP HE1  H N N 318 
TRP HE3  H N N 319 
TRP HZ2  H N N 320 
TRP HZ3  H N N 321 
TRP HH2  H N N 322 
TRP HXT  H N N 323 
TYR N    N N N 324 
TYR CA   C N S 325 
TYR C    C N N 326 
TYR O    O N N 327 
TYR CB   C N N 328 
TYR CG   C Y N 329 
TYR CD1  C Y N 330 
TYR CD2  C Y N 331 
TYR CE1  C Y N 332 
TYR CE2  C Y N 333 
TYR CZ   C Y N 334 
TYR OH   O N N 335 
TYR OXT  O N N 336 
TYR H    H N N 337 
TYR H2   H N N 338 
TYR HA   H N N 339 
TYR HB2  H N N 340 
TYR HB3  H N N 341 
TYR HD1  H N N 342 
TYR HD2  H N N 343 
TYR HE1  H N N 344 
TYR HE2  H N N 345 
TYR HH   H N N 346 
TYR HXT  H N N 347 
VAL N    N N N 348 
VAL CA   C N S 349 
VAL C    C N N 350 
VAL O    O N N 351 
VAL CB   C N N 352 
VAL CG1  C N N 353 
VAL CG2  C N N 354 
VAL OXT  O N N 355 
VAL H    H N N 356 
VAL H2   H N N 357 
VAL HA   H N N 358 
VAL HB   H N N 359 
VAL HG11 H N N 360 
VAL HG12 H N N 361 
VAL HG13 H N N 362 
VAL HG21 H N N 363 
VAL HG22 H N N 364 
VAL HG23 H N N 365 
VAL HXT  H N N 366 
# 
loop_
_chem_comp_bond.comp_id 
_chem_comp_bond.atom_id_1 
_chem_comp_bond.atom_id_2 
_chem_comp_bond.value_order 
_chem_comp_bond.pdbx_aromatic_flag 
_chem_comp_bond.pdbx_stereo_config 
_chem_comp_bond.pdbx_ordinal 
ALA N   CA   sing N N 1   
ALA N   H    sing N N 2   
ALA N   H2   sing N N 3   
ALA CA  C    sing N N 4   
ALA CA  CB   sing N N 5   
ALA CA  HA   sing N N 6   
ALA C   O    doub N N 7   
ALA C   OXT  sing N N 8   
ALA CB  HB1  sing N N 9   
ALA CB  HB2  sing N N 10  
ALA CB  HB3  sing N N 11  
ALA OXT HXT  sing N N 12  
ARG N   CA   sing N N 13  
ARG N   H    sing N N 14  
ARG N   H2   sing N N 15  
ARG CA  C    sing N N 16  
ARG CA  CB   sing N N 17  
ARG CA  HA   sing N N 18  
ARG C   O    doub N N 19  
ARG C   OXT  sing N N 20  
ARG CB  CG   sing N N 21  
ARG CB  HB2  sing N N 22  
ARG CB  HB3  sing N N 23  
ARG CG  CD   sing N N 24  
ARG CG  HG2  sing N N 25  
ARG CG  HG3  sing N N 26  
ARG CD  NE   sing N N 27  
ARG CD  HD2  sing N N 28  
ARG CD  HD3  sing N N 29  
ARG NE  CZ   sing N N 30  
ARG NE  HE   sing N N 31  
ARG CZ  NH1  sing N N 32  
ARG CZ  NH2  doub N N 33  
ARG NH1 HH11 sing N N 34  
ARG NH1 HH12 sing N N 35  
ARG NH2 HH21 sing N N 36  
ARG NH2 HH22 sing N N 37  
ARG OXT HXT  sing N N 38  
ASN N   CA   sing N N 39  
ASN N   H    sing N N 40  
ASN N   H2   sing N N 41  
ASN CA  C    sing N N 42  
ASN CA  CB   sing N N 43  
ASN CA  HA   sing N N 44  
ASN C   O    doub N N 45  
ASN C   OXT  sing N N 46  
ASN CB  CG   sing N N 47  
ASN CB  HB2  sing N N 48  
ASN CB  HB3  sing N N 49  
ASN CG  OD1  doub N N 50  
ASN CG  ND2  sing N N 51  
ASN ND2 HD21 sing N N 52  
ASN ND2 HD22 sing N N 53  
ASN OXT HXT  sing N N 54  
ASP N   CA   sing N N 55  
ASP N   H    sing N N 56  
ASP N   H2   sing N N 57  
ASP CA  C    sing N N 58  
ASP CA  CB   sing N N 59  
ASP CA  HA   sing N N 60  
ASP C   O    doub N N 61  
ASP C   OXT  sing N N 62  
ASP CB  CG   sing N N 63  
ASP CB  HB2  sing N N 64  
ASP CB  HB3  sing N N 65  
ASP CG  OD1  doub N N 66  
ASP CG  OD2  sing N N 67  
ASP OD2 HD2  sing N N 68  
ASP OXT HXT  sing N N 69  
CYS N   CA   sing N N 70  
CYS N   H    sing N N 71  
CYS N   H2   sing N N 72  
CYS CA  C    sing N N 73  
CYS CA  CB   sing N N 74  
CYS CA  HA   sing N N 75  
CYS C   O    doub N N 76  
CYS C   OXT  sing N N 77  
CYS CB  SG   sing N N 78  
CYS CB  HB2  sing N N 79  
CYS CB  HB3  sing N N 80  
CYS SG  HG   sing N N 81  
CYS OXT HXT  sing N N 82  
GLN N   CA   sing N N 83  
GLN N   H    sing N N 84  
GLN N   H2   sing N N 85  
GLN CA  C    sing N N 86  
GLN CA  CB   sing N N 87  
GLN CA  HA   sing N N 88  
GLN C   O    doub N N 89  
GLN C   OXT  sing N N 90  
GLN CB  CG   sing N N 91  
GLN CB  HB2  sing N N 92  
GLN CB  HB3  sing N N 93  
GLN CG  CD   sing N N 94  
GLN CG  HG2  sing N N 95  
GLN CG  HG3  sing N N 96  
GLN CD  OE1  doub N N 97  
GLN CD  NE2  sing N N 98  
GLN NE2 HE21 sing N N 99  
GLN NE2 HE22 sing N N 100 
GLN OXT HXT  sing N N 101 
GLU N   CA   sing N N 102 
GLU N   H    sing N N 103 
GLU N   H2   sing N N 104 
GLU CA  C    sing N N 105 
GLU CA  CB   sing N N 106 
GLU CA  HA   sing N N 107 
GLU C   O    doub N N 108 
GLU C   OXT  sing N N 109 
GLU CB  CG   sing N N 110 
GLU CB  HB2  sing N N 111 
GLU CB  HB3  sing N N 112 
GLU CG  CD   sing N N 113 
GLU CG  HG2  sing N N 114 
GLU CG  HG3  sing N N 115 
GLU CD  OE1  doub N N 116 
GLU CD  OE2  sing N N 117 
GLU OE2 HE2  sing N N 118 
GLU OXT HXT  sing N N 119 
GLY N   CA   sing N N 120 
GLY N   H    sing N N 121 
GLY N   H2   sing N N 122 
GLY CA  C    sing N N 123 
GLY CA  HA2  sing N N 124 
GLY CA  HA3  sing N N 125 
GLY C   O    doub N N 126 
GLY C   OXT  sing N N 127 
GLY OXT HXT  sing N N 128 
ILE N   CA   sing N N 129 
ILE N   H    sing N N 130 
ILE N   H2   sing N N 131 
ILE CA  C    sing N N 132 
ILE CA  CB   sing N N 133 
ILE CA  HA   sing N N 134 
ILE C   O    doub N N 135 
ILE C   OXT  sing N N 136 
ILE CB  CG1  sing N N 137 
ILE CB  CG2  sing N N 138 
ILE CB  HB   sing N N 139 
ILE CG1 CD1  sing N N 140 
ILE CG1 HG12 sing N N 141 
ILE CG1 HG13 sing N N 142 
ILE CG2 HG21 sing N N 143 
ILE CG2 HG22 sing N N 144 
ILE CG2 HG23 sing N N 145 
ILE CD1 HD11 sing N N 146 
ILE CD1 HD12 sing N N 147 
ILE CD1 HD13 sing N N 148 
ILE OXT HXT  sing N N 149 
LEU N   CA   sing N N 150 
LEU N   H    sing N N 151 
LEU N   H2   sing N N 152 
LEU CA  C    sing N N 153 
LEU CA  CB   sing N N 154 
LEU CA  HA   sing N N 155 
LEU C   O    doub N N 156 
LEU C   OXT  sing N N 157 
LEU CB  CG   sing N N 158 
LEU CB  HB2  sing N N 159 
LEU CB  HB3  sing N N 160 
LEU CG  CD1  sing N N 161 
LEU CG  CD2  sing N N 162 
LEU CG  HG   sing N N 163 
LEU CD1 HD11 sing N N 164 
LEU CD1 HD12 sing N N 165 
LEU CD1 HD13 sing N N 166 
LEU CD2 HD21 sing N N 167 
LEU CD2 HD22 sing N N 168 
LEU CD2 HD23 sing N N 169 
LEU OXT HXT  sing N N 170 
LYS N   CA   sing N N 171 
LYS N   H    sing N N 172 
LYS N   H2   sing N N 173 
LYS CA  C    sing N N 174 
LYS CA  CB   sing N N 175 
LYS CA  HA   sing N N 176 
LYS C   O    doub N N 177 
LYS C   OXT  sing N N 178 
LYS CB  CG   sing N N 179 
LYS CB  HB2  sing N N 180 
LYS CB  HB3  sing N N 181 
LYS CG  CD   sing N N 182 
LYS CG  HG2  sing N N 183 
LYS CG  HG3  sing N N 184 
LYS CD  CE   sing N N 185 
LYS CD  HD2  sing N N 186 
LYS CD  HD3  sing N N 187 
LYS CE  NZ   sing N N 188 
LYS CE  HE2  sing N N 189 
LYS CE  HE3  sing N N 190 
LYS NZ  HZ1  sing N N 191 
LYS NZ  HZ2  sing N N 192 
LYS NZ  HZ3  sing N N 193 
LYS OXT HXT  sing N N 194 
MET N   CA   sing N N 195 
MET N   H    sing N N 196 
MET N   H2   sing N N 197 
MET CA  C    sing N N 198 
MET CA  CB   sing N N 199 
MET CA  HA   sing N N 200 
MET C   O    doub N N 201 
MET C   OXT  sing N N 202 
MET CB  CG   sing N N 203 
MET CB  HB2  sing N N 204 
MET CB  HB3  sing N N 205 
MET CG  SD   sing N N 206 
MET CG  HG2  sing N N 207 
MET CG  HG3  sing N N 208 
MET SD  CE   sing N N 209 
MET CE  HE1  sing N N 210 
MET CE  HE2  sing N N 211 
MET CE  HE3  sing N N 212 
MET OXT HXT  sing N N 213 
PHE N   CA   sing N N 214 
PHE N   H    sing N N 215 
PHE N   H2   sing N N 216 
PHE CA  C    sing N N 217 
PHE CA  CB   sing N N 218 
PHE CA  HA   sing N N 219 
PHE C   O    doub N N 220 
PHE C   OXT  sing N N 221 
PHE CB  CG   sing N N 222 
PHE CB  HB2  sing N N 223 
PHE CB  HB3  sing N N 224 
PHE CG  CD1  doub Y N 225 
PHE CG  CD2  sing Y N 226 
PHE CD1 CE1  sing Y N 227 
PHE CD1 HD1  sing N N 228 
PHE CD2 CE2  doub Y N 229 
PHE CD2 HD2  sing N N 230 
PHE CE1 CZ   doub Y N 231 
PHE CE1 HE1  sing N N 232 
PHE CE2 CZ   sing Y N 233 
PHE CE2 HE2  sing N N 234 
PHE CZ  HZ   sing N N 235 
PHE OXT HXT  sing N N 236 
PRO N   CA   sing N N 237 
PRO N   CD   sing N N 238 
PRO N   H    sing N N 239 
PRO CA  C    sing N N 240 
PRO CA  CB   sing N N 241 
PRO CA  HA   sing N N 242 
PRO C   O    doub N N 243 
PRO C   OXT  sing N N 244 
PRO CB  CG   sing N N 245 
PRO CB  HB2  sing N N 246 
PRO CB  HB3  sing N N 247 
PRO CG  CD   sing N N 248 
PRO CG  HG2  sing N N 249 
PRO CG  HG3  sing N N 250 
PRO CD  HD2  sing N N 251 
PRO CD  HD3  sing N N 252 
PRO OXT HXT  sing N N 253 
SER N   CA   sing N N 254 
SER N   H    sing N N 255 
SER N   H2   sing N N 256 
SER CA  C    sing N N 257 
SER CA  CB   sing N N 258 
SER CA  HA   sing N N 259 
SER C   O    doub N N 260 
SER C   OXT  sing N N 261 
SER CB  OG   sing N N 262 
SER CB  HB2  sing N N 263 
SER CB  HB3  sing N N 264 
SER OG  HG   sing N N 265 
SER OXT HXT  sing N N 266 
THR N   CA   sing N N 267 
THR N   H    sing N N 268 
THR N   H2   sing N N 269 
THR CA  C    sing N N 270 
THR CA  CB   sing N N 271 
THR CA  HA   sing N N 272 
THR C   O    doub N N 273 
THR C   OXT  sing N N 274 
THR CB  OG1  sing N N 275 
THR CB  CG2  sing N N 276 
THR CB  HB   sing N N 277 
THR OG1 HG1  sing N N 278 
THR CG2 HG21 sing N N 279 
THR CG2 HG22 sing N N 280 
THR CG2 HG23 sing N N 281 
THR OXT HXT  sing N N 282 
TRP N   CA   sing N N 283 
TRP N   H    sing N N 284 
TRP N   H2   sing N N 285 
TRP CA  C    sing N N 286 
TRP CA  CB   sing N N 287 
TRP CA  HA   sing N N 288 
TRP C   O    doub N N 289 
TRP C   OXT  sing N N 290 
TRP CB  CG   sing N N 291 
TRP CB  HB2  sing N N 292 
TRP CB  HB3  sing N N 293 
TRP CG  CD1  doub Y N 294 
TRP CG  CD2  sing Y N 295 
TRP CD1 NE1  sing Y N 296 
TRP CD1 HD1  sing N N 297 
TRP CD2 CE2  doub Y N 298 
TRP CD2 CE3  sing Y N 299 
TRP NE1 CE2  sing Y N 300 
TRP NE1 HE1  sing N N 301 
TRP CE2 CZ2  sing Y N 302 
TRP CE3 CZ3  doub Y N 303 
TRP CE3 HE3  sing N N 304 
TRP CZ2 CH2  doub Y N 305 
TRP CZ2 HZ2  sing N N 306 
TRP CZ3 CH2  sing Y N 307 
TRP CZ3 HZ3  sing N N 308 
TRP CH2 HH2  sing N N 309 
TRP OXT HXT  sing N N 310 
TYR N   CA   sing N N 311 
TYR N   H    sing N N 312 
TYR N   H2   sing N N 313 
TYR CA  C    sing N N 314 
TYR CA  CB   sing N N 315 
TYR CA  HA   sing N N 316 
TYR C   O    doub N N 317 
TYR C   OXT  sing N N 318 
TYR CB  CG   sing N N 319 
TYR CB  HB2  sing N N 320 
TYR CB  HB3  sing N N 321 
TYR CG  CD1  doub Y N 322 
TYR CG  CD2  sing Y N 323 
TYR CD1 CE1  sing Y N 324 
TYR CD1 HD1  sing N N 325 
TYR CD2 CE2  doub Y N 326 
TYR CD2 HD2  sing N N 327 
TYR CE1 CZ   doub Y N 328 
TYR CE1 HE1  sing N N 329 
TYR CE2 CZ   sing Y N 330 
TYR CE2 HE2  sing N N 331 
TYR CZ  OH   sing N N 332 
TYR OH  HH   sing N N 333 
TYR OXT HXT  sing N N 334 
VAL N   CA   sing N N 335 
VAL N   H    sing N N 336 
VAL N   H2   sing N N 337 
VAL CA  C    sing N N 338 
VAL CA  CB   sing N N 339 
VAL CA  HA   sing N N 340 
VAL C   O    doub N N 341 
VAL C   OXT  sing N N 342 
VAL CB  CG1  sing N N 343 
VAL CB  CG2  sing N N 344 
VAL CB  HB   sing N N 345 
VAL CG1 HG11 sing N N 346 
VAL CG1 HG12 sing N N 347 
VAL CG1 HG13 sing N N 348 
VAL CG2 HG21 sing N N 349 
VAL CG2 HG22 sing N N 350 
VAL CG2 HG23 sing N N 351 
VAL OXT HXT  sing N N 352 
# 
loop_
_pdbx_nmr_spectrometer.spectrometer_id 
_pdbx_nmr_spectrometer.model 
_pdbx_nmr_spectrometer.manufacturer 
_pdbx_nmr_spectrometer.field_strength 
_pdbx_nmr_spectrometer.type 
1 DRX    Bruker 600 ? 
2 AVANCE Bruker 800 ? 
# 
_atom_sites.entry_id                    2NPL 
_atom_sites.fract_transf_matrix[1][1]   1.000000 
_atom_sites.fract_transf_matrix[1][2]   0.000000 
_atom_sites.fract_transf_matrix[1][3]   0.000000 
_atom_sites.fract_transf_matrix[2][1]   0.000000 
_atom_sites.fract_transf_matrix[2][2]   1.000000 
_atom_sites.fract_transf_matrix[2][3]   0.000000 
_atom_sites.fract_transf_matrix[3][1]   0.000000 
_atom_sites.fract_transf_matrix[3][2]   0.000000 
_atom_sites.fract_transf_matrix[3][3]   1.000000 
_atom_sites.fract_transf_vector[1]      0.00000 
_atom_sites.fract_transf_vector[2]      0.00000 
_atom_sites.fract_transf_vector[3]      0.00000 
# 
loop_
_atom_type.symbol 
C 
H 
N 
O 
S 
# 
loop_
_atom_site.group_PDB 
_atom_site.id 
_atom_site.type_symbol 
_atom_site.label_atom_id 
_atom_site.label_alt_id 
_atom_site.label_comp_id 
_atom_site.label_asym_id 
_atom_site.label_entity_id 
_atom_site.label_seq_id 
_atom_site.pdbx_PDB_ins_code 
_atom_site.Cartn_x 
_atom_site.Cartn_y 
_atom_site.Cartn_z 
_atom_site.occupancy 
_atom_site.B_iso_or_equiv 
_atom_site.pdbx_formal_charge 
_atom_site.auth_seq_id 
_atom_site.auth_comp_id 
_atom_site.auth_asym_id 
_atom_site.auth_atom_id 
_atom_site.pdbx_PDB_model_num 
ATOM 1    N N    . GLY A 1 1  ? -18.215 -5.964  4.894   1.00 7.77 ? 1  GLY X N    1 
ATOM 2    C CA   . GLY A 1 1  ? -17.318 -6.581  3.880   1.00 7.23 ? 1  GLY X CA   1 
ATOM 3    C C    . GLY A 1 1  ? -16.217 -7.413  4.507   1.00 6.26 ? 1  GLY X C    1 
ATOM 4    O O    . GLY A 1 1  ? -16.488 -8.379  5.220   1.00 6.27 ? 1  GLY X O    1 
ATOM 5    H H1   . GLY A 1 1  ? -18.693 -5.133  4.490   1.00 8.04 ? 1  GLY X H1   1 
ATOM 6    H H2   . GLY A 1 1  ? -17.665 -5.664  5.724   1.00 7.91 ? 1  GLY X H2   1 
ATOM 7    H H3   . GLY A 1 1  ? -18.935 -6.650  5.199   1.00 7.99 ? 1  GLY X H3   1 
ATOM 8    H HA2  . GLY A 1 1  ? -17.906 -7.213  3.232   1.00 7.63 ? 1  GLY X HA2  1 
ATOM 9    H HA3  . GLY A 1 1  ? -16.869 -5.797  3.289   1.00 7.40 ? 1  GLY X HA3  1 
ATOM 10   N N    . SER A 1 2  ? -14.971 -7.039  4.237   1.00 5.61 ? 2  SER X N    1 
ATOM 11   C CA   . SER A 1 2  ? -13.822 -7.759  4.776   1.00 4.86 ? 2  SER X CA   1 
ATOM 12   C C    . SER A 1 2  ? -13.832 -7.747  6.300   1.00 3.62 ? 2  SER X C    1 
ATOM 13   O O    . SER A 1 2  ? -14.154 -6.734  6.922   1.00 3.45 ? 2  SER X O    1 
ATOM 14   C CB   . SER A 1 2  ? -12.521 -7.141  4.263   1.00 5.40 ? 2  SER X CB   1 
ATOM 15   O OG   . SER A 1 2  ? -12.452 -7.194  2.849   1.00 6.03 ? 2  SER X OG   1 
ATOM 16   H H    . SER A 1 2  ? -14.819 -6.262  3.659   1.00 5.78 ? 2  SER X H    1 
ATOM 17   H HA   . SER A 1 2  ? -13.882 -8.782  4.435   1.00 5.06 ? 2  SER X HA   1 
ATOM 18   H HB2  . SER A 1 2  ? -12.468 -6.108  4.575   1.00 5.61 ? 2  SER X HB2  1 
ATOM 19   H HB3  . SER A 1 2  ? -11.683 -7.685  4.673   1.00 5.49 ? 2  SER X HB3  1 
ATOM 20   H HG   . SER A 1 2  ? -13.129 -6.626  2.474   1.00 6.38 ? 2  SER X HG   1 
ATOM 21   N N    . SER A 1 3  ? -13.470 -8.878  6.896   1.00 3.05 ? 3  SER X N    1 
ATOM 22   C CA   . SER A 1 3  ? -13.429 -8.998  8.348   1.00 2.02 ? 3  SER X CA   1 
ATOM 23   C C    . SER A 1 3  ? -12.008 -9.265  8.829   1.00 2.03 ? 3  SER X C    1 
ATOM 24   O O    . SER A 1 3  ? -11.474 -10.360 8.653   1.00 2.94 ? 3  SER X O    1 
ATOM 25   C CB   . SER A 1 3  ? -14.353 -10.125 8.812   1.00 2.10 ? 3  SER X CB   1 
ATOM 26   O OG   . SER A 1 3  ? -15.642 -9.998  8.238   1.00 2.45 ? 3  SER X OG   1 
ATOM 27   H H    . SER A 1 3  ? -13.219 -9.649  6.345   1.00 3.57 ? 3  SER X H    1 
ATOM 28   H HA   . SER A 1 3  ? -13.770 -8.065  8.777   1.00 1.87 ? 3  SER X HA   1 
ATOM 29   H HB2  . SER A 1 3  ? -13.934 -11.076 8.516   1.00 2.40 ? 3  SER X HB2  1 
ATOM 30   H HB3  . SER A 1 3  ? -14.446 -10.092 9.888   1.00 2.36 ? 3  SER X HB3  1 
ATOM 31   H HG   . SER A 1 3  ? -16.293 -9.888  8.934   1.00 2.76 ? 3  SER X HG   1 
ATOM 32   N N    . GLY A 1 4  ? -11.415 -8.263  9.461   1.00 1.60 ? 4  GLY X N    1 
ATOM 33   C CA   . GLY A 1 4  ? -10.076 -8.402  9.992   1.00 2.28 ? 4  GLY X CA   1 
ATOM 34   C C    . GLY A 1 4  ? -8.995  -7.804  9.124   1.00 2.00 ? 4  GLY X C    1 
ATOM 35   O O    . GLY A 1 4  ? -7.979  -7.336  9.641   1.00 2.33 ? 4  GLY X O    1 
ATOM 36   H H    . GLY A 1 4  ? -11.900 -7.418  9.591   1.00 1.39 ? 4  GLY X H    1 
ATOM 37   H HA2  . GLY A 1 4  ? -10.034 -7.934  10.944  1.00 2.77 ? 4  GLY X HA2  1 
ATOM 38   H HA3  . GLY A 1 4  ? -9.868  -9.454  10.119  1.00 2.94 ? 4  GLY X HA3  1 
ATOM 39   N N    . ALA A 1 5  ? -9.202  -7.789  7.817   1.00 1.50 ? 5  ALA X N    1 
ATOM 40   C CA   . ALA A 1 5  ? -8.207  -7.225  6.919   1.00 1.27 ? 5  ALA X CA   1 
ATOM 41   C C    . ALA A 1 5  ? -8.821  -6.305  5.881   1.00 1.04 ? 5  ALA X C    1 
ATOM 42   O O    . ALA A 1 5  ? -9.762  -6.672  5.179   1.00 1.06 ? 5  ALA X O    1 
ATOM 43   C CB   . ALA A 1 5  ? -7.421  -8.332  6.236   1.00 1.36 ? 5  ALA X CB   1 
ATOM 44   H H    . ALA A 1 5  ? -10.032 -8.159  7.451   1.00 1.44 ? 5  ALA X H    1 
ATOM 45   H HA   . ALA A 1 5  ? -7.512  -6.651  7.515   1.00 1.37 ? 5  ALA X HA   1 
ATOM 46   H HB1  . ALA A 1 5  ? -6.932  -8.941  6.983   1.00 1.67 ? 5  ALA X HB1  1 
ATOM 47   H HB2  . ALA A 1 5  ? -6.678  -7.893  5.587   1.00 1.64 ? 5  ALA X HB2  1 
ATOM 48   H HB3  . ALA A 1 5  ? -8.092  -8.945  5.653   1.00 1.88 ? 5  ALA X HB3  1 
ATOM 49   N N    . ARG A 1 6  ? -8.249  -5.120  5.770   1.00 0.99 ? 6  ARG X N    1 
ATOM 50   C CA   . ARG A 1 6  ? -8.693  -4.142  4.795   1.00 0.98 ? 6  ARG X CA   1 
ATOM 51   C C    . ARG A 1 6  ? -7.496  -3.745  3.947   1.00 0.79 ? 6  ARG X C    1 
ATOM 52   O O    . ARG A 1 6  ? -6.552  -3.143  4.453   1.00 0.83 ? 6  ARG X O    1 
ATOM 53   C CB   . ARG A 1 6  ? -9.290  -2.924  5.504   1.00 1.39 ? 6  ARG X CB   1 
ATOM 54   C CG   . ARG A 1 6  ? -10.560 -2.401  4.853   1.00 1.60 ? 6  ARG X CG   1 
ATOM 55   C CD   . ARG A 1 6  ? -11.526 -1.849  5.888   1.00 2.03 ? 6  ARG X CD   1 
ATOM 56   N NE   . ARG A 1 6  ? -12.207 -0.643  5.420   1.00 2.51 ? 6  ARG X NE   1 
ATOM 57   C CZ   . ARG A 1 6  ? -13.338 -0.173  5.946   1.00 3.02 ? 6  ARG X CZ   1 
ATOM 58   N NH1  . ARG A 1 6  ? -13.932 -0.806  6.953   1.00 3.31 ? 6  ARG X NH1  1 
ATOM 59   N NH2  . ARG A 1 6  ? -13.880 0.935   5.461   1.00 3.73 ? 6  ARG X NH2  1 
ATOM 60   H H    . ARG A 1 6  ? -7.482  -4.907  6.343   1.00 1.07 ? 6  ARG X H    1 
ATOM 61   H HA   . ARG A 1 6  ? -9.441  -4.602  4.165   1.00 1.02 ? 6  ARG X HA   1 
ATOM 62   H HB2  . ARG A 1 6  ? -9.520  -3.193  6.524   1.00 1.72 ? 6  ARG X HB2  1 
ATOM 63   H HB3  . ARG A 1 6  ? -8.560  -2.128  5.507   1.00 2.01 ? 6  ARG X HB3  1 
ATOM 64   H HG2  . ARG A 1 6  ? -10.301 -1.614  4.161   1.00 2.19 ? 6  ARG X HG2  1 
ATOM 65   H HG3  . ARG A 1 6  ? -11.039 -3.209  4.320   1.00 1.96 ? 6  ARG X HG3  1 
ATOM 66   H HD2  . ARG A 1 6  ? -12.266 -2.604  6.108   1.00 2.49 ? 6  ARG X HD2  1 
ATOM 67   H HD3  . ARG A 1 6  ? -10.976 -1.614  6.788   1.00 2.41 ? 6  ARG X HD3  1 
ATOM 68   H HE   . ARG A 1 6  ? -11.797 -0.154  4.676   1.00 2.88 ? 6  ARG X HE   1 
ATOM 69   H HH11 . ARG A 1 6  ? -13.533 -1.642  7.325   1.00 3.23 ? 6  ARG X HH11 1 
ATOM 70   H HH12 . ARG A 1 6  ? -14.781 -0.444  7.338   1.00 3.93 ? 6  ARG X HH12 1 
ATOM 71   H HH21 . ARG A 1 6  ? -13.440 1.418   4.702   1.00 4.04 ? 6  ARG X HH21 1 
ATOM 72   H HH22 . ARG A 1 6  ? -14.729 1.290   5.852   1.00 4.20 ? 6  ARG X HH22 1 
ATOM 73   N N    . CYS A 1 7  ? -7.510  -4.114  2.673   1.00 0.73 ? 7  CYS X N    1 
ATOM 74   C CA   . CYS A 1 7  ? -6.383  -3.811  1.798   1.00 0.66 ? 7  CYS X CA   1 
ATOM 75   C C    . CYS A 1 7  ? -6.841  -3.391  0.406   1.00 0.75 ? 7  CYS X C    1 
ATOM 76   O O    . CYS A 1 7  ? -7.640  -4.072  -0.236  1.00 0.97 ? 7  CYS X O    1 
ATOM 77   C CB   . CYS A 1 7  ? -5.456  -5.030  1.716   1.00 0.86 ? 7  CYS X CB   1 
ATOM 78   S SG   . CYS A 1 7  ? -5.151  -5.839  3.326   1.00 1.15 ? 7  CYS X SG   1 
ATOM 79   H H    . CYS A 1 7  ? -8.273  -4.621  2.323   1.00 0.82 ? 7  CYS X H    1 
ATOM 80   H HA   . CYS A 1 7  ? -5.837  -2.993  2.241   1.00 0.66 ? 7  CYS X HA   1 
ATOM 81   H HB2  . CYS A 1 7  ? -5.896  -5.764  1.057   1.00 0.97 ? 7  CYS X HB2  1 
ATOM 82   H HB3  . CYS A 1 7  ? -4.501  -4.721  1.316   1.00 0.90 ? 7  CYS X HB3  1 
ATOM 83   N N    . TYR A 1 8  ? -6.316  -2.258  -0.048  1.00 0.68 ? 8  TYR X N    1 
ATOM 84   C CA   . TYR A 1 8  ? -6.640  -1.718  -1.360  1.00 0.86 ? 8  TYR X CA   1 
ATOM 85   C C    . TYR A 1 8  ? -5.713  -0.552  -1.671  1.00 0.74 ? 8  TYR X C    1 
ATOM 86   O O    . TYR A 1 8  ? -5.048  -0.032  -0.774  1.00 0.71 ? 8  TYR X O    1 
ATOM 87   C CB   . TYR A 1 8  ? -8.103  -1.280  -1.414  1.00 1.09 ? 8  TYR X CB   1 
ATOM 88   C CG   . TYR A 1 8  ? -8.495  -0.331  -0.307  1.00 1.12 ? 8  TYR X CG   1 
ATOM 89   C CD1  . TYR A 1 8  ? -8.764  -0.810  0.995   1.00 1.60 ? 8  TYR X CD1  1 
ATOM 90   C CD2  . TYR A 1 8  ? -8.611  1.056   -0.548  1.00 1.70 ? 8  TYR X CD2  1 
ATOM 91   C CE1  . TYR A 1 8  ? -9.138  0.068   2.026   1.00 1.74 ? 8  TYR X CE1  1 
ATOM 92   C CE2  . TYR A 1 8  ? -8.983  1.940   0.478   1.00 1.86 ? 8  TYR X CE2  1 
ATOM 93   C CZ   . TYR A 1 8  ? -9.244  1.440   1.764   1.00 1.50 ? 8  TYR X CZ   1 
ATOM 94   O OH   . TYR A 1 8  ? -9.611  2.302   2.773   1.00 1.78 ? 8  TYR X OH   1 
ATOM 95   H H    . TYR A 1 8  ? -5.678  -1.773  0.513   1.00 0.57 ? 8  TYR X H    1 
ATOM 96   H HA   . TYR A 1 8  ? -6.476  -2.497  -2.090  1.00 0.98 ? 8  TYR X HA   1 
ATOM 97   H HB2  . TYR A 1 8  ? -8.288  -0.785  -2.354  1.00 1.30 ? 8  TYR X HB2  1 
ATOM 98   H HB3  . TYR A 1 8  ? -8.736  -2.154  -1.342  1.00 1.18 ? 8  TYR X HB3  1 
ATOM 99   H HD1  . TYR A 1 8  ? -8.679  -1.868  1.193   1.00 2.30 ? 8  TYR X HD1  1 
ATOM 100  H HD2  . TYR A 1 8  ? -8.408  1.436   -1.539  1.00 2.41 ? 8  TYR X HD2  1 
ATOM 101  H HE1  . TYR A 1 8  ? -9.338  -0.316  3.014   1.00 2.45 ? 8  TYR X HE1  1 
ATOM 102  H HE2  . TYR A 1 8  ? -9.067  2.997   0.273   1.00 2.63 ? 8  TYR X HE2  1 
ATOM 103  H HH   . TYR A 1 8  ? -10.550 2.486   2.711   1.00 2.10 ? 8  TYR X HH   1 
ATOM 104  N N    . VAL A 1 9  ? -5.654  -0.144  -2.931  1.00 0.71 ? 9  VAL X N    1 
ATOM 105  C CA   . VAL A 1 9  ? -4.781  0.958   -3.313  1.00 0.64 ? 9  VAL X CA   1 
ATOM 106  C C    . VAL A 1 9  ? -5.450  1.917   -4.295  1.00 0.69 ? 9  VAL X C    1 
ATOM 107  O O    . VAL A 1 9  ? -6.143  1.497   -5.222  1.00 0.83 ? 9  VAL X O    1 
ATOM 108  C CB   . VAL A 1 9  ? -3.470  0.439   -3.930  1.00 0.76 ? 9  VAL X CB   1 
ATOM 109  C CG1  . VAL A 1 9  ? -2.498  1.585   -4.171  1.00 0.78 ? 9  VAL X CG1  1 
ATOM 110  C CG2  . VAL A 1 9  ? -2.848  -0.624  -3.035  1.00 0.87 ? 9  VAL X CG2  1 
ATOM 111  H H    . VAL A 1 9  ? -6.195  -0.592  -3.613  1.00 0.79 ? 9  VAL X H    1 
ATOM 112  H HA   . VAL A 1 9  ? -4.532  1.507   -2.416  1.00 0.57 ? 9  VAL X HA   1 
ATOM 113  H HB   . VAL A 1 9  ? -3.700  -0.014  -4.884  1.00 0.86 ? 9  VAL X HB   1 
ATOM 114  H HG11 . VAL A 1 9  ? -2.174  1.575   -5.200  1.00 1.33 ? 9  VAL X HG11 1 
ATOM 115  H HG12 . VAL A 1 9  ? -1.640  1.476   -3.523  1.00 1.23 ? 9  VAL X HG12 1 
ATOM 116  H HG13 . VAL A 1 9  ? -2.984  2.523   -3.961  1.00 1.26 ? 9  VAL X HG13 1 
ATOM 117  H HG21 . VAL A 1 9  ? -2.920  -0.311  -2.004  1.00 1.36 ? 9  VAL X HG21 1 
ATOM 118  H HG22 . VAL A 1 9  ? -1.810  -0.755  -3.301  1.00 1.32 ? 9  VAL X HG22 1 
ATOM 119  H HG23 . VAL A 1 9  ? -3.374  -1.558  -3.166  1.00 1.35 ? 9  VAL X HG23 1 
ATOM 120  N N    . ASP A 1 10 ? -5.207  3.207   -4.089  1.00 0.68 ? 10 ASP X N    1 
ATOM 121  C CA   . ASP A 1 10 ? -5.750  4.244   -4.955  1.00 0.85 ? 10 ASP X CA   1 
ATOM 122  C C    . ASP A 1 10 ? -4.622  5.092   -5.535  1.00 0.89 ? 10 ASP X C    1 
ATOM 123  O O    . ASP A 1 10 ? -4.132  6.016   -4.889  1.00 0.97 ? 10 ASP X O    1 
ATOM 124  C CB   . ASP A 1 10 ? -6.721  5.134   -4.176  1.00 0.98 ? 10 ASP X CB   1 
ATOM 125  C CG   . ASP A 1 10 ? -8.025  4.429   -3.861  1.00 1.04 ? 10 ASP X CG   1 
ATOM 126  O OD1  . ASP A 1 10 ? -8.853  4.275   -4.784  1.00 1.56 ? 10 ASP X OD1  1 
ATOM 127  O OD2  . ASP A 1 10 ? -8.218  4.030   -2.694  1.00 1.51 ? 10 ASP X OD2  1 
ATOM 128  H H    . ASP A 1 10 ? -4.630  3.469   -3.341  1.00 0.62 ? 10 ASP X H    1 
ATOM 129  H HA   . ASP A 1 10 ? -6.280  3.762   -5.763  1.00 0.95 ? 10 ASP X HA   1 
ATOM 130  H HB2  . ASP A 1 10 ? -6.261  5.430   -3.246  1.00 0.93 ? 10 ASP X HB2  1 
ATOM 131  H HB3  . ASP A 1 10 ? -6.941  6.015   -4.762  1.00 1.13 ? 10 ASP X HB3  1 
ATOM 132  N N    . GLY A 1 11 ? -4.212  4.769   -6.754  1.00 0.86 ? 11 GLY X N    1 
ATOM 133  C CA   . GLY A 1 11 ? -3.145  5.512   -7.397  1.00 0.92 ? 11 GLY X CA   1 
ATOM 134  C C    . GLY A 1 11 ? -3.260  5.484   -8.904  1.00 0.76 ? 11 GLY X C    1 
ATOM 135  O O    . GLY A 1 11 ? -3.209  4.415   -9.513  1.00 0.75 ? 11 GLY X O    1 
ATOM 136  H H    . GLY A 1 11 ? -4.638  4.021   -7.222  1.00 0.82 ? 11 GLY X H    1 
ATOM 137  H HA2  . GLY A 1 11 ? -3.180  6.538   -7.061  1.00 1.02 ? 11 GLY X HA2  1 
ATOM 138  H HA3  . GLY A 1 11 ? -2.197  5.080   -7.110  1.00 1.05 ? 11 GLY X HA3  1 
ATOM 139  N N    . SER A 1 12 ? -3.417  6.653   -9.516  1.00 0.71 ? 12 SER X N    1 
ATOM 140  C CA   . SER A 1 12 ? -3.540  6.730   -10.964 1.00 0.61 ? 12 SER X CA   1 
ATOM 141  C C    . SER A 1 12 ? -2.219  7.146   -11.589 1.00 0.74 ? 12 SER X C    1 
ATOM 142  O O    . SER A 1 12 ? -1.694  8.214   -11.266 1.00 0.85 ? 12 SER X O    1 
ATOM 143  C CB   . SER A 1 12 ? -4.642  7.712   -11.361 1.00 0.63 ? 12 SER X CB   1 
ATOM 144  O OG   . SER A 1 12 ? -5.594  7.856   -10.322 1.00 1.43 ? 12 SER X OG   1 
ATOM 145  H H    . SER A 1 12 ? -3.451  7.478   -8.983  1.00 0.80 ? 12 SER X H    1 
ATOM 146  H HA   . SER A 1 12 ? -3.791  5.741   -11.323 1.00 0.60 ? 12 SER X HA   1 
ATOM 147  H HB2  . SER A 1 12 ? -4.204  8.678   -11.567 1.00 1.13 ? 12 SER X HB2  1 
ATOM 148  H HB3  . SER A 1 12 ? -5.144  7.349   -12.244 1.00 1.02 ? 12 SER X HB3  1 
ATOM 149  H HG   . SER A 1 12 ? -5.981  7.002   -10.119 1.00 1.86 ? 12 SER X HG   1 
ATOM 150  N N    . GLU A 1 13 ? -1.690  6.240   -12.433 1.00 0.87 ? 13 GLU X N    1 
ATOM 151  C CA   . GLU A 1 13 ? -0.398  6.378   -13.113 1.00 1.21 ? 13 GLU X CA   1 
ATOM 152  C C    . GLU A 1 13 ? -0.307  7.563   -14.087 1.00 0.96 ? 13 GLU X C    1 
ATOM 153  O O    . GLU A 1 13 ? -0.792  7.472   -15.214 1.00 1.27 ? 13 GLU X O    1 
ATOM 154  C CB   . GLU A 1 13 ? -0.051  5.103   -13.948 1.00 2.03 ? 13 GLU X CB   1 
ATOM 155  C CG   . GLU A 1 13 ? -0.861  3.834   -13.664 1.00 2.56 ? 13 GLU X CG   1 
ATOM 156  C CD   . GLU A 1 13 ? -2.120  3.758   -14.505 1.00 2.89 ? 13 GLU X CD   1 
ATOM 157  O OE1  . GLU A 1 13 ? -2.022  3.372   -15.689 1.00 3.29 ? 13 GLU X OE1  1 
ATOM 158  O OE2  . GLU A 1 13 ? -3.205  4.084   -13.978 1.00 3.22 ? 13 GLU X OE2  1 
ATOM 159  H H    . GLU A 1 13 ? -2.167  5.415   -12.554 1.00 0.83 ? 13 GLU X H    1 
ATOM 160  H HA   . GLU A 1 13 ? 0.339   6.509   -12.354 1.00 1.38 ? 13 GLU X HA   1 
ATOM 161  H HB2  . GLU A 1 13 ? -0.175  5.328   -14.995 1.00 2.19 ? 13 GLU X HB2  1 
ATOM 162  H HB3  . GLU A 1 13 ? 0.988   4.866   -13.776 1.00 2.26 ? 13 GLU X HB3  1 
ATOM 163  H HG2  . GLU A 1 13 ? -0.249  2.977   -13.891 1.00 2.61 ? 13 GLU X HG2  1 
ATOM 164  H HG3  . GLU A 1 13 ? -1.144  3.805   -12.628 1.00 2.79 ? 13 GLU X HG3  1 
ATOM 165  N N    . GLU A 1 14 ? 0.392   8.627   -13.693 1.00 0.67 ? 14 GLU X N    1 
ATOM 166  C CA   . GLU A 1 14 ? 0.620   9.766   -14.598 1.00 0.74 ? 14 GLU X CA   1 
ATOM 167  C C    . GLU A 1 14 ? 1.823   10.591  -14.125 1.00 0.61 ? 14 GLU X C    1 
ATOM 168  O O    . GLU A 1 14 ? 2.045   10.747  -12.924 1.00 0.61 ? 14 GLU X O    1 
ATOM 169  C CB   . GLU A 1 14 ? -0.613  10.680  -14.723 1.00 0.97 ? 14 GLU X CB   1 
ATOM 170  C CG   . GLU A 1 14 ? -1.932  9.940   -14.878 1.00 1.24 ? 14 GLU X CG   1 
ATOM 171  C CD   . GLU A 1 14 ? -3.121  10.876  -14.998 1.00 1.64 ? 14 GLU X CD   1 
ATOM 172  O OE1  . GLU A 1 14 ? -2.905  12.094  -15.173 1.00 1.97 ? 14 GLU X OE1  1 
ATOM 173  O OE2  . GLU A 1 14 ? -4.268  10.388  -14.922 1.00 2.32 ? 14 GLU X OE2  1 
ATOM 174  H H    . GLU A 1 14 ? 0.822   8.619   -12.805 1.00 0.70 ? 14 GLU X H    1 
ATOM 175  H HA   . GLU A 1 14 ? 0.843   9.364   -15.573 1.00 1.07 ? 14 GLU X HA   1 
ATOM 176  H HB2  . GLU A 1 14 ? -0.676  11.320  -13.865 1.00 0.90 ? 14 GLU X HB2  1 
ATOM 177  H HB3  . GLU A 1 14 ? -0.481  11.301  -15.597 1.00 1.22 ? 14 GLU X HB3  1 
ATOM 178  H HG2  . GLU A 1 14 ? -1.886  9.330   -15.768 1.00 1.54 ? 14 GLU X HG2  1 
ATOM 179  H HG3  . GLU A 1 14 ? -2.079  9.306   -14.015 1.00 1.21 ? 14 GLU X HG3  1 
ATOM 180  N N    . ILE A 1 15 ? 2.591   11.161  -15.056 1.00 0.63 ? 15 ILE X N    1 
ATOM 181  C CA   . ILE A 1 15 ? 3.726   12.011  -14.666 1.00 0.69 ? 15 ILE X CA   1 
ATOM 182  C C    . ILE A 1 15 ? 3.185   13.166  -13.810 1.00 0.74 ? 15 ILE X C    1 
ATOM 183  O O    . ILE A 1 15 ? 2.671   14.153  -14.336 1.00 0.82 ? 15 ILE X O    1 
ATOM 184  C CB   . ILE A 1 15 ? 4.490   12.569  -15.902 1.00 0.85 ? 15 ILE X CB   1 
ATOM 185  C CG1  . ILE A 1 15 ? 5.242   11.446  -16.611 1.00 0.92 ? 15 ILE X CG1  1 
ATOM 186  C CG2  . ILE A 1 15 ? 5.471   13.674  -15.512 1.00 0.99 ? 15 ILE X CG2  1 
ATOM 187  C CD1  . ILE A 1 15 ? 5.595   11.768  -18.046 1.00 1.21 ? 15 ILE X CD1  1 
ATOM 188  H H    . ILE A 1 15 ? 2.379   11.030  -16.003 1.00 0.69 ? 15 ILE X H    1 
ATOM 189  H HA   . ILE A 1 15 ? 4.407   11.416  -14.072 1.00 0.72 ? 15 ILE X HA   1 
ATOM 190  H HB   . ILE A 1 15 ? 3.765   12.989  -16.584 1.00 0.92 ? 15 ILE X HB   1 
ATOM 191  H HG12 . ILE A 1 15 ? 6.163   11.252  -16.081 1.00 1.13 ? 15 ILE X HG12 1 
ATOM 192  H HG13 . ILE A 1 15 ? 4.638   10.554  -16.603 1.00 0.94 ? 15 ILE X HG13 1 
ATOM 193  H HG21 . ILE A 1 15 ? 6.055   13.959  -16.377 1.00 1.54 ? 15 ILE X HG21 1 
ATOM 194  H HG22 . ILE A 1 15 ? 6.130   13.313  -14.737 1.00 1.37 ? 15 ILE X HG22 1 
ATOM 195  H HG23 . ILE A 1 15 ? 4.923   14.531  -15.150 1.00 1.42 ? 15 ILE X HG23 1 
ATOM 196  H HD11 . ILE A 1 15 ? 4.872   11.311  -18.705 1.00 1.74 ? 15 ILE X HD11 1 
ATOM 197  H HD12 . ILE A 1 15 ? 6.580   11.385  -18.270 1.00 1.51 ? 15 ILE X HD12 1 
ATOM 198  H HD13 . ILE A 1 15 ? 5.584   12.839  -18.188 1.00 1.72 ? 15 ILE X HD13 1 
ATOM 199  N N    . GLY A 1 16 ? 3.262   13.004  -12.492 1.00 0.74 ? 16 GLY X N    1 
ATOM 200  C CA   . GLY A 1 16 ? 2.724   14.013  -11.592 1.00 0.81 ? 16 GLY X CA   1 
ATOM 201  C C    . GLY A 1 16 ? 1.262   13.737  -11.286 1.00 0.82 ? 16 GLY X C    1 
ATOM 202  O O    . GLY A 1 16 ? 0.446   14.653  -11.183 1.00 1.00 ? 16 GLY X O    1 
ATOM 203  H H    . GLY A 1 16 ? 3.653   12.177  -12.132 1.00 0.72 ? 16 GLY X H    1 
ATOM 204  H HA2  . GLY A 1 16 ? 3.287   14.006  -10.671 1.00 0.84 ? 16 GLY X HA2  1 
ATOM 205  H HA3  . GLY A 1 16 ? 2.810   14.984  -12.055 1.00 0.87 ? 16 GLY X HA3  1 
ATOM 206  N N    . SER A 1 17 ? 0.944   12.450  -11.171 1.00 0.79 ? 17 SER X N    1 
ATOM 207  C CA   . SER A 1 17 ? -0.425  11.976  -10.905 1.00 0.90 ? 17 SER X CA   1 
ATOM 208  C C    . SER A 1 17 ? -0.730  11.883  -9.408  1.00 0.77 ? 17 SER X C    1 
ATOM 209  O O    . SER A 1 17 ? 0.003   12.431  -8.581  1.00 0.74 ? 17 SER X O    1 
ATOM 210  C CB   . SER A 1 17 ? -0.660  10.631  -11.551 1.00 1.12 ? 17 SER X CB   1 
ATOM 211  O OG   . SER A 1 17 ? -1.953  10.552  -12.132 1.00 1.72 ? 17 SER X OG   1 
ATOM 212  H H    . SER A 1 17 ? 1.661   11.779  -11.286 1.00 0.80 ? 17 SER X H    1 
ATOM 213  H HA   . SER A 1 17 ? -1.103  12.692  -11.345 1.00 1.05 ? 17 SER X HA   1 
ATOM 214  H HB2  . SER A 1 17 ? 0.070   10.465  -12.309 1.00 1.51 ? 17 SER X HB2  1 
ATOM 215  H HB3  . SER A 1 17 ? -0.574  9.873   -10.804 1.00 1.34 ? 17 SER X HB3  1 
ATOM 216  H HG   . SER A 1 17 ? -2.168  11.383  -12.563 1.00 2.21 ? 17 SER X HG   1 
ATOM 217  N N    . ASP A 1 18 ? -1.828  11.191  -9.063  1.00 0.77 ? 18 ASP X N    1 
ATOM 218  C CA   . ASP A 1 18 ? -2.217  11.066  -7.654  1.00 0.72 ? 18 ASP X CA   1 
ATOM 219  C C    . ASP A 1 18 ? -2.096  9.629   -7.138  1.00 0.67 ? 18 ASP X C    1 
ATOM 220  O O    . ASP A 1 18 ? -2.585  8.686   -7.762  1.00 0.68 ? 18 ASP X O    1 
ATOM 221  C CB   . ASP A 1 18 ? -3.649  11.569  -7.463  1.00 0.86 ? 18 ASP X CB   1 
ATOM 222  C CG   . ASP A 1 18 ? -3.983  11.836  -6.010  1.00 0.90 ? 18 ASP X CG   1 
ATOM 223  O OD1  . ASP A 1 18 ? -3.278  11.302  -5.129  1.00 1.45 ? 18 ASP X OD1  1 
ATOM 224  O OD2  . ASP A 1 18 ? -4.952  12.583  -5.753  1.00 1.43 ? 18 ASP X OD2  1 
ATOM 225  H H    . ASP A 1 18 ? -2.376  10.753  -9.767  1.00 0.85 ? 18 ASP X H    1 
ATOM 226  H HA   . ASP A 1 18 ? -1.544  11.690  -7.077  1.00 0.70 ? 18 ASP X HA   1 
ATOM 227  H HB2  . ASP A 1 18 ? -3.778  12.486  -8.018  1.00 0.93 ? 18 ASP X HB2  1 
ATOM 228  H HB3  . ASP A 1 18 ? -4.336  10.826  -7.841  1.00 0.93 ? 18 ASP X HB3  1 
ATOM 229  N N    . PHE A 1 19 ? -1.427  9.479   -5.990  1.00 0.66 ? 19 PHE X N    1 
ATOM 230  C CA   . PHE A 1 19 ? -1.209  8.179   -5.361  1.00 0.68 ? 19 PHE X CA   1 
ATOM 231  C C    . PHE A 1 19 ? -1.894  8.105   -3.999  1.00 0.68 ? 19 PHE X C    1 
ATOM 232  O O    . PHE A 1 19 ? -2.160  9.127   -3.368  1.00 0.70 ? 19 PHE X O    1 
ATOM 233  C CB   . PHE A 1 19 ? 0.285   7.975   -5.159  1.00 0.75 ? 19 PHE X CB   1 
ATOM 234  C CG   . PHE A 1 19 ? 0.989   7.065   -6.115  1.00 0.82 ? 19 PHE X CG   1 
ATOM 235  C CD1  . PHE A 1 19 ? 1.532   5.890   -5.511  1.00 1.48 ? 19 PHE X CD1  1 
ATOM 236  C CD2  . PHE A 1 19 ? 2.305   6.630   -6.269  1.00 1.51 ? 19 PHE X CD2  1 
ATOM 237  C CE1  . PHE A 1 19 ? 2.250   5.903   -6.819  1.00 1.59 ? 19 PHE X CE1  1 
ATOM 238  C CE2  . PHE A 1 19 ? 1.591   5.308   -6.201  1.00 1.66 ? 19 PHE X CE2  1 
ATOM 239  C CZ   . PHE A 1 19 ? 0.924   5.971   -7.245  1.00 1.22 ? 19 PHE X CZ   1 
ATOM 240  H H    . PHE A 1 19 ? -1.056  10.276  -5.545  1.00 0.68 ? 19 PHE X H    1 
ATOM 241  H HA   . PHE A 1 19 ? -1.596  7.409   -6.008  1.00 0.75 ? 19 PHE X HA   1 
ATOM 242  H HB2  . PHE A 1 19 ? 0.752   8.924   -5.287  1.00 0.78 ? 19 PHE X HB2  1 
ATOM 243  H HB3  . PHE A 1 19 ? 0.468   7.622   -4.154  1.00 0.89 ? 19 PHE X HB3  1 
ATOM 244  H HD1  . PHE A 1 19 ? 2.027   5.883   -4.480  1.00 2.28 ? 19 PHE X HD1  1 
ATOM 245  H HD2  . PHE A 1 19 ? 3.016   7.128   -6.998  1.00 2.29 ? 19 PHE X HD2  1 
ATOM 246  H HE1  . PHE A 1 19 ? 3.110   6.520   -7.249  1.00 2.40 ? 19 PHE X HE1  1 
ATOM 247  H HE2  . PHE A 1 19 ? 2.117   4.293   -6.322  1.00 2.48 ? 19 PHE X HE2  1 
ATOM 248  H HZ   . PHE A 1 19 ? 0.263   5.288   -7.758  1.00 1.42 ? 19 PHE X HZ   1 
ATOM 249  N N    . LYS A 1 20 ? -2.137  6.886   -3.539  1.00 0.72 ? 20 LYS X N    1 
ATOM 250  C CA   . LYS A 1 20 ? -2.757  6.664   -2.236  1.00 0.74 ? 20 LYS X CA   1 
ATOM 251  C C    . LYS A 1 20 ? -2.829  5.175   -1.916  1.00 0.72 ? 20 LYS X C    1 
ATOM 252  O O    . LYS A 1 20 ? -3.179  4.367   -2.771  1.00 0.85 ? 20 LYS X O    1 
ATOM 253  C CB   . LYS A 1 20 ? -4.161  7.281   -2.188  1.00 0.86 ? 20 LYS X CB   1 
ATOM 254  C CG   . LYS A 1 20 ? -4.212  8.629   -1.486  1.00 0.93 ? 20 LYS X CG   1 
ATOM 255  C CD   . LYS A 1 20 ? -5.561  8.856   -0.819  1.00 1.29 ? 20 LYS X CD   1 
ATOM 256  C CE   . LYS A 1 20 ? -6.034  10.292  -0.984  1.00 1.53 ? 20 LYS X CE   1 
ATOM 257  N NZ   . LYS A 1 20 ? -7.481  10.361  -1.329  1.00 2.03 ? 20 LYS X NZ   1 
ATOM 258  H H    . LYS A 1 20 ? -1.862  6.112   -4.081  1.00 0.77 ? 20 LYS X H    1 
ATOM 259  H HA   . LYS A 1 20 ? -2.139  7.146   -1.493  1.00 0.72 ? 20 LYS X HA   1 
ATOM 260  H HB2  . LYS A 1 20 ? -4.517  7.415   -3.197  1.00 0.91 ? 20 LYS X HB2  1 
ATOM 261  H HB3  . LYS A 1 20 ? -4.825  6.606   -1.668  1.00 0.88 ? 20 LYS X HB3  1 
ATOM 262  H HG2  . LYS A 1 20 ? -3.439  8.663   -0.733  1.00 1.13 ? 20 LYS X HG2  1 
ATOM 263  H HG3  . LYS A 1 20 ? -4.045  9.410   -2.212  1.00 0.98 ? 20 LYS X HG3  1 
ATOM 264  H HD2  . LYS A 1 20 ? -6.289  8.196   -1.267  1.00 1.64 ? 20 LYS X HD2  1 
ATOM 265  H HD3  . LYS A 1 20 ? -5.471  8.635   0.234   1.00 1.69 ? 20 LYS X HD3  1 
ATOM 266  H HE2  . LYS A 1 20 ? -5.870  10.819  -0.055  1.00 1.87 ? 20 LYS X HE2  1 
ATOM 267  H HE3  . LYS A 1 20 ? -5.462  10.762  -1.770  1.00 2.02 ? 20 LYS X HE3  1 
ATOM 268  H HZ1  . LYS A 1 20 ? -8.015  9.662   -0.774  1.00 2.38 ? 20 LYS X HZ1  1 
ATOM 269  H HZ2  . LYS A 1 20 ? -7.617  10.160  -2.340  1.00 2.43 ? 20 LYS X HZ2  1 
ATOM 270  H HZ3  . LYS A 1 20 ? -7.854  11.310  -1.122  1.00 2.51 ? 20 LYS X HZ3  1 
ATOM 271  N N    . ILE A 1 21 ? -2.505  4.821   -0.678  1.00 0.63 ? 21 ILE X N    1 
ATOM 272  C CA   . ILE A 1 21 ? -2.545  3.424   -0.245  1.00 0.63 ? 21 ILE X CA   1 
ATOM 273  C C    . ILE A 1 21 ? -3.286  3.308   1.079   1.00 0.60 ? 21 ILE X C    1 
ATOM 274  O O    . ILE A 1 21 ? -3.185  4.190   1.925   1.00 0.63 ? 21 ILE X O    1 
ATOM 275  C CB   . ILE A 1 21 ? -1.135  2.821   -0.060  1.00 0.66 ? 21 ILE X CB   1 
ATOM 276  C CG1  . ILE A 1 21 ? -0.139  3.389   -1.078  1.00 0.76 ? 21 ILE X CG1  1 
ATOM 277  C CG2  . ILE A 1 21 ? -1.201  1.306   -0.181  1.00 0.75 ? 21 ILE X CG2  1 
ATOM 278  C CD1  . ILE A 1 21 ? 1.303   3.070   -0.749  1.00 1.11 ? 21 ILE X CD1  1 
ATOM 279  H H    . ILE A 1 21 ? -2.239  5.512   -0.038  1.00 0.65 ? 21 ILE X H    1 
ATOM 280  H HA   . ILE A 1 21 ? -3.068  2.853   -0.998  1.00 0.67 ? 21 ILE X HA   1 
ATOM 281  H HB   . ILE A 1 21 ? -0.800  3.060   0.937   1.00 0.65 ? 21 ILE X HB   1 
ATOM 282  H HG12 . ILE A 1 21 ? -0.355  2.980   -2.051  1.00 1.31 ? 21 ILE X HG12 1 
ATOM 283  H HG13 . ILE A 1 21 ? -0.241  4.464   -1.112  1.00 0.94 ? 21 ILE X HG13 1 
ATOM 284  H HG21 . ILE A 1 21 ? -0.200  0.904   -0.221  1.00 1.30 ? 21 ILE X HG21 1 
ATOM 285  H HG22 . ILE A 1 21 ? -1.732  1.041   -1.083  1.00 1.27 ? 21 ILE X HG22 1 
ATOM 286  H HG23 . ILE A 1 21 ? -1.719  0.898   0.675   1.00 1.26 ? 21 ILE X HG23 1 
ATOM 287  H HD11 . ILE A 1 21 ? 1.583   3.571   0.167   1.00 1.61 ? 21 ILE X HD11 1 
ATOM 288  H HD12 . ILE A 1 21 ? 1.939   3.407   -1.553  1.00 1.72 ? 21 ILE X HD12 1 
ATOM 289  H HD13 . ILE A 1 21 ? 1.414   2.004   -0.624  1.00 1.58 ? 21 ILE X HD13 1 
ATOM 290  N N    . LYS A 1 22 ? -4.031  2.225   1.264   1.00 0.59 ? 22 LYS X N    1 
ATOM 291  C CA   . LYS A 1 22 ? -4.771  2.034   2.508   1.00 0.60 ? 22 LYS X CA   1 
ATOM 292  C C    . LYS A 1 22 ? -4.724  0.585   2.981   1.00 0.55 ? 22 LYS X C    1 
ATOM 293  O O    . LYS A 1 22 ? -5.027  -0.337  2.224   1.00 0.53 ? 22 LYS X O    1 
ATOM 294  C CB   . LYS A 1 22 ? -6.221  2.487   2.341   1.00 0.68 ? 22 LYS X CB   1 
ATOM 295  C CG   . LYS A 1 22 ? -6.345  3.953   1.966   1.00 1.11 ? 22 LYS X CG   1 
ATOM 296  C CD   . LYS A 1 22 ? -7.693  4.528   2.370   1.00 1.12 ? 22 LYS X CD   1 
ATOM 297  C CE   . LYS A 1 22 ? -7.803  6.006   2.020   1.00 1.73 ? 22 LYS X CE   1 
ATOM 298  N NZ   . LYS A 1 22 ? -8.915  6.270   1.067   1.00 2.28 ? 22 LYS X NZ   1 
ATOM 299  H H    . LYS A 1 22 ? -4.077  1.546   0.562   1.00 0.60 ? 22 LYS X H    1 
ATOM 300  H HA   . LYS A 1 22 ? -4.304  2.651   3.261   1.00 0.62 ? 22 LYS X HA   1 
ATOM 301  H HB2  . LYS A 1 22 ? -6.685  1.896   1.564   1.00 0.84 ? 22 LYS X HB2  1 
ATOM 302  H HB3  . LYS A 1 22 ? -6.749  2.328   3.270   1.00 0.96 ? 22 LYS X HB3  1 
ATOM 303  H HG2  . LYS A 1 22 ? -5.564  4.508   2.460   1.00 1.55 ? 22 LYS X HG2  1 
ATOM 304  H HG3  . LYS A 1 22 ? -6.232  4.048   0.895   1.00 1.51 ? 22 LYS X HG3  1 
ATOM 305  H HD2  . LYS A 1 22 ? -8.473  3.990   1.856   1.00 1.23 ? 22 LYS X HD2  1 
ATOM 306  H HD3  . LYS A 1 22 ? -7.816  4.410   3.436   1.00 1.24 ? 22 LYS X HD3  1 
ATOM 307  H HE2  . LYS A 1 22 ? -7.981  6.563   2.928   1.00 2.11 ? 22 LYS X HE2  1 
ATOM 308  H HE3  . LYS A 1 22 ? -6.875  6.333   1.576   1.00 2.14 ? 22 LYS X HE3  1 
ATOM 309  H HZ1  . LYS A 1 22 ? -8.933  7.276   0.808   1.00 2.66 ? 22 LYS X HZ1  1 
ATOM 310  H HZ2  . LYS A 1 22 ? -9.826  6.019   1.502   1.00 2.58 ? 22 LYS X HZ2  1 
ATOM 311  H HZ3  . LYS A 1 22 ? -8.789  5.703   0.205   1.00 2.73 ? 22 LYS X HZ3  1 
ATOM 312  N N    . CYS A 1 23 ? -4.356  0.397   4.247   1.00 0.56 ? 23 CYS X N    1 
ATOM 313  C CA   . CYS A 1 23 ? -4.286  -0.939  4.831   1.00 0.55 ? 23 CYS X CA   1 
ATOM 314  C C    . CYS A 1 23 ? -4.519  -0.896  6.338   1.00 0.61 ? 23 CYS X C    1 
ATOM 315  O O    . CYS A 1 23 ? -3.680  -0.381  7.085   1.00 0.61 ? 23 CYS X O    1 
ATOM 316  C CB   . CYS A 1 23 ? -2.939  -1.591  4.536   1.00 0.56 ? 23 CYS X CB   1 
ATOM 317  S SG   . CYS A 1 23 ? -2.954  -3.404  4.700   1.00 0.78 ? 23 CYS X SG   1 
ATOM 318  H H    . CYS A 1 23 ? -4.141  1.177   4.807   1.00 0.59 ? 23 CYS X H    1 
ATOM 319  H HA   . CYS A 1 23 ? -5.064  -1.530  4.379   1.00 0.56 ? 23 CYS X HA   1 
ATOM 320  H HB2  . CYS A 1 23 ? -2.642  -1.354  3.525   1.00 0.67 ? 23 CYS X HB2  1 
ATOM 321  H HB3  . CYS A 1 23 ? -2.204  -1.206  5.223   1.00 0.66 ? 23 CYS X HB3  1 
ATOM 322  N N    . GLU A 1 24 ? -5.658  -1.443  6.774   1.00 0.69 ? 24 GLU X N    1 
ATOM 323  C CA   . GLU A 1 24 ? -6.011  -1.470  8.194   1.00 0.79 ? 24 GLU X CA   1 
ATOM 324  C C    . GLU A 1 24 ? -6.572  -2.840  8.607   1.00 0.91 ? 24 GLU X C    1 
ATOM 325  O O    . GLU A 1 24 ? -7.565  -3.296  8.039   1.00 1.00 ? 24 GLU X O    1 
ATOM 326  C CB   . GLU A 1 24 ? -7.060  -0.395  8.505   1.00 0.83 ? 24 GLU X CB   1 
ATOM 327  C CG   . GLU A 1 24 ? -6.836  0.932   7.795   1.00 1.04 ? 24 GLU X CG   1 
ATOM 328  C CD   . GLU A 1 24 ? -8.123  1.710   7.601   1.00 1.58 ? 24 GLU X CD   1 
ATOM 329  O OE1  . GLU A 1 24 ? -9.179  1.073   7.414   1.00 2.32 ? 24 GLU X OE1  1 
ATOM 330  O OE2  . GLU A 1 24 ? -8.073  2.959   7.635   1.00 1.96 ? 24 GLU X OE2  1 
ATOM 331  H H    . GLU A 1 24 ? -6.276  -1.837  6.123   1.00 0.71 ? 24 GLU X H    1 
ATOM 332  H HA   . GLU A 1 24 ? -5.120  -1.259  8.759   1.00 0.84 ? 24 GLU X HA   1 
ATOM 333  H HB2  . GLU A 1 24 ? -8.032  -0.768  8.217   1.00 0.89 ? 24 GLU X HB2  1 
ATOM 334  H HB3  . GLU A 1 24 ? -7.061  -0.211  9.569   1.00 1.07 ? 24 GLU X HB3  1 
ATOM 335  H HG2  . GLU A 1 24 ? -6.162  1.530   8.386   1.00 1.31 ? 24 GLU X HG2  1 
ATOM 336  H HG3  . GLU A 1 24 ? -6.397  0.745   6.827   1.00 1.14 ? 24 GLU X HG3  1 
ATOM 337  N N    . PRO A 1 25 ? -5.965  -3.519  9.610   1.00 1.29 ? 25 PRO X N    1 
ATOM 338  C CA   . PRO A 1 25 ? -6.435  -4.815  10.084  1.00 1.49 ? 25 PRO X CA   1 
ATOM 339  C C    . PRO A 1 25 ? -7.390  -4.680  11.268  1.00 1.42 ? 25 PRO X C    1 
ATOM 340  O O    . PRO A 1 25 ? -6.960  -4.452  12.399  1.00 2.13 ? 25 PRO X O    1 
ATOM 341  C CB   . PRO A 1 25 ? -5.148  -5.500  10.524  1.00 2.33 ? 25 PRO X CB   1 
ATOM 342  C CG   . PRO A 1 25 ? -4.174  -4.396  10.835  1.00 2.54 ? 25 PRO X CG   1 
ATOM 343  C CD   . PRO A 1 25 ? -4.786  -3.092  10.372  1.00 1.82 ? 25 PRO X CD   1 
ATOM 344  H HA   . PRO A 1 25 ? -6.906  -5.385  9.297   1.00 1.53 ? 25 PRO X HA   1 
ATOM 345  H HB2  . PRO A 1 25 ? -5.349  -6.105  11.395  1.00 2.58 ? 25 PRO X HB2  1 
ATOM 346  H HB3  . PRO A 1 25 ? -4.790  -6.128  9.725   1.00 2.67 ? 25 PRO X HB3  1 
ATOM 347  H HG2  . PRO A 1 25 ? -3.996  -4.362  11.899  1.00 2.94 ? 25 PRO X HG2  1 
ATOM 348  H HG3  . PRO A 1 25 ? -3.247  -4.575  10.311  1.00 2.97 ? 25 PRO X HG3  1 
ATOM 349  H HD2  . PRO A 1 25 ? -5.072  -2.488  11.221  1.00 1.95 ? 25 PRO X HD2  1 
ATOM 350  H HD3  . PRO A 1 25 ? -4.089  -2.559  9.744   1.00 1.81 ? 25 PRO X HD3  1 
ATOM 351  N N    . LYS A 1 26 ? -8.683  -4.811  11.001  1.00 1.21 ? 26 LYS X N    1 
ATOM 352  C CA   . LYS A 1 26 ? -9.695  -4.692  12.055  1.00 1.55 ? 26 LYS X CA   1 
ATOM 353  C C    . LYS A 1 26 ? -10.505 -5.978  12.211  1.00 1.36 ? 26 LYS X C    1 
ATOM 354  O O    . LYS A 1 26 ? -11.561 -6.120  11.591  1.00 1.14 ? 26 LYS X O    1 
ATOM 355  C CB   . LYS A 1 26 ? -10.657 -3.540  11.740  1.00 2.18 ? 26 LYS X CB   1 
ATOM 356  C CG   . LYS A 1 26 ? -9.991  -2.313  11.137  1.00 3.16 ? 26 LYS X CG   1 
ATOM 357  C CD   . LYS A 1 26 ? -9.183  -1.544  12.169  1.00 4.19 ? 26 LYS X CD   1 
ATOM 358  C CE   . LYS A 1 26 ? -9.256  -0.045  11.924  1.00 5.06 ? 26 LYS X CE   1 
ATOM 359  N NZ   . LYS A 1 26 ? -10.620 0.494   12.184  1.00 5.85 ? 26 LYS X NZ   1 
ATOM 360  H H    . LYS A 1 26 ? -8.960  -4.998  10.080  1.00 1.40 ? 26 LYS X H    1 
ATOM 361  H HA   . LYS A 1 26 ? -9.189  -4.481  12.985  1.00 2.32 ? 26 LYS X HA   1 
ATOM 362  H HB2  . LYS A 1 26 ? -11.403 -3.892  11.044  1.00 2.20 ? 26 LYS X HB2  1 
ATOM 363  H HB3  . LYS A 1 26 ? -11.148 -3.240  12.654  1.00 2.49 ? 26 LYS X HB3  1 
ATOM 364  H HG2  . LYS A 1 26 ? -9.330  -2.632  10.344  1.00 3.40 ? 26 LYS X HG2  1 
ATOM 365  H HG3  . LYS A 1 26 ? -10.754 -1.665  10.731  1.00 3.30 ? 26 LYS X HG3  1 
ATOM 366  H HD2  . LYS A 1 26 ? -9.575  -1.758  13.152  1.00 4.53 ? 26 LYS X HD2  1 
ATOM 367  H HD3  . LYS A 1 26 ? -8.151  -1.859  12.114  1.00 4.37 ? 26 LYS X HD3  1 
ATOM 368  H HE2  . LYS A 1 26 ? -8.552  0.448   12.578  1.00 5.25 ? 26 LYS X HE2  1 
ATOM 369  H HE3  . LYS A 1 26 ? -8.990  0.152   10.895  1.00 5.30 ? 26 LYS X HE3  1 
ATOM 370  H HZ1  . LYS A 1 26 ? -11.336 -0.232  11.985  1.00 6.19 ? 26 LYS X HZ1  1 
ATOM 371  H HZ2  . LYS A 1 26 ? -10.801 1.319   11.577  1.00 6.16 ? 26 LYS X HZ2  1 
ATOM 372  H HZ3  . LYS A 1 26 ? -10.705 0.785   13.179  1.00 6.07 ? 26 LYS X HZ3  1 
ATOM 373  N N    . GLU A 1 27 ? -10.036 -6.917  13.036  1.00 2.30 ? 27 GLU X N    1 
ATOM 374  C CA   . GLU A 1 27 ? -10.780 -8.165  13.237  1.00 2.89 ? 27 GLU X CA   1 
ATOM 375  C C    . GLU A 1 27 ? -11.421 -8.201  14.610  1.00 2.69 ? 27 GLU X C    1 
ATOM 376  O O    . GLU A 1 27 ? -10.791 -8.645  15.566  1.00 3.11 ? 27 GLU X O    1 
ATOM 377  C CB   . GLU A 1 27 ? -9.855  -9.374  13.073  1.00 4.16 ? 27 GLU X CB   1 
ATOM 378  C CG   . GLU A 1 27 ? -10.604 -10.697 12.998  1.00 4.98 ? 27 GLU X CG   1 
ATOM 379  C CD   . GLU A 1 27 ? -10.114 -11.600 11.880  1.00 6.16 ? 27 GLU X CD   1 
ATOM 380  O OE1  . GLU A 1 27 ? -9.118  -11.244 11.216  1.00 6.69 ? 27 GLU X OE1  1 
ATOM 381  O OE2  . GLU A 1 27 ? -10.730 -12.665 11.668  1.00 6.77 ? 27 GLU X OE2  1 
ATOM 382  H H    . GLU A 1 27 ? -9.195  -6.767  13.517  1.00 2.84 ? 27 GLU X H    1 
ATOM 383  H HA   . GLU A 1 27 ? -11.557 -8.214  12.489  1.00 2.94 ? 27 GLU X HA   1 
ATOM 384  H HB2  . GLU A 1 27 ? -9.274  -9.256  12.174  1.00 4.40 ? 27 GLU X HB2  1 
ATOM 385  H HB3  . GLU A 1 27 ? -9.185  -9.414  13.918  1.00 4.48 ? 27 GLU X HB3  1 
ATOM 386  H HG2  . GLU A 1 27 ? -10.480 -11.217 13.936  1.00 4.93 ? 27 GLU X HG2  1 
ATOM 387  H HG3  . GLU A 1 27 ? -11.653 -10.491 12.841  1.00 5.01 ? 27 GLU X HG3  1 
ATOM 388  N N    . GLY A 1 28 ? -12.679 -7.768  14.694  1.00 2.44 ? 28 GLY X N    1 
ATOM 389  C CA   . GLY A 1 28 ? -13.426 -7.758  15.959  1.00 2.37 ? 28 GLY X CA   1 
ATOM 390  C C    . GLY A 1 28 ? -12.814 -6.870  17.052  1.00 2.04 ? 28 GLY X C    1 
ATOM 391  O O    . GLY A 1 28 ? -13.505 -6.033  17.634  1.00 2.20 ? 28 GLY X O    1 
ATOM 392  H H    . GLY A 1 28 ? -13.120 -7.452  13.876  1.00 2.62 ? 28 GLY X H    1 
ATOM 393  H HA2  . GLY A 1 28 ? -14.429 -7.411  15.762  1.00 2.52 ? 28 GLY X HA2  1 
ATOM 394  H HA3  . GLY A 1 28 ? -13.482 -8.771  16.330  1.00 2.73 ? 28 GLY X HA3  1 
ATOM 395  N N    . SER A 1 29 ? -11.525 -7.053  17.322  1.00 1.87 ? 29 SER X N    1 
ATOM 396  C CA   . SER A 1 29 ? -10.798 -6.291  18.322  1.00 1.92 ? 29 SER X CA   1 
ATOM 397  C C    . SER A 1 29 ? -9.519  -5.745  17.696  1.00 1.64 ? 29 SER X C    1 
ATOM 398  O O    . SER A 1 29 ? -9.168  -6.114  16.576  1.00 1.48 ? 29 SER X O    1 
ATOM 399  C CB   . SER A 1 29 ? -10.460 -7.174  19.526  1.00 2.51 ? 29 SER X CB   1 
ATOM 400  O OG   . SER A 1 29 ? -11.410 -8.214  19.678  1.00 3.00 ? 29 SER X OG   1 
ATOM 401  H H    . SER A 1 29 ? -11.039 -7.731  16.834  1.00 1.93 ? 29 SER X H    1 
ATOM 402  H HA   . SER A 1 29 ? -11.419 -5.467  18.641  1.00 2.14 ? 29 SER X HA   1 
ATOM 403  H HB2  . SER A 1 29 ? -9.483  -7.613  19.385  1.00 3.15 ? 29 SER X HB2  1 
ATOM 404  H HB3  . SER A 1 29 ? -10.458 -6.570  20.422  1.00 2.59 ? 29 SER X HB3  1 
ATOM 405  H HG   . SER A 1 29 ? -11.180 -8.944  19.098  1.00 3.32 ? 29 SER X HG   1 
ATOM 406  N N    . LEU A 1 30 ? -8.830  -4.857  18.401  1.00 2.00 ? 30 LEU X N    1 
ATOM 407  C CA   . LEU A 1 30 ? -7.602  -4.264  17.875  1.00 2.10 ? 30 LEU X CA   1 
ATOM 408  C C    . LEU A 1 30 ? -6.569  -5.349  17.536  1.00 1.70 ? 30 LEU X C    1 
ATOM 409  O O    . LEU A 1 30 ? -6.424  -6.325  18.273  1.00 1.83 ? 30 LEU X O    1 
ATOM 410  C CB   . LEU A 1 30 ? -7.009  -3.287  18.894  1.00 2.88 ? 30 LEU X CB   1 
ATOM 411  C CG   . LEU A 1 30 ? -8.029  -2.382  19.595  1.00 3.48 ? 30 LEU X CG   1 
ATOM 412  C CD1  . LEU A 1 30 ? -8.380  -2.937  20.969  1.00 3.94 ? 30 LEU X CD1  1 
ATOM 413  C CD2  . LEU A 1 30 ? -7.497  -0.961  19.717  1.00 4.02 ? 30 LEU X CD2  1 
ATOM 414  H H    . LEU A 1 30 ? -9.158  -4.586  19.283  1.00 2.41 ? 30 LEU X H    1 
ATOM 415  H HA   . LEU A 1 30 ? -7.857  -3.725  16.976  1.00 2.16 ? 30 LEU X HA   1 
ATOM 416  H HB2  . LEU A 1 30 ? -6.485  -3.860  19.646  1.00 3.06 ? 30 LEU X HB2  1 
ATOM 417  H HB3  . LEU A 1 30 ? -6.294  -2.660  18.381  1.00 3.02 ? 30 LEU X HB3  1 
ATOM 418  H HG   . LEU A 1 30 ? -8.935  -2.351  19.008  1.00 3.59 ? 30 LEU X HG   1 
ATOM 419  H HD11 . LEU A 1 30 ? -7.789  -2.436  21.722  1.00 4.22 ? 30 LEU X HD11 1 
ATOM 420  H HD12 . LEU A 1 30 ? -8.172  -3.996  20.994  1.00 4.21 ? 30 LEU X HD12 1 
ATOM 421  H HD13 . LEU A 1 30 ? -9.429  -2.771  21.166  1.00 4.25 ? 30 LEU X HD13 1 
ATOM 422  H HD21 . LEU A 1 30 ? -6.763  -0.784  18.944  1.00 4.11 ? 30 LEU X HD21 1 
ATOM 423  H HD22 . LEU A 1 30 ? -7.037  -0.830  20.686  1.00 4.48 ? 30 LEU X HD22 1 
ATOM 424  H HD23 . LEU A 1 30 ? -8.311  -0.261  19.607  1.00 4.30 ? 30 LEU X HD23 1 
ATOM 425  N N    . PRO A 1 31 ? -5.844  -5.203  16.400  1.00 1.55 ? 31 PRO X N    1 
ATOM 426  C CA   . PRO A 1 31 ? -4.839  -6.187  15.966  1.00 1.41 ? 31 PRO X CA   1 
ATOM 427  C C    . PRO A 1 31 ? -3.628  -6.252  16.892  1.00 1.33 ? 31 PRO X C    1 
ATOM 428  O O    . PRO A 1 31 ? -3.462  -5.411  17.776  1.00 1.49 ? 31 PRO X O    1 
ATOM 429  C CB   . PRO A 1 31 ? -4.418  -5.685  14.582  1.00 1.73 ? 31 PRO X CB   1 
ATOM 430  C CG   . PRO A 1 31 ? -4.725  -4.230  14.596  1.00 2.02 ? 31 PRO X CG   1 
ATOM 431  C CD   . PRO A 1 31 ? -5.955  -4.081  15.444  1.00 1.91 ? 31 PRO X CD   1 
ATOM 432  H HA   . PRO A 1 31 ? -5.269  -7.172  15.876  1.00 1.47 ? 31 PRO X HA   1 
ATOM 433  H HB2  . PRO A 1 31 ? -3.363  -5.866  14.436  1.00 1.86 ? 31 PRO X HB2  1 
ATOM 434  H HB3  . PRO A 1 31 ? -4.985  -6.201  13.821  1.00 1.92 ? 31 PRO X HB3  1 
ATOM 435  H HG2  . PRO A 1 31 ? -3.901  -3.683  15.030  1.00 2.29 ? 31 PRO X HG2  1 
ATOM 436  H HG3  . PRO A 1 31 ? -4.920  -3.883  13.591  1.00 2.33 ? 31 PRO X HG3  1 
ATOM 437  H HD2  . PRO A 1 31 ? -5.946  -3.132  15.959  1.00 2.26 ? 31 PRO X HD2  1 
ATOM 438  H HD3  . PRO A 1 31 ? -6.845  -4.178  14.839  1.00 2.03 ? 31 PRO X HD3  1 
ATOM 439  N N    . LEU A 1 32 ? -2.779  -7.257  16.676  1.00 1.21 ? 32 LEU X N    1 
ATOM 440  C CA   . LEU A 1 32 ? -1.578  -7.434  17.485  1.00 1.20 ? 32 LEU X CA   1 
ATOM 441  C C    . LEU A 1 32 ? -0.347  -6.872  16.779  1.00 1.07 ? 32 LEU X C    1 
ATOM 442  O O    . LEU A 1 32 ? 0.310   -5.965  17.290  1.00 1.16 ? 32 LEU X O    1 
ATOM 443  C CB   . LEU A 1 32 ? -1.362  -8.915  17.813  1.00 1.27 ? 32 LEU X CB   1 
ATOM 444  C CG   . LEU A 1 32 ? -1.922  -9.364  19.162  1.00 1.50 ? 32 LEU X CG   1 
ATOM 445  C CD1  . LEU A 1 32 ? -1.638  -10.841 19.392  1.00 1.97 ? 32 LEU X CD1  1 
ATOM 446  C CD2  . LEU A 1 32 ? -1.329  -8.526  20.284  1.00 2.01 ? 32 LEU X CD2  1 
ATOM 447  H H    . LEU A 1 32 ? -2.966  -7.892  15.953  1.00 1.22 ? 32 LEU X H    1 
ATOM 448  H HA   . LEU A 1 32 ? -1.721  -6.891  18.405  1.00 1.34 ? 32 LEU X HA   1 
ATOM 449  H HB2  . LEU A 1 32 ? -1.832  -9.505  17.038  1.00 1.23 ? 32 LEU X HB2  1 
ATOM 450  H HB3  . LEU A 1 32 ? -0.301  -9.119  17.804  1.00 1.31 ? 32 LEU X HB3  1 
ATOM 451  H HG   . LEU A 1 32 ? -2.993  -9.224  19.168  1.00 1.75 ? 32 LEU X HG   1 
ATOM 452  H HD11 . LEU A 1 32 ? -2.387  -11.254 20.052  1.00 2.34 ? 32 LEU X HD11 1 
ATOM 453  H HD12 . LEU A 1 32 ? -0.662  -10.954 19.839  1.00 2.47 ? 32 LEU X HD12 1 
ATOM 454  H HD13 . LEU A 1 32 ? -1.664  -11.364 18.447  1.00 2.34 ? 32 LEU X HD13 1 
ATOM 455  H HD21 . LEU A 1 32 ? -1.214  -9.135  21.168  1.00 2.52 ? 32 LEU X HD21 1 
ATOM 456  H HD22 . LEU A 1 32 ? -1.987  -7.697  20.501  1.00 2.29 ? 32 LEU X HD22 1 
ATOM 457  H HD23 . LEU A 1 32 ? -0.364  -8.147  19.979  1.00 2.44 ? 32 LEU X HD23 1 
ATOM 458  N N    . GLN A 1 33 ? -0.035  -7.416  15.608  1.00 0.94 ? 33 GLN X N    1 
ATOM 459  C CA   . GLN A 1 33 ? 1.122   -6.961  14.848  1.00 0.93 ? 33 GLN X CA   1 
ATOM 460  C C    . GLN A 1 33 ? 0.868   -7.059  13.347  1.00 0.80 ? 33 GLN X C    1 
ATOM 461  O O    . GLN A 1 33 ? 0.205   -7.984  12.878  1.00 0.77 ? 33 GLN X O    1 
ATOM 462  C CB   . GLN A 1 33 ? 2.353   -7.788  15.231  1.00 1.04 ? 33 GLN X CB   1 
ATOM 463  C CG   . GLN A 1 33 ? 2.231   -9.260  14.875  1.00 1.07 ? 33 GLN X CG   1 
ATOM 464  C CD   . GLN A 1 33 ? 3.160   -10.140 15.689  1.00 1.35 ? 33 GLN X CD   1 
ATOM 465  O OE1  . GLN A 1 33 ? 3.390   -9.890  16.873  1.00 1.59 ? 33 GLN X OE1  1 
ATOM 466  N NE2  . GLN A 1 33 ? 3.696   -11.180 15.061  1.00 1.77 ? 33 GLN X NE2  1 
ATOM 467  H H    . GLN A 1 33 ? -0.595  -8.139  15.249  1.00 0.92 ? 33 GLN X H    1 
ATOM 468  H HA   . GLN A 1 33 ? 1.302   -5.928  15.104  1.00 1.05 ? 33 GLN X HA   1 
ATOM 469  H HB2  . GLN A 1 33 ? 3.216   -7.387  14.720  1.00 1.12 ? 33 GLN X HB2  1 
ATOM 470  H HB3  . GLN A 1 33 ? 2.508   -7.709  16.297  1.00 1.17 ? 33 GLN X HB3  1 
ATOM 471  H HG2  . GLN A 1 33 ? 1.214   -9.578  15.048  1.00 1.06 ? 33 GLN X HG2  1 
ATOM 472  H HG3  . GLN A 1 33 ? 2.473   -9.381  13.830  1.00 1.09 ? 33 GLN X HG3  1 
ATOM 473  H HE21 . GLN A 1 33 ? 3.465   -11.320 14.118  1.00 2.04 ? 33 GLN X HE21 1 
ATOM 474  H HE22 . GLN A 1 33 ? 4.298   -11.766 15.564  1.00 1.98 ? 33 GLN X HE22 1 
ATOM 475  N N    . TYR A 1 34 ? 1.403   -6.099  12.597  1.00 0.79 ? 34 TYR X N    1 
ATOM 476  C CA   . TYR A 1 34 ? 1.238   -6.079  11.149  1.00 0.73 ? 34 TYR X CA   1 
ATOM 477  C C    . TYR A 1 34 ? 2.304   -5.204  10.491  1.00 0.68 ? 34 TYR X C    1 
ATOM 478  O O    . TYR A 1 34 ? 2.706   -4.180  11.044  1.00 0.69 ? 34 TYR X O    1 
ATOM 479  C CB   . TYR A 1 34 ? -0.165  -5.576  10.786  1.00 0.80 ? 34 TYR X CB   1 
ATOM 480  C CG   . TYR A 1 34 ? -0.400  -4.117  11.111  1.00 0.86 ? 34 TYR X CG   1 
ATOM 481  C CD1  . TYR A 1 34 ? -0.272  -3.636  12.435  1.00 1.49 ? 34 TYR X CD1  1 
ATOM 482  C CD2  . TYR A 1 34 ? -0.759  -3.199  10.097  1.00 1.52 ? 34 TYR X CD2  1 
ATOM 483  C CE1  . TYR A 1 34 ? -0.493  -2.282  12.739  1.00 1.57 ? 34 TYR X CE1  1 
ATOM 484  C CE2  . TYR A 1 34 ? -0.981  -1.843  10.393  1.00 1.63 ? 34 TYR X CE2  1 
ATOM 485  C CZ   . TYR A 1 34 ? -0.846  -1.389  11.714  1.00 1.15 ? 34 TYR X CZ   1 
ATOM 486  O OH   . TYR A 1 34 ? -1.064  -0.062  12.007  1.00 1.35 ? 34 TYR X OH   1 
ATOM 487  H H    . TYR A 1 34 ? 1.923   -5.390  13.029  1.00 0.87 ? 34 TYR X H    1 
ATOM 488  H HA   . TYR A 1 34 ? 1.351   -7.090  10.790  1.00 0.75 ? 34 TYR X HA   1 
ATOM 489  H HB2  . TYR A 1 34 ? -0.323  -5.709  9.727   1.00 0.88 ? 34 TYR X HB2  1 
ATOM 490  H HB3  . TYR A 1 34 ? -0.896  -6.159  11.328  1.00 0.84 ? 34 TYR X HB3  1 
ATOM 491  H HD1  . TYR A 1 34 ? 0.002   -4.325  13.220  1.00 2.29 ? 34 TYR X HD1  1 
ATOM 492  H HD2  . TYR A 1 34 ? -0.862  -3.552  9.082   1.00 2.30 ? 34 TYR X HD2  1 
ATOM 493  H HE1  . TYR A 1 34 ? -0.390  -1.933  13.755  1.00 2.37 ? 34 TYR X HE1  1 
ATOM 494  H HE2  . TYR A 1 34 ? -1.254  -1.156  9.605   1.00 2.46 ? 34 TYR X HE2  1 
ATOM 495  H HH   . TYR A 1 34 ? -1.520  0.009   12.849  1.00 1.56 ? 34 TYR X HH   1 
ATOM 496  N N    . GLU A 1 35 ? 2.760   -5.613  9.311   1.00 0.67 ? 35 GLU X N    1 
ATOM 497  C CA   . GLU A 1 35 ? 3.781   -4.863  8.585   1.00 0.66 ? 35 GLU X CA   1 
ATOM 498  C C    . GLU A 1 35 ? 3.573   -4.977  7.076   1.00 0.66 ? 35 GLU X C    1 
ATOM 499  O O    . GLU A 1 35 ? 3.170   -6.026  6.575   1.00 0.72 ? 35 GLU X O    1 
ATOM 500  C CB   . GLU A 1 35 ? 5.168   -5.383  8.965   1.00 0.70 ? 35 GLU X CB   1 
ATOM 501  C CG   . GLU A 1 35 ? 5.559   -5.070  10.402  1.00 0.73 ? 35 GLU X CG   1 
ATOM 502  C CD   . GLU A 1 35 ? 6.890   -5.682  10.798  1.00 0.87 ? 35 GLU X CD   1 
ATOM 503  O OE1  . GLU A 1 35 ? 7.445   -6.472  10.003  1.00 1.48 ? 35 GLU X OE1  1 
ATOM 504  O OE2  . GLU A 1 35 ? 7.376   -5.377  11.907  1.00 1.40 ? 35 GLU X OE2  1 
ATOM 505  H H    . GLU A 1 35 ? 2.403   -6.438  8.920   1.00 0.69 ? 35 GLU X H    1 
ATOM 506  H HA   . GLU A 1 35 ? 3.701   -3.824  8.873   1.00 0.66 ? 35 GLU X HA   1 
ATOM 507  H HB2  . GLU A 1 35 ? 5.187   -6.455  8.834   1.00 0.73 ? 35 GLU X HB2  1 
ATOM 508  H HB3  . GLU A 1 35 ? 5.899   -4.934  8.310   1.00 0.73 ? 35 GLU X HB3  1 
ATOM 509  H HG2  . GLU A 1 35 ? 5.627   -3.999  10.517  1.00 0.79 ? 35 GLU X HG2  1 
ATOM 510  H HG3  . GLU A 1 35 ? 4.793   -5.454  11.059  1.00 0.77 ? 35 GLU X HG3  1 
ATOM 511  N N    . TRP A 1 36 ? 3.849   -3.893  6.356   1.00 0.68 ? 36 TRP X N    1 
ATOM 512  C CA   . TRP A 1 36 ? 3.691   -3.877  4.901   1.00 0.72 ? 36 TRP X CA   1 
ATOM 513  C C    . TRP A 1 36 ? 4.891   -4.501  4.186   1.00 0.74 ? 36 TRP X C    1 
ATOM 514  O O    . TRP A 1 36 ? 6.004   -4.523  4.712   1.00 0.82 ? 36 TRP X O    1 
ATOM 515  C CB   . TRP A 1 36 ? 3.512   -2.446  4.394   1.00 0.87 ? 36 TRP X CB   1 
ATOM 516  C CG   . TRP A 1 36 ? 2.161   -1.861  4.663   1.00 0.71 ? 36 TRP X CG   1 
ATOM 517  C CD1  . TRP A 1 36 ? 1.331   -2.144  5.713   1.00 0.71 ? 36 TRP X CD1  1 
ATOM 518  C CD2  . TRP A 1 36 ? 1.488   -0.884  3.866   1.00 0.77 ? 36 TRP X CD2  1 
ATOM 519  N NE1  . TRP A 1 36 ? 0.184   -1.386  5.632   1.00 0.84 ? 36 TRP X NE1  1 
ATOM 520  C CE2  . TRP A 1 36 ? 0.244   -0.609  4.504   1.00 0.87 ? 36 TRP X CE2  1 
ATOM 521  C CE3  . TRP A 1 36 ? 1.811   -0.200  2.664   1.00 0.90 ? 36 TRP X CE3  1 
ATOM 522  C CZ2  . TRP A 1 36 ? -0.680  0.326   3.978   1.00 1.09 ? 36 TRP X CZ2  1 
ATOM 523  C CZ3  . TRP A 1 36 ? 0.894   0.726   2.140   1.00 1.05 ? 36 TRP X CZ3  1 
ATOM 524  C CH2  . TRP A 1 36 ? -0.341  0.981   2.798   1.00 1.15 ? 36 TRP X CH2  1 
ATOM 525  H H    . TRP A 1 36 ? 4.163   -3.083  6.814   1.00 0.70 ? 36 TRP X H    1 
ATOM 526  H HA   . TRP A 1 36 ? 2.806   -4.445  4.657   1.00 0.73 ? 36 TRP X HA   1 
ATOM 527  H HB2  . TRP A 1 36 ? 4.245   -1.812  4.869   1.00 1.01 ? 36 TRP X HB2  1 
ATOM 528  H HB3  . TRP A 1 36 ? 3.672   -2.431  3.328   1.00 1.18 ? 36 TRP X HB3  1 
ATOM 529  H HD1  . TRP A 1 36 ? 1.562   -2.850  6.496   1.00 0.75 ? 36 TRP X HD1  1 
ATOM 530  H HE1  . TRP A 1 36 ? -0.556  -1.407  6.272   1.00 0.97 ? 36 TRP X HE1  1 
ATOM 531  H HE3  . TRP A 1 36 ? 2.744   -0.383  2.151   1.00 0.97 ? 36 TRP X HE3  1 
ATOM 532  H HZ2  . TRP A 1 36 ? -1.621  0.532   4.465   1.00 1.26 ? 36 TRP X HZ2  1 
ATOM 533  H HZ3  . TRP A 1 36 ? 1.122   1.253   1.226   1.00 1.17 ? 36 TRP X HZ3  1 
ATOM 534  H HH2  . TRP A 1 36 ? -1.021  1.698   2.364   1.00 1.34 ? 36 TRP X HH2  1 
ATOM 535  N N    . GLN A 1 37 ? 4.652   -4.972  2.963   1.00 0.76 ? 37 GLN X N    1 
ATOM 536  C CA   . GLN A 1 37 ? 5.696   -5.562  2.127   1.00 0.84 ? 37 GLN X CA   1 
ATOM 537  C C    . GLN A 1 37 ? 5.433   -5.199  0.672   1.00 0.91 ? 37 GLN X C    1 
ATOM 538  O O    . GLN A 1 37 ? 4.305   -5.309  0.205   1.00 1.04 ? 37 GLN X O    1 
ATOM 539  C CB   . GLN A 1 37 ? 5.751   -7.080  2.295   1.00 0.86 ? 37 GLN X CB   1 
ATOM 540  C CG   . GLN A 1 37 ? 6.374   -7.523  3.608   1.00 1.15 ? 37 GLN X CG   1 
ATOM 541  C CD   . GLN A 1 37 ? 6.478   -9.030  3.726   1.00 1.48 ? 37 GLN X CD   1 
ATOM 542  O OE1  . GLN A 1 37 ? 5.747   -9.769  3.065   1.00 1.93 ? 37 GLN X OE1  1 
ATOM 543  N NE2  . GLN A 1 37 ? 7.395   -9.495  4.567   1.00 2.10 ? 37 GLN X NE2  1 
ATOM 544  H H    . GLN A 1 37 ? 3.745   -4.894  2.597   1.00 0.78 ? 37 GLN X H    1 
ATOM 545  H HA   . GLN A 1 37 ? 6.642   -5.134  2.427   1.00 0.96 ? 37 GLN X HA   1 
ATOM 546  H HB2  . GLN A 1 37 ? 4.746   -7.472  2.249   1.00 0.94 ? 37 GLN X HB2  1 
ATOM 547  H HB3  . GLN A 1 37 ? 6.330   -7.501  1.486   1.00 1.10 ? 37 GLN X HB3  1 
ATOM 548  H HG2  . GLN A 1 37 ? 7.366   -7.102  3.681   1.00 1.58 ? 37 GLN X HG2  1 
ATOM 549  H HG3  . GLN A 1 37 ? 5.767   -7.154  4.422   1.00 1.56 ? 37 GLN X HG3  1 
ATOM 550  H HE21 . GLN A 1 37 ? 7.943   -8.846  5.057   1.00 2.41 ? 37 GLN X HE21 1 
ATOM 551  H HE22 . GLN A 1 37 ? 7.488   -10.465 4.661   1.00 2.52 ? 37 GLN X HE22 1 
ATOM 552  N N    . LYS A 1 38 ? 6.456   -4.736  -0.044  1.00 0.97 ? 38 LYS X N    1 
ATOM 553  C CA   . LYS A 1 38 ? 6.263   -4.333  -1.440  1.00 1.09 ? 38 LYS X CA   1 
ATOM 554  C C    . LYS A 1 38 ? 7.482   -4.639  -2.300  1.00 0.97 ? 38 LYS X C    1 
ATOM 555  O O    . LYS A 1 38 ? 8.581   -4.857  -1.790  1.00 1.20 ? 38 LYS X O    1 
ATOM 556  C CB   . LYS A 1 38 ? 5.966   -2.829  -1.537  1.00 1.54 ? 38 LYS X CB   1 
ATOM 557  C CG   . LYS A 1 38 ? 5.313   -2.225  -0.302  1.00 1.90 ? 38 LYS X CG   1 
ATOM 558  C CD   . LYS A 1 38 ? 6.356   -1.862  0.742   1.00 2.61 ? 38 LYS X CD   1 
ATOM 559  C CE   . LYS A 1 38 ? 5.744   -1.734  2.126   1.00 3.25 ? 38 LYS X CE   1 
ATOM 560  N NZ   . LYS A 1 38 ? 6.711   -1.171  3.108   1.00 3.97 ? 38 LYS X NZ   1 
ATOM 561  H H    . LYS A 1 38 ? 7.338   -4.640  0.373   1.00 1.02 ? 38 LYS X H    1 
ATOM 562  H HA   . LYS A 1 38 ? 5.418   -4.880  -1.829  1.00 1.17 ? 38 LYS X HA   1 
ATOM 563  H HB2  . LYS A 1 38 ? 6.893   -2.302  -1.712  1.00 1.71 ? 38 LYS X HB2  1 
ATOM 564  H HB3  . LYS A 1 38 ? 5.313   -2.662  -2.378  1.00 1.69 ? 38 LYS X HB3  1 
ATOM 565  H HG2  . LYS A 1 38 ? 4.783   -1.335  -0.589  1.00 2.20 ? 38 LYS X HG2  1 
ATOM 566  H HG3  . LYS A 1 38 ? 4.622   -2.938  0.119   1.00 1.92 ? 38 LYS X HG3  1 
ATOM 567  H HD2  . LYS A 1 38 ? 7.112   -2.632  0.765   1.00 2.86 ? 38 LYS X HD2  1 
ATOM 568  H HD3  . LYS A 1 38 ? 6.808   -0.919  0.471   1.00 3.01 ? 38 LYS X HD3  1 
ATOM 569  H HE2  . LYS A 1 38 ? 4.882   -1.086  2.068   1.00 3.58 ? 38 LYS X HE2  1 
ATOM 570  H HE3  . LYS A 1 38 ? 5.435   -2.715  2.459   1.00 3.44 ? 38 LYS X HE3  1 
ATOM 571  H HZ1  . LYS A 1 38 ? 7.686   -1.364  2.801   1.00 4.30 ? 38 LYS X HZ1  1 
ATOM 572  H HZ2  . LYS A 1 38 ? 6.562   -1.600  4.044   1.00 4.25 ? 38 LYS X HZ2  1 
ATOM 573  H HZ3  . LYS A 1 38 ? 6.581   -0.141  3.187   1.00 4.37 ? 38 LYS X HZ3  1 
ATOM 574  N N    . LEU A 1 39 ? 7.283   -4.583  -3.615  1.00 0.86 ? 39 LEU X N    1 
ATOM 575  C CA   . LEU A 1 39 ? 8.345   -4.778  -4.561  1.00 0.94 ? 39 LEU X CA   1 
ATOM 576  C C    . LEU A 1 39 ? 8.227   -3.671  -5.583  1.00 1.07 ? 39 LEU X C    1 
ATOM 577  O O    . LEU A 1 39 ? 7.423   -3.745  -6.513  1.00 1.14 ? 39 LEU X O    1 
ATOM 578  C CB   . LEU A 1 39 ? 8.232   -6.139  -5.243  1.00 1.12 ? 39 LEU X CB   1 
ATOM 579  C CG   . LEU A 1 39 ? 8.185   -7.340  -4.296  1.00 1.25 ? 39 LEU X CG   1 
ATOM 580  C CD1  . LEU A 1 39 ? 8.012   -8.630  -5.083  1.00 1.81 ? 39 LEU X CD1  1 
ATOM 581  C CD2  . LEU A 1 39 ? 9.443   -7.401  -3.444  1.00 1.55 ? 39 LEU X CD2  1 
ATOM 582  H H    . LEU A 1 39 ? 6.406   -4.338  -3.962  1.00 0.92 ? 39 LEU X H    1 
ATOM 583  H HA   . LEU A 1 39 ? 9.291   -4.698  -4.045  1.00 1.03 ? 39 LEU X HA   1 
ATOM 584  H HB2  . LEU A 1 39 ? 7.335   -6.143  -5.844  1.00 1.18 ? 39 LEU X HB2  1 
ATOM 585  H HB3  . LEU A 1 39 ? 9.083   -6.258  -5.896  1.00 1.34 ? 39 LEU X HB3  1 
ATOM 586  H HG   . LEU A 1 39 ? 7.337   -7.236  -3.636  1.00 1.33 ? 39 LEU X HG   1 
ATOM 587  H HD11 . LEU A 1 39 ? 8.494   -9.440  -4.556  1.00 2.13 ? 39 LEU X HD11 1 
ATOM 588  H HD12 . LEU A 1 39 ? 8.457   -8.518  -6.060  1.00 2.34 ? 39 LEU X HD12 1 
ATOM 589  H HD13 . LEU A 1 39 ? 6.959   -8.847  -5.189  1.00 2.19 ? 39 LEU X HD13 1 
ATOM 590  H HD21 . LEU A 1 39 ? 9.289   -6.842  -2.533  1.00 1.98 ? 39 LEU X HD21 1 
ATOM 591  H HD22 . LEU A 1 39 ? 10.271  -6.975  -3.992  1.00 2.03 ? 39 LEU X HD22 1 
ATOM 592  H HD23 . LEU A 1 39 ? 9.664   -8.430  -3.201  1.00 1.86 ? 39 LEU X HD23 1 
ATOM 593  N N    . SER A 1 40 ? 9.014   -2.640  -5.390  1.00 1.28 ? 40 SER X N    1 
ATOM 594  C CA   . SER A 1 40 ? 8.993   -1.499  -6.275  1.00 1.56 ? 40 SER X CA   1 
ATOM 595  C C    . SER A 1 40 ? 10.402  -1.028  -6.547  1.00 1.81 ? 40 SER X C    1 
ATOM 596  O O    . SER A 1 40 ? 11.155  -0.741  -5.634  1.00 2.23 ? 40 SER X O    1 
ATOM 597  C CB   . SER A 1 40 ? 8.164   -0.363  -5.667  1.00 1.98 ? 40 SER X CB   1 
ATOM 598  O OG   . SER A 1 40 ? 6.784   -0.689  -5.655  1.00 2.47 ? 40 SER X OG   1 
ATOM 599  H H    . SER A 1 40 ? 9.615   -2.642  -4.619  1.00 1.34 ? 40 SER X H    1 
ATOM 600  H HA   . SER A 1 40 ? 8.540   -1.805  -7.207  1.00 1.72 ? 40 SER X HA   1 
ATOM 601  H HB2  . SER A 1 40 ? 8.487   -0.187  -4.653  1.00 2.51 ? 40 SER X HB2  1 
ATOM 602  H HB3  . SER A 1 40 ? 8.304   0.534   -6.251  1.00 2.22 ? 40 SER X HB3  1 
ATOM 603  H HG   . SER A 1 40 ? 6.268   0.093   -5.863  1.00 2.76 ? 40 SER X HG   1 
ATOM 604  N N    . ASP A 1 41 ? 10.751  -0.957  -7.813  1.00 2.27 ? 41 ASP X N    1 
ATOM 605  C CA   . ASP A 1 41 ? 12.096  -0.524  -8.227  1.00 2.97 ? 41 ASP X CA   1 
ATOM 606  C C    . ASP A 1 41 ? 12.553  0.735   -7.467  1.00 2.57 ? 41 ASP X C    1 
ATOM 607  O O    . ASP A 1 41 ? 13.747  0.950   -7.258  1.00 2.97 ? 41 ASP X O    1 
ATOM 608  C CB   . ASP A 1 41 ? 12.115  -0.258  -9.732  1.00 4.15 ? 41 ASP X CB   1 
ATOM 609  C CG   . ASP A 1 41 ? 11.676  -1.468  -10.533 1.00 4.94 ? 41 ASP X CG   1 
ATOM 610  O OD1  . ASP A 1 41 ? 12.156  -2.582  -10.239 1.00 5.42 ? 41 ASP X OD1  1 
ATOM 611  O OD2  . ASP A 1 41 ? 10.847  -1.301  -11.453 1.00 5.37 ? 41 ASP X OD2  1 
ATOM 612  H H    . ASP A 1 41 ? 10.090  -1.217  -8.489  1.00 2.50 ? 41 ASP X H    1 
ATOM 613  H HA   . ASP A 1 41 ? 12.782  -1.328  -8.006  1.00 3.30 ? 41 ASP X HA   1 
ATOM 614  H HB2  . ASP A 1 41 ? 11.450  0.562   -9.956  1.00 4.19 ? 41 ASP X HB2  1 
ATOM 615  H HB3  . ASP A 1 41 ? 13.119  0.004   -10.031 1.00 4.63 ? 41 ASP X HB3  1 
ATOM 616  N N    . SER A 1 42 ? 11.584  1.547   -7.051  1.00 2.27 ? 42 SER X N    1 
ATOM 617  C CA   . SER A 1 42 ? 11.839  2.779   -6.301  1.00 2.63 ? 42 SER X CA   1 
ATOM 618  C C    . SER A 1 42 ? 11.859  2.550   -4.786  1.00 2.46 ? 42 SER X C    1 
ATOM 619  O O    . SER A 1 42 ? 11.718  3.503   -4.024  1.00 3.12 ? 42 SER X O    1 
ATOM 620  C CB   . SER A 1 42 ? 10.808  3.840   -6.623  1.00 3.25 ? 42 SER X CB   1 
ATOM 621  O OG   . SER A 1 42 ? 11.068  4.448   -7.876  1.00 3.95 ? 42 SER X OG   1 
ATOM 622  H H    . SER A 1 42 ? 10.655  1.309   -7.249  1.00 2.22 ? 42 SER X H    1 
ATOM 623  H HA   . SER A 1 42 ? 12.811  3.143   -6.601  1.00 3.18 ? 42 SER X HA   1 
ATOM 624  H HB2  . SER A 1 42 ? 9.829   3.389   -6.646  1.00 3.19 ? 42 SER X HB2  1 
ATOM 625  H HB3  . SER A 1 42 ? 10.842  4.596   -5.852  1.00 3.65 ? 42 SER X HB3  1 
ATOM 626  H HG   . SER A 1 42 ? 10.239  4.607   -8.333  1.00 4.30 ? 42 SER X HG   1 
ATOM 627  N N    . GLN A 1 43 ? 11.966  1.285   -4.371  1.00 2.18 ? 43 GLN X N    1 
ATOM 628  C CA   . GLN A 1 43 ? 11.957  0.851   -2.957  1.00 2.95 ? 43 GLN X CA   1 
ATOM 629  C C    . GLN A 1 43 ? 12.616  1.806   -1.936  1.00 2.58 ? 43 GLN X C    1 
ATOM 630  O O    . GLN A 1 43 ? 12.445  1.589   -0.735  1.00 3.42 ? 43 GLN X O    1 
ATOM 631  C CB   . GLN A 1 43 ? 12.647  -0.515  -2.846  1.00 3.82 ? 43 GLN X CB   1 
ATOM 632  C CG   . GLN A 1 43 ? 11.729  -1.700  -3.110  1.00 4.56 ? 43 GLN X CG   1 
ATOM 633  C CD   . GLN A 1 43 ? 12.377  -2.769  -3.979  1.00 5.56 ? 43 GLN X CD   1 
ATOM 634  O OE1  . GLN A 1 43 ? 12.301  -3.958  -3.673  1.00 6.00 ? 43 GLN X OE1  1 
ATOM 635  N NE2  . GLN A 1 43 ? 13.020  -2.354  -5.067  1.00 6.22 ? 43 GLN X NE2  1 
ATOM 636  H H    . GLN A 1 43 ? 12.026  0.587   -5.050  1.00 1.93 ? 43 GLN X H    1 
ATOM 637  H HA   . GLN A 1 43 ? 10.925  0.721   -2.673  1.00 3.66 ? 43 GLN X HA   1 
ATOM 638  H HB2  . GLN A 1 43 ? 13.461  -0.552  -3.552  1.00 3.56 ? 43 GLN X HB2  1 
ATOM 639  H HB3  . GLN A 1 43 ? 13.049  -0.622  -1.849  1.00 4.52 ? 43 GLN X HB3  1 
ATOM 640  H HG2  . GLN A 1 43 ? 11.472  -2.148  -2.163  1.00 5.04 ? 43 GLN X HG2  1 
ATOM 641  H HG3  . GLN A 1 43 ? 10.831  -1.352  -3.591  1.00 4.17 ? 43 GLN X HG3  1 
ATOM 642  H HE21 . GLN A 1 43 ? 13.042  -1.392  -5.256  1.00 6.10 ? 43 GLN X HE21 1 
ATOM 643  H HE22 . GLN A 1 43 ? 13.443  -3.027  -5.640  1.00 6.95 ? 43 GLN X HE22 1 
ATOM 644  N N    . LYS A 1 44 ? 13.365  2.832   -2.355  1.00 1.69 ? 44 LYS X N    1 
ATOM 645  C CA   . LYS A 1 44 ? 13.995  3.715   -1.382  1.00 1.81 ? 44 LYS X CA   1 
ATOM 646  C C    . LYS A 1 44 ? 12.957  4.653   -0.776  1.00 1.30 ? 44 LYS X C    1 
ATOM 647  O O    . LYS A 1 44 ? 12.660  5.718   -1.316  1.00 1.50 ? 44 LYS X O    1 
ATOM 648  C CB   . LYS A 1 44 ? 15.079  4.537   -2.068  1.00 2.58 ? 44 LYS X CB   1 
ATOM 649  C CG   . LYS A 1 44 ? 16.088  3.695   -2.828  1.00 3.57 ? 44 LYS X CG   1 
ATOM 650  C CD   . LYS A 1 44 ? 16.904  4.540   -3.790  1.00 4.69 ? 44 LYS X CD   1 
ATOM 651  C CE   . LYS A 1 44 ? 17.780  3.678   -4.682  1.00 5.74 ? 44 LYS X CE   1 
ATOM 652  N NZ   . LYS A 1 44 ? 18.833  2.969   -3.905  1.00 6.65 ? 44 LYS X NZ   1 
ATOM 653  H H    . LYS A 1 44 ? 13.508  2.988   -3.306  1.00 1.48 ? 44 LYS X H    1 
ATOM 654  H HA   . LYS A 1 44 ? 14.435  3.111   -0.603  1.00 2.56 ? 44 LYS X HA   1 
ATOM 655  H HB2  . LYS A 1 44 ? 14.612  5.219   -2.761  1.00 2.58 ? 44 LYS X HB2  1 
ATOM 656  H HB3  . LYS A 1 44 ? 15.607  5.104   -1.316  1.00 2.95 ? 44 LYS X HB3  1 
ATOM 657  H HG2  . LYS A 1 44 ? 16.757  3.225   -2.121  1.00 3.95 ? 44 LYS X HG2  1 
ATOM 658  H HG3  . LYS A 1 44 ? 15.561  2.935   -3.388  1.00 3.46 ? 44 LYS X HG3  1 
ATOM 659  H HD2  . LYS A 1 44 ? 16.229  5.112   -4.411  1.00 4.84 ? 44 LYS X HD2  1 
ATOM 660  H HD3  . LYS A 1 44 ? 17.531  5.212   -3.223  1.00 4.93 ? 44 LYS X HD3  1 
ATOM 661  H HE2  . LYS A 1 44 ? 17.158  2.946   -5.176  1.00 5.94 ? 44 LYS X HE2  1 
ATOM 662  H HE3  . LYS A 1 44 ? 18.251  4.307   -5.422  1.00 5.95 ? 44 LYS X HE3  1 
ATOM 663  H HZ1  . LYS A 1 44 ? 19.352  2.312   -4.523  1.00 6.92 ? 44 LYS X HZ1  1 
ATOM 664  H HZ2  . LYS A 1 44 ? 18.403  2.430   -3.128  1.00 6.89 ? 44 LYS X HZ2  1 
ATOM 665  H HZ3  . LYS A 1 44 ? 19.504  3.656   -3.505  1.00 7.10 ? 44 LYS X HZ3  1 
ATOM 666  N N    . MET A 1 45 ? 12.426  4.233   0.364   1.00 1.54 ? 45 MET X N    1 
ATOM 667  C CA   . MET A 1 45 ? 11.429  4.997   1.102   1.00 1.50 ? 45 MET X CA   1 
ATOM 668  C C    . MET A 1 45 ? 11.504  4.649   2.588   1.00 1.15 ? 45 MET X C    1 
ATOM 669  O O    . MET A 1 45 ? 10.652  3.927   3.096   1.00 1.10 ? 45 MET X O    1 
ATOM 670  C CB   . MET A 1 45 ? 10.028  4.705   0.558   1.00 2.30 ? 45 MET X CB   1 
ATOM 671  C CG   . MET A 1 45 ? 9.590   5.655   -0.544  1.00 2.93 ? 45 MET X CG   1 
ATOM 672  S SD   . MET A 1 45 ? 7.810   5.611   -0.831  1.00 3.38 ? 45 MET X SD   1 
ATOM 673  C CE   . MET A 1 45 ? 7.465   7.349   -1.093  1.00 3.87 ? 45 MET X CE   1 
ATOM 674  H H    . MET A 1 45 ? 12.728  3.377   0.731   1.00 2.15 ? 45 MET X H    1 
ATOM 675  H HA   . MET A 1 45 ? 11.646  6.047   0.979   1.00 1.64 ? 45 MET X HA   1 
ATOM 676  H HB2  . MET A 1 45 ? 10.011  3.699   0.163   1.00 2.47 ? 45 MET X HB2  1 
ATOM 677  H HB3  . MET A 1 45 ? 9.320   4.775   1.367   1.00 2.51 ? 45 MET X HB3  1 
ATOM 678  H HG2  . MET A 1 45 ? 9.871   6.659   -0.268  1.00 3.15 ? 45 MET X HG2  1 
ATOM 679  H HG3  . MET A 1 45 ? 10.095  5.380   -1.460  1.00 3.28 ? 45 MET X HG3  1 
ATOM 680  H HE1  . MET A 1 45 ? 7.340   7.839   -0.139  1.00 4.23 ? 45 MET X HE1  1 
ATOM 681  H HE2  . MET A 1 45 ? 6.560   7.453   -1.672  1.00 4.11 ? 45 MET X HE2  1 
ATOM 682  H HE3  . MET A 1 45 ? 8.288   7.803   -1.626  1.00 4.14 ? 45 MET X HE3  1 
ATOM 683  N N    . PRO A 1 46 ? 12.528  5.131   3.311   1.00 1.26 ? 46 PRO X N    1 
ATOM 684  C CA   . PRO A 1 46 ? 12.682  4.824   4.736   1.00 1.45 ? 46 PRO X CA   1 
ATOM 685  C C    . PRO A 1 46 ? 11.524  5.341   5.573   1.00 1.46 ? 46 PRO X C    1 
ATOM 686  O O    . PRO A 1 46 ? 10.819  4.567   6.221   1.00 1.37 ? 46 PRO X O    1 
ATOM 687  C CB   . PRO A 1 46 ? 13.988  5.524   5.128   1.00 1.97 ? 46 PRO X CB   1 
ATOM 688  C CG   . PRO A 1 46 ? 14.695  5.783   3.841   1.00 2.04 ? 46 PRO X CG   1 
ATOM 689  C CD   . PRO A 1 46 ? 13.620  5.983   2.812   1.00 1.61 ? 46 PRO X CD   1 
ATOM 690  H HA   . PRO A 1 46 ? 12.776  3.762   4.893   1.00 1.43 ? 46 PRO X HA   1 
ATOM 691  H HB2  . PRO A 1 46 ? 13.763  6.444   5.648   1.00 2.27 ? 46 PRO X HB2  1 
ATOM 692  H HB3  . PRO A 1 46 ? 14.565  4.876   5.771   1.00 2.17 ? 46 PRO X HB3  1 
ATOM 693  H HG2  . PRO A 1 46 ? 15.301  6.673   3.929   1.00 2.45 ? 46 PRO X HG2  1 
ATOM 694  H HG3  . PRO A 1 46 ? 15.310  4.934   3.582   1.00 2.25 ? 46 PRO X HG3  1 
ATOM 695  H HD2  . PRO A 1 46 ? 13.318  7.021   2.776   1.00 1.86 ? 46 PRO X HD2  1 
ATOM 696  H HD3  . PRO A 1 46 ? 13.957  5.651   1.841   1.00 1.59 ? 46 PRO X HD3  1 
ATOM 697  N N    . THR A 1 47 ? 11.324  6.648   5.551   1.00 1.67 ? 47 THR X N    1 
ATOM 698  C CA   . THR A 1 47 ? 10.244  7.259   6.303   1.00 1.80 ? 47 THR X CA   1 
ATOM 699  C C    . THR A 1 47 ? 8.906   6.782   5.773   1.00 1.47 ? 47 THR X C    1 
ATOM 700  O O    . THR A 1 47 ? 7.955   6.595   6.531   1.00 1.41 ? 47 THR X O    1 
ATOM 701  C CB   . THR A 1 47 ? 10.326  8.784   6.229   1.00 2.23 ? 47 THR X CB   1 
ATOM 702  O OG1  . THR A 1 47 ? 10.901  9.199   5.004   1.00 2.23 ? 47 THR X OG1  1 
ATOM 703  C CG2  . THR A 1 47 ? 11.138  9.393   7.352   1.00 2.65 ? 47 THR X CG2  1 
ATOM 704  H H    . THR A 1 47 ? 11.908  7.213   5.009   1.00 1.78 ? 47 THR X H    1 
ATOM 705  H HA   . THR A 1 47 ? 10.340  6.949   7.333   1.00 1.92 ? 47 THR X HA   1 
ATOM 706  H HB   . THR A 1 47 ? 9.327   9.190   6.289   1.00 2.33 ? 47 THR X HB   1 
ATOM 707  H HG1  . THR A 1 47 ? 10.293  9.010   4.285   1.00 2.49 ? 47 THR X HG1  1 
ATOM 708  H HG21 . THR A 1 47 ? 11.710  8.619   7.843   1.00 2.97 ? 47 THR X HG21 1 
ATOM 709  H HG22 . THR A 1 47 ? 10.474  9.857   8.066   1.00 2.93 ? 47 THR X HG22 1 
ATOM 710  H HG23 . THR A 1 47 ? 11.810  10.136  6.950   1.00 2.87 ? 47 THR X HG23 1 
ATOM 711  N N    . SER A 1 48 ? 8.834   6.592   4.459   1.00 1.36 ? 48 SER X N    1 
ATOM 712  C CA   . SER A 1 48 ? 7.599   6.143   3.844   1.00 1.26 ? 48 SER X CA   1 
ATOM 713  C C    . SER A 1 48 ? 7.303   4.693   4.187   1.00 0.91 ? 48 SER X C    1 
ATOM 714  O O    . SER A 1 48 ? 6.155   4.342   4.463   1.00 0.90 ? 48 SER X O    1 
ATOM 715  C CB   . SER A 1 48 ? 7.632   6.346   2.324   1.00 1.46 ? 48 SER X CB   1 
ATOM 716  O OG   . SER A 1 48 ? 8.867   6.900   1.902   1.00 1.87 ? 48 SER X OG   1 
ATOM 717  H H    . SER A 1 48 ? 9.623   6.759   3.898   1.00 1.43 ? 48 SER X H    1 
ATOM 718  H HA   . SER A 1 48 ? 6.817   6.743   4.260   1.00 1.44 ? 48 SER X HA   1 
ATOM 719  H HB2  . SER A 1 48 ? 7.491   5.396   1.828   1.00 1.85 ? 48 SER X HB2  1 
ATOM 720  H HB3  . SER A 1 48 ? 6.836   7.019   2.038   1.00 1.67 ? 48 SER X HB3  1 
ATOM 721  H HG   . SER A 1 48 ? 8.802   7.857   1.892   1.00 2.25 ? 48 SER X HG   1 
ATOM 722  N N    . TRP A 1 49 ? 8.330   3.853   4.194   1.00 0.77 ? 49 TRP X N    1 
ATOM 723  C CA   . TRP A 1 49 ? 8.131   2.456   4.534   1.00 0.74 ? 49 TRP X CA   1 
ATOM 724  C C    . TRP A 1 49 ? 7.884   2.299   6.032   1.00 0.74 ? 49 TRP X C    1 
ATOM 725  O O    . TRP A 1 49 ? 7.332   1.290   6.468   1.00 0.81 ? 49 TRP X O    1 
ATOM 726  C CB   . TRP A 1 49 ? 9.297   1.589   4.056   1.00 0.96 ? 49 TRP X CB   1 
ATOM 727  C CG   . TRP A 1 49 ? 9.203   1.287   2.588   1.00 1.08 ? 49 TRP X CG   1 
ATOM 728  C CD1  . TRP A 1 49 ? 8.705   2.115   1.617   1.00 0.98 ? 49 TRP X CD1  1 
ATOM 729  C CD2  . TRP A 1 49 ? 9.589   0.077   1.925   1.00 1.95 ? 49 TRP X CD2  1 
ATOM 730  N NE1  . TRP A 1 49 ? 8.759   1.501   0.387   1.00 1.12 ? 49 TRP X NE1  1 
ATOM 731  C CE2  . TRP A 1 49 ? 9.298   0.251   0.539   1.00 1.83 ? 49 TRP X CE2  1 
ATOM 732  C CE3  . TRP A 1 49 ? 10.162  -1.151  2.356   1.00 3.00 ? 49 TRP X CE3  1 
ATOM 733  C CZ2  . TRP A 1 49 ? 9.557   -0.759  -0.419  1.00 2.67 ? 49 TRP X CZ2  1 
ATOM 734  C CZ3  . TRP A 1 49 ? 10.419  -2.154  1.406   1.00 3.87 ? 49 TRP X CZ3  1 
ATOM 735  C CH2  . TRP A 1 49 ? 10.117  -1.952  0.031   1.00 3.69 ? 49 TRP X CH2  1 
ATOM 736  H H    . TRP A 1 49 ? 9.234   4.181   3.984   1.00 0.85 ? 49 TRP X H    1 
ATOM 737  H HA   . TRP A 1 49 ? 7.240   2.137   4.015   1.00 0.84 ? 49 TRP X HA   1 
ATOM 738  H HB2  . TRP A 1 49 ? 10.228  2.100   4.243   1.00 1.00 ? 49 TRP X HB2  1 
ATOM 739  H HB3  . TRP A 1 49 ? 9.286   0.653   4.592   1.00 1.12 ? 49 TRP X HB3  1 
ATOM 740  H HD1  . TRP A 1 49 ? 8.327   3.107   1.805   1.00 1.48 ? 49 TRP X HD1  1 
ATOM 741  H HE1  . TRP A 1 49 ? 8.460   1.898   -0.460  1.00 1.16 ? 49 TRP X HE1  1 
ATOM 742  H HE3  . TRP A 1 49 ? 10.397  -1.321  3.397   1.00 3.18 ? 49 TRP X HE3  1 
ATOM 743  H HZ2  . TRP A 1 49 ? 9.334   -0.623  -1.467  1.00 2.58 ? 49 TRP X HZ2  1 
ATOM 744  H HZ3  . TRP A 1 49 ? 10.852  -3.093  1.717   1.00 4.73 ? 49 TRP X HZ3  1 
ATOM 745  H HH2  . TRP A 1 49 ? 10.327  -2.749  -0.666  1.00 4.40 ? 49 TRP X HH2  1 
ATOM 746  N N    . LEU A 1 50 ? 8.251   3.320   6.819   1.00 0.87 ? 50 LEU X N    1 
ATOM 747  C CA   . LEU A 1 50 ? 8.006   3.279   8.256   1.00 1.05 ? 50 LEU X CA   1 
ATOM 748  C C    . LEU A 1 50 ? 6.512   3.395   8.488   1.00 0.85 ? 50 LEU X C    1 
ATOM 749  O O    . LEU A 1 50 ? 5.890   2.563   9.163   1.00 0.82 ? 50 LEU X O    1 
ATOM 750  C CB   . LEU A 1 50 ? 8.747   4.410   8.972   1.00 1.42 ? 50 LEU X CB   1 
ATOM 751  C CG   . LEU A 1 50 ? 10.206  4.111   9.315   1.00 1.72 ? 50 LEU X CG   1 
ATOM 752  C CD1  . LEU A 1 50 ? 10.846  5.305   10.007  1.00 2.25 ? 50 LEU X CD1  1 
ATOM 753  C CD2  . LEU A 1 50 ? 10.299  2.871   10.191  1.00 2.01 ? 50 LEU X CD2  1 
ATOM 754  H H    . LEU A 1 50 ? 8.649   4.127   6.419   1.00 0.95 ? 50 LEU X H    1 
ATOM 755  H HA   . LEU A 1 50 ? 8.350   2.327   8.629   1.00 1.18 ? 50 LEU X HA   1 
ATOM 756  H HB2  . LEU A 1 50 ? 8.719   5.286   8.340   1.00 1.43 ? 50 LEU X HB2  1 
ATOM 757  H HB3  . LEU A 1 50 ? 8.223   4.632   9.889   1.00 1.57 ? 50 LEU X HB3  1 
ATOM 758  H HG   . LEU A 1 50 ? 10.753  3.920   8.404   1.00 1.78 ? 50 LEU X HG   1 
ATOM 759  H HD11 . LEU A 1 50 ? 11.879  5.081   10.231  1.00 2.66 ? 50 LEU X HD11 1 
ATOM 760  H HD12 . LEU A 1 50 ? 10.316  5.515   10.924  1.00 2.59 ? 50 LEU X HD12 1 
ATOM 761  H HD13 . LEU A 1 50 ? 10.798  6.167   9.358   1.00 2.58 ? 50 LEU X HD13 1 
ATOM 762  H HD21 . LEU A 1 50 ? 9.409   2.792   10.799  1.00 2.37 ? 50 LEU X HD21 1 
ATOM 763  H HD22 . LEU A 1 50 ? 11.165  2.945   10.831  1.00 2.33 ? 50 LEU X HD22 1 
ATOM 764  H HD23 . LEU A 1 50 ? 10.387  1.995   9.567   1.00 2.32 ? 50 LEU X HD23 1 
ATOM 765  N N    . ALA A 1 51 ? 5.925   4.408   7.857   1.00 0.85 ? 51 ALA X N    1 
ATOM 766  C CA   . ALA A 1 51 ? 4.491   4.613   7.927   1.00 0.86 ? 51 ALA X CA   1 
ATOM 767  C C    . ALA A 1 51 ? 3.785   3.386   7.363   1.00 0.65 ? 51 ALA X C    1 
ATOM 768  O O    . ALA A 1 51 ? 2.688   3.045   7.778   1.00 0.65 ? 51 ALA X O    1 
ATOM 769  C CB   . ALA A 1 51 ? 4.089   5.868   7.167   1.00 1.18 ? 51 ALA X CB   1 
ATOM 770  H H    . ALA A 1 51 ? 6.468   5.002   7.296   1.00 0.95 ? 51 ALA X H    1 
ATOM 771  H HA   . ALA A 1 51 ? 4.216   4.733   8.965   1.00 0.96 ? 51 ALA X HA   1 
ATOM 772  H HB1  . ALA A 1 51 ? 4.170   6.725   7.819   1.00 1.61 ? 51 ALA X HB1  1 
ATOM 773  H HB2  . ALA A 1 51 ? 3.068   5.771   6.826   1.00 1.58 ? 51 ALA X HB2  1 
ATOM 774  H HB3  . ALA A 1 51 ? 4.741   6.000   6.317   1.00 1.68 ? 51 ALA X HB3  1 
ATOM 775  N N    . GLU A 1 52 ? 4.447   2.715   6.422   1.00 0.66 ? 52 GLU X N    1 
ATOM 776  C CA   . GLU A 1 52 ? 3.909   1.510   5.824   1.00 0.88 ? 52 GLU X CA   1 
ATOM 777  C C    . GLU A 1 52 ? 4.001   0.355   6.811   1.00 0.90 ? 52 GLU X C    1 
ATOM 778  O O    . GLU A 1 52 ? 3.148   -0.522  6.813   1.00 1.13 ? 52 GLU X O    1 
ATOM 779  C CB   . GLU A 1 52 ? 4.640   1.185   4.523   1.00 1.15 ? 52 GLU X CB   1 
ATOM 780  C CG   . GLU A 1 52 ? 4.350   2.186   3.415   1.00 1.35 ? 52 GLU X CG   1 
ATOM 781  C CD   . GLU A 1 52 ? 5.360   2.134   2.287   1.00 1.73 ? 52 GLU X CD   1 
ATOM 782  O OE1  . GLU A 1 52 ? 5.952   1.059   2.066   1.00 2.12 ? 52 GLU X OE1  1 
ATOM 783  O OE2  . GLU A 1 52 ? 5.558   3.172   1.620   1.00 2.29 ? 52 GLU X OE2  1 
ATOM 784  H H    . GLU A 1 52 ? 5.330   3.028   6.138   1.00 0.67 ? 52 GLU X H    1 
ATOM 785  H HA   . GLU A 1 52 ? 2.860   1.686   5.614   1.00 1.02 ? 52 GLU X HA   1 
ATOM 786  H HB2  . GLU A 1 52 ? 5.702   1.178   4.712   1.00 1.06 ? 52 GLU X HB2  1 
ATOM 787  H HB3  . GLU A 1 52 ? 4.336   0.207   4.185   1.00 1.41 ? 52 GLU X HB3  1 
ATOM 788  H HG2  . GLU A 1 52 ? 3.373   1.973   3.008   1.00 1.55 ? 52 GLU X HG2  1 
ATOM 789  H HG3  . GLU A 1 52 ? 4.351   3.180   3.836   1.00 1.36 ? 52 GLU X HG3  1 
ATOM 790  N N    . MET A 1 53 ? 5.005   0.368   7.703   1.00 0.84 ? 53 MET X N    1 
ATOM 791  C CA   . MET A 1 53 ? 5.113   -0.693  8.718   1.00 1.12 ? 53 MET X CA   1 
ATOM 792  C C    . MET A 1 53 ? 3.784   -0.743  9.466   1.00 1.05 ? 53 MET X C    1 
ATOM 793  O O    . MET A 1 53 ? 3.214   -1.806  9.705   1.00 1.29 ? 53 MET X O    1 
ATOM 794  C CB   . MET A 1 53 ? 6.271   -0.427  9.683   1.00 1.29 ? 53 MET X CB   1 
ATOM 795  C CG   . MET A 1 53 ? 7.638   -0.495  9.021   1.00 1.46 ? 53 MET X CG   1 
ATOM 796  S SD   . MET A 1 53 ? 8.980   -0.710  10.206  1.00 2.01 ? 53 MET X SD   1 
ATOM 797  C CE   . MET A 1 53 ? 9.251   -2.477  10.090  1.00 2.67 ? 53 MET X CE   1 
ATOM 798  H H    . MET A 1 53 ? 5.647   1.108   7.701   1.00 0.75 ? 53 MET X H    1 
ATOM 799  H HA   . MET A 1 53 ? 5.268   -1.634  8.207   1.00 1.37 ? 53 MET X HA   1 
ATOM 800  H HB2  . MET A 1 53 ? 6.150   0.556   10.112  1.00 1.17 ? 53 MET X HB2  1 
ATOM 801  H HB3  . MET A 1 53 ? 6.241   -1.162  10.474  1.00 1.52 ? 53 MET X HB3  1 
ATOM 802  H HG2  . MET A 1 53 ? 7.648   -1.328  8.334   1.00 1.75 ? 53 MET X HG2  1 
ATOM 803  H HG3  . MET A 1 53 ? 7.803   0.420   8.475   1.00 1.65 ? 53 MET X HG3  1 
ATOM 804  H HE1  . MET A 1 53 ? 8.818   -2.966  10.951  1.00 2.93 ? 53 MET X HE1  1 
ATOM 805  H HE2  . MET A 1 53 ? 10.311  -2.677  10.058  1.00 3.15 ? 53 MET X HE2  1 
ATOM 806  H HE3  . MET A 1 53 ? 8.786   -2.854  9.191   1.00 3.09 ? 53 MET X HE3  1 
ATOM 807  N N    . THR A 1 54 ? 3.259   0.450   9.720   1.00 0.75 ? 54 THR X N    1 
ATOM 808  C CA   . THR A 1 54 ? 1.943   0.612   10.311  1.00 0.68 ? 54 THR X CA   1 
ATOM 809  C C    . THR A 1 54 ? 1.374   1.919   9.791   1.00 0.54 ? 54 THR X C    1 
ATOM 810  O O    . THR A 1 54 ? 1.739   2.999   10.255  1.00 0.60 ? 54 THR X O    1 
ATOM 811  C CB   . THR A 1 54 ? 1.991   0.629   11.830  1.00 0.83 ? 54 THR X CB   1 
ATOM 812  O OG1  . THR A 1 54 ? 2.868   1.639   12.297  1.00 0.92 ? 54 THR X OG1  1 
ATOM 813  C CG2  . THR A 1 54 ? 2.429   -0.686  12.436  1.00 1.14 ? 54 THR X CG2  1 
ATOM 814  H H    . THR A 1 54 ? 3.746   1.253   9.423   1.00 0.63 ? 54 THR X H    1 
ATOM 815  H HA   . THR A 1 54 ? 1.324   -0.208  9.971   1.00 0.81 ? 54 THR X HA   1 
ATOM 816  H HB   . THR A 1 54 ? 0.997   0.846   12.188  1.00 0.79 ? 54 THR X HB   1 
ATOM 817  H HG1  . THR A 1 54 ? 2.377   2.455   12.425  1.00 1.35 ? 54 THR X HG1  1 
ATOM 818  H HG21 . THR A 1 54 ? 2.137   -0.718  13.474  1.00 1.64 ? 54 THR X HG21 1 
ATOM 819  H HG22 . THR A 1 54 ? 3.503   -0.777  12.360  1.00 1.61 ? 54 THR X HG22 1 
ATOM 820  H HG23 . THR A 1 54 ? 1.960   -1.501  11.904  1.00 1.50 ? 54 THR X HG23 1 
ATOM 821  N N    . SER A 1 55 ? 0.529   1.816   8.776   1.00 0.68 ? 55 SER X N    1 
ATOM 822  C CA   . SER A 1 55 ? -0.037  2.994   8.127   1.00 0.89 ? 55 SER X CA   1 
ATOM 823  C C    . SER A 1 55 ? -1.509  3.221   8.427   1.00 0.77 ? 55 SER X C    1 
ATOM 824  O O    . SER A 1 55 ? -1.852  4.191   9.105   1.00 0.86 ? 55 SER X O    1 
ATOM 825  C CB   . SER A 1 55 ? 0.169   2.896   6.610   1.00 1.33 ? 55 SER X CB   1 
ATOM 826  O OG   . SER A 1 55 ? 0.344   1.550   6.204   1.00 1.91 ? 55 SER X OG   1 
ATOM 827  H H    . SER A 1 55 ? 0.329   0.929   8.420   1.00 0.81 ? 55 SER X H    1 
ATOM 828  H HA   . SER A 1 55 ? 0.505   3.853   8.479   1.00 1.06 ? 55 SER X HA   1 
ATOM 829  H HB2  . SER A 1 55 ? -0.692  3.302   6.100   1.00 1.75 ? 55 SER X HB2  1 
ATOM 830  H HB3  . SER A 1 55 ? 1.047   3.459   6.331   1.00 1.70 ? 55 SER X HB3  1 
ATOM 831  H HG   . SER A 1 55 ? 1.161   1.208   6.575   1.00 2.26 ? 55 SER X HG   1 
ATOM 832  N N    . SER A 1 56 ? -2.375  2.376   7.845   1.00 0.66 ? 56 SER X N    1 
ATOM 833  C CA   . SER A 1 56 ? -3.835  2.506   7.955   1.00 0.63 ? 56 SER X CA   1 
ATOM 834  C C    . SER A 1 56 ? -4.329  3.291   6.744   1.00 0.64 ? 56 SER X C    1 
ATOM 835  O O    . SER A 1 56 ? -5.300  2.909   6.089   1.00 0.66 ? 56 SER X O    1 
ATOM 836  C CB   . SER A 1 56 ? -4.289  3.186   9.259   1.00 0.71 ? 56 SER X CB   1 
ATOM 837  O OG   . SER A 1 56 ? -3.534  2.725   10.366  1.00 1.27 ? 56 SER X OG   1 
ATOM 838  H H    . SER A 1 56 ? -2.023  1.667   7.270   1.00 0.66 ? 56 SER X H    1 
ATOM 839  H HA   . SER A 1 56 ? -4.254  1.516   7.912   1.00 0.63 ? 56 SER X HA   1 
ATOM 840  H HB2  . SER A 1 56 ? -4.155  4.253   9.169   1.00 1.20 ? 56 SER X HB2  1 
ATOM 841  H HB3  . SER A 1 56 ? -5.332  2.970   9.435   1.00 1.12 ? 56 SER X HB3  1 
ATOM 842  H HG   . SER A 1 56 ? -3.423  1.773   10.305  1.00 1.71 ? 56 SER X HG   1 
ATOM 843  N N    . VAL A 1 57 ? -3.613  4.372   6.437   1.00 0.64 ? 57 VAL X N    1 
ATOM 844  C CA   . VAL A 1 57 ? -3.918  5.224   5.287   1.00 0.66 ? 57 VAL X CA   1 
ATOM 845  C C    . VAL A 1 57 ? -2.644  5.943   4.845   1.00 0.64 ? 57 VAL X C    1 
ATOM 846  O O    . VAL A 1 57 ? -1.877  6.423   5.680   1.00 0.66 ? 57 VAL X O    1 
ATOM 847  C CB   . VAL A 1 57 ? -5.021  6.275   5.582   1.00 0.76 ? 57 VAL X CB   1 
ATOM 848  C CG1  . VAL A 1 57 ? -5.900  6.471   4.358   1.00 0.84 ? 57 VAL X CG1  1 
ATOM 849  C CG2  . VAL A 1 57 ? -5.871  5.892   6.790   1.00 0.82 ? 57 VAL X CG2  1 
ATOM 850  H H    . VAL A 1 57 ? -2.832  4.591   6.987   1.00 0.65 ? 57 VAL X H    1 
ATOM 851  H HA   . VAL A 1 57 ? -4.255  4.586   4.482   1.00 0.67 ? 57 VAL X HA   1 
ATOM 852  H HB   . VAL A 1 57 ? -4.537  7.217   5.793   1.00 0.76 ? 57 VAL X HB   1 
ATOM 853  H HG11 . VAL A 1 57 ? -5.351  6.191   3.471   1.00 1.27 ? 57 VAL X HG11 1 
ATOM 854  H HG12 . VAL A 1 57 ? -6.194  7.507   4.286   1.00 1.40 ? 57 VAL X HG12 1 
ATOM 855  H HG13 . VAL A 1 57 ? -6.781  5.852   4.445   1.00 1.25 ? 57 VAL X HG13 1 
ATOM 856  H HG21 . VAL A 1 57 ? -6.451  5.011   6.557   1.00 1.27 ? 57 VAL X HG21 1 
ATOM 857  H HG22 . VAL A 1 57 ? -6.535  6.706   7.037   1.00 1.38 ? 57 VAL X HG22 1 
ATOM 858  H HG23 . VAL A 1 57 ? -5.226  5.685   7.632   1.00 1.30 ? 57 VAL X HG23 1 
ATOM 859  N N    . ILE A 1 58 ? -2.402  5.999   3.541   1.00 0.65 ? 58 ILE X N    1 
ATOM 860  C CA   . ILE A 1 58 ? -1.196  6.643   3.024   1.00 0.66 ? 58 ILE X CA   1 
ATOM 861  C C    . ILE A 1 58 ? -1.458  7.411   1.729   1.00 0.68 ? 58 ILE X C    1 
ATOM 862  O O    . ILE A 1 58 ? -2.353  7.071   0.956   1.00 0.70 ? 58 ILE X O    1 
ATOM 863  C CB   . ILE A 1 58 ? -0.084  5.609   2.756   1.00 0.69 ? 58 ILE X CB   1 
ATOM 864  C CG1  . ILE A 1 58 ? 0.114   4.702   3.970   1.00 0.73 ? 58 ILE X CG1  1 
ATOM 865  C CG2  . ILE A 1 58 ? 1.223   6.311   2.407   1.00 0.74 ? 58 ILE X CG2  1 
ATOM 866  C CD1  . ILE A 1 58 ? 1.163   3.634   3.757   1.00 1.59 ? 58 ILE X CD1  1 
ATOM 867  H H    . ILE A 1 58 ? -3.036  5.589   2.917   1.00 0.67 ? 58 ILE X H    1 
ATOM 868  H HA   . ILE A 1 58 ? -0.840  7.334   3.774   1.00 0.67 ? 58 ILE X HA   1 
ATOM 869  H HB   . ILE A 1 58 ? -0.378  5.007   1.908   1.00 0.72 ? 58 ILE X HB   1 
ATOM 870  H HG12 . ILE A 1 58 ? 0.417   5.302   4.815   1.00 1.03 ? 58 ILE X HG12 1 
ATOM 871  H HG13 . ILE A 1 58 ? -0.821  4.210   4.200   1.00 1.22 ? 58 ILE X HG13 1 
ATOM 872  H HG21 . ILE A 1 58 ? 1.138   6.768   1.432   1.00 1.30 ? 58 ILE X HG21 1 
ATOM 873  H HG22 . ILE A 1 58 ? 2.028   5.592   2.400   1.00 1.31 ? 58 ILE X HG22 1 
ATOM 874  H HG23 . ILE A 1 58 ? 1.428   7.074   3.145   1.00 1.18 ? 58 ILE X HG23 1 
ATOM 875  H HD11 . ILE A 1 58 ? 1.318   3.488   2.698   1.00 2.11 ? 58 ILE X HD11 1 
ATOM 876  H HD12 . ILE A 1 58 ? 0.830   2.707   4.202   1.00 2.23 ? 58 ILE X HD12 1 
ATOM 877  H HD13 . ILE A 1 58 ? 2.090   3.941   4.216   1.00 1.98 ? 58 ILE X HD13 1 
ATOM 878  N N    . SER A 1 59 ? -0.637  8.432   1.493   1.00 0.70 ? 59 SER X N    1 
ATOM 879  C CA   . SER A 1 59 ? -0.729  9.244   0.284   1.00 0.73 ? 59 SER X CA   1 
ATOM 880  C C    . SER A 1 59 ? 0.653   9.356   -0.354  1.00 0.74 ? 59 SER X C    1 
ATOM 881  O O    . SER A 1 59 ? 1.639   9.613   0.336   1.00 0.81 ? 59 SER X O    1 
ATOM 882  C CB   . SER A 1 59 ? -1.275  10.635  0.607   1.00 0.80 ? 59 SER X CB   1 
ATOM 883  O OG   . SER A 1 59 ? -2.289  10.568  1.594   1.00 1.43 ? 59 SER X OG   1 
ATOM 884  H H    . SER A 1 59 ? 0.069   8.630   2.143   1.00 0.72 ? 59 SER X H    1 
ATOM 885  H HA   . SER A 1 59 ? -1.396  8.746   -0.405  1.00 0.72 ? 59 SER X HA   1 
ATOM 886  H HB2  . SER A 1 59 ? -0.473  11.258  0.974   1.00 1.24 ? 59 SER X HB2  1 
ATOM 887  H HB3  . SER A 1 59 ? -1.691  11.072  -0.289  1.00 1.18 ? 59 SER X HB3  1 
ATOM 888  H HG   . SER A 1 59 ? -1.920  10.222  2.410   1.00 1.79 ? 59 SER X HG   1 
ATOM 889  N N    . VAL A 1 60 ? 0.728   9.148   -1.663  1.00 0.70 ? 60 VAL X N    1 
ATOM 890  C CA   . VAL A 1 60 ? 2.007   9.213   -2.372  1.00 0.73 ? 60 VAL X CA   1 
ATOM 891  C C    . VAL A 1 60 ? 1.891   10.107  -3.592  1.00 0.72 ? 60 VAL X C    1 
ATOM 892  O O    . VAL A 1 60 ? 0.790   10.521  -3.969  1.00 0.72 ? 60 VAL X O    1 
ATOM 893  C CB   . VAL A 1 60 ? 2.563   7.824   -2.808  1.00 0.75 ? 60 VAL X CB   1 
ATOM 894  C CG1  . VAL A 1 60 ? 4.071   7.769   -2.601  1.00 0.84 ? 60 VAL X CG1  1 
ATOM 895  C CG2  . VAL A 1 60 ? 1.883   6.672   -2.071  1.00 0.78 ? 60 VAL X CG2  1 
ATOM 896  H H    . VAL A 1 60 ? -0.092  8.939   -2.171  1.00 0.66 ? 60 VAL X H    1 
ATOM 897  H HA   . VAL A 1 60 ? 2.724   9.660   -1.696  1.00 0.80 ? 60 VAL X HA   1 
ATOM 898  H HB   . VAL A 1 60 ? 2.380   7.705   -3.864  1.00 0.71 ? 60 VAL X HB   1 
ATOM 899  H HG11 . VAL A 1 60 ? 4.570   8.052   -3.515  1.00 1.38 ? 60 VAL X HG11 1 
ATOM 900  H HG12 . VAL A 1 60 ? 4.362   6.764   -2.329  1.00 1.29 ? 60 VAL X HG12 1 
ATOM 901  H HG13 . VAL A 1 60 ? 4.351   8.450   -1.811  1.00 1.33 ? 60 VAL X HG13 1 
ATOM 902  H HG21 . VAL A 1 60 ? 1.616   6.991   -1.074  1.00 1.39 ? 60 VAL X HG21 1 
ATOM 903  H HG22 . VAL A 1 60 ? 2.562   5.834   -2.011  1.00 1.26 ? 60 VAL X HG22 1 
ATOM 904  H HG23 . VAL A 1 60 ? 0.994   6.378   -2.607  1.00 1.20 ? 60 VAL X HG23 1 
ATOM 905  N N    . LYS A 1 61 ? 3.025   10.414  -4.202  1.00 0.78 ? 61 LYS X N    1 
ATOM 906  C CA   . LYS A 1 61 ? 3.045   11.251  -5.390  1.00 0.80 ? 61 LYS X CA   1 
ATOM 907  C C    . LYS A 1 61 ? 3.427   10.430  -6.628  1.00 0.83 ? 61 LYS X C    1 
ATOM 908  O O    . LYS A 1 61 ? 4.381   9.652   -6.597  1.00 0.94 ? 61 LYS X O    1 
ATOM 909  C CB   . LYS A 1 61 ? 4.039   12.397  -5.202  1.00 0.96 ? 61 LYS X CB   1 
ATOM 910  C CG   . LYS A 1 61 ? 3.673   13.336  -4.066  1.00 1.07 ? 61 LYS X CG   1 
ATOM 911  C CD   . LYS A 1 61 ? 4.689   14.456  -3.920  1.00 1.32 ? 61 LYS X CD   1 
ATOM 912  C CE   . LYS A 1 61 ? 4.319   15.394  -2.782  1.00 1.81 ? 61 LYS X CE   1 
ATOM 913  N NZ   . LYS A 1 61 ? 5.407   16.369  -2.485  1.00 2.33 ? 61 LYS X NZ   1 
ATOM 914  H H    . LYS A 1 61 ? 3.869   10.060  -3.851  1.00 0.86 ? 61 LYS X H    1 
ATOM 915  H HA   . LYS A 1 61 ? 2.056   11.660  -5.531  1.00 0.76 ? 61 LYS X HA   1 
ATOM 916  H HB2  . LYS A 1 61 ? 5.015   11.982  -4.998  1.00 1.05 ? 61 LYS X HB2  1 
ATOM 917  H HB3  . LYS A 1 61 ? 4.086   12.971  -6.116  1.00 1.00 ? 61 LYS X HB3  1 
ATOM 918  H HG2  . LYS A 1 61 ? 2.704   13.768  -4.267  1.00 1.16 ? 61 LYS X HG2  1 
ATOM 919  H HG3  . LYS A 1 61 ? 3.635   12.773  -3.145  1.00 1.15 ? 61 LYS X HG3  1 
ATOM 920  H HD2  . LYS A 1 61 ? 5.658   14.026  -3.717  1.00 1.47 ? 61 LYS X HD2  1 
ATOM 921  H HD3  . LYS A 1 61 ? 4.727   15.019  -4.840  1.00 1.56 ? 61 LYS X HD3  1 
ATOM 922  H HE2  . LYS A 1 61 ? 3.427   15.937  -3.054  1.00 2.26 ? 61 LYS X HE2  1 
ATOM 923  H HE3  . LYS A 1 61 ? 4.125   14.805  -1.897  1.00 2.22 ? 61 LYS X HE3  1 
ATOM 924  H HZ1  . LYS A 1 61 ? 6.051   16.446  -3.297  1.00 2.77 ? 61 LYS X HZ1  1 
ATOM 925  H HZ2  . LYS A 1 61 ? 5.950   16.057  -1.654  1.00 2.83 ? 61 LYS X HZ2  1 
ATOM 926  H HZ3  . LYS A 1 61 ? 5.002   17.306  -2.287  1.00 2.58 ? 61 LYS X HZ3  1 
ATOM 927  N N    . ASN A 1 62 ? 2.698   10.640  -7.729  1.00 0.89 ? 62 ASN X N    1 
ATOM 928  C CA   . ASN A 1 62 ? 2.977   9.955   -9.004  1.00 1.07 ? 62 ASN X CA   1 
ATOM 929  C C    . ASN A 1 62 ? 3.957   10.769  -9.848  1.00 0.89 ? 62 ASN X C    1 
ATOM 930  O O    . ASN A 1 62 ? 3.983   10.638  -11.072 1.00 1.00 ? 62 ASN X O    1 
ATOM 931  C CB   . ASN A 1 62 ? 1.716   9.763   -9.822  1.00 1.53 ? 62 ASN X CB   1 
ATOM 932  C CG   . ASN A 1 62 ? 0.879   8.572   -9.426  1.00 1.89 ? 62 ASN X CG   1 
ATOM 933  O OD1  . ASN A 1 62 ? 0.776   7.596   -10.165 1.00 2.36 ? 62 ASN X OD1  1 
ATOM 934  N ND2  . ASN A 1 62 ? 0.240   8.666   -8.280  1.00 2.30 ? 62 ASN X ND2  1 
ATOM 935  H H    . ASN A 1 62 ? 1.963   11.295  -7.696  1.00 0.91 ? 62 ASN X H    1 
ATOM 936  H HA   . ASN A 1 62 ? 3.411   8.992   -8.784  1.00 1.23 ? 62 ASN X HA   1 
ATOM 937  H HB2  . ASN A 1 62 ? 1.131   10.628  -9.705  1.00 1.62 ? 62 ASN X HB2  1 
ATOM 938  H HB3  . ASN A 1 62 ? 1.982   9.661   -10.864 1.00 1.68 ? 62 ASN X HB3  1 
ATOM 939  H HD21 . ASN A 1 62 ? 0.350   9.486   -7.754  1.00 2.64 ? 62 ASN X HD21 1 
ATOM 940  H HD22 . ASN A 1 62 ? -0.341  7.927   -8.013  1.00 2.54 ? 62 ASN X HD22 1 
ATOM 941  N N    . ALA A 1 63 ? 4.703   11.657  -9.201  1.00 0.78 ? 63 ALA X N    1 
ATOM 942  C CA   . ALA A 1 63 ? 5.650   12.532  -9.891  1.00 0.89 ? 63 ALA X CA   1 
ATOM 943  C C    . ALA A 1 63 ? 6.585   11.759  -10.821 1.00 0.82 ? 63 ALA X C    1 
ATOM 944  O O    . ALA A 1 63 ? 7.131   12.324  -11.769 1.00 0.93 ? 63 ALA X O    1 
ATOM 945  C CB   . ALA A 1 63 ? 6.460   13.320  -8.874  1.00 1.09 ? 63 ALA X CB   1 
ATOM 946  H H    . ALA A 1 63 ? 4.596   11.746  -8.237  1.00 0.77 ? 63 ALA X H    1 
ATOM 947  H HA   . ALA A 1 63 ? 5.082   13.235  -10.480 1.00 1.09 ? 63 ALA X HA   1 
ATOM 948  H HB1  . ALA A 1 63 ? 5.927   13.351  -7.935  1.00 1.63 ? 63 ALA X HB1  1 
ATOM 949  H HB2  . ALA A 1 63 ? 6.611   14.327  -9.235  1.00 1.68 ? 63 ALA X HB2  1 
ATOM 950  H HB3  . ALA A 1 63 ? 7.418   12.843  -8.728  1.00 1.28 ? 63 ALA X HB3  1 
ATOM 951  N N    . SER A 1 64 ? 6.776   10.470  -10.551 1.00 0.72 ? 64 SER X N    1 
ATOM 952  C CA   . SER A 1 64 ? 7.654   9.646   -11.376 1.00 0.72 ? 64 SER X CA   1 
ATOM 953  C C    . SER A 1 64 ? 6.865   8.593   -12.145 1.00 0.66 ? 64 SER X C    1 
ATOM 954  O O    . SER A 1 64 ? 6.169   7.772   -11.555 1.00 0.62 ? 64 SER X O    1 
ATOM 955  C CB   . SER A 1 64 ? 8.720   8.965   -10.512 1.00 0.80 ? 64 SER X CB   1 
ATOM 956  O OG   . SER A 1 64 ? 8.816   9.576   -9.237  1.00 1.01 ? 64 SER X OG   1 
ATOM 957  H H    . SER A 1 64 ? 6.324   10.066  -9.782  1.00 0.71 ? 64 SER X H    1 
ATOM 958  H HA   . SER A 1 64 ? 8.145   10.290  -12.087 1.00 0.77 ? 64 SER X HA   1 
ATOM 959  H HB2  . SER A 1 64 ? 8.469   7.923   -10.382 1.00 0.87 ? 64 SER X HB2  1 
ATOM 960  H HB3  . SER A 1 64 ? 9.678   9.041   -11.004 1.00 0.92 ? 64 SER X HB3  1 
ATOM 961  H HG   . SER A 1 64 ? 9.604   10.121  -9.201  1.00 1.26 ? 64 SER X HG   1 
ATOM 962  N N    . SER A 1 65 ? 7.008   8.612   -13.470 1.00 0.67 ? 65 SER X N    1 
ATOM 963  C CA   . SER A 1 65 ? 6.331   7.650   -14.345 1.00 0.65 ? 65 SER X CA   1 
ATOM 964  C C    . SER A 1 65 ? 6.941   6.236   -14.250 1.00 0.65 ? 65 SER X C    1 
ATOM 965  O O    . SER A 1 65 ? 6.546   5.328   -14.977 1.00 0.68 ? 65 SER X O    1 
ATOM 966  C CB   . SER A 1 65 ? 6.373   8.144   -15.792 1.00 0.77 ? 65 SER X CB   1 
ATOM 967  O OG   . SER A 1 65 ? 7.521   8.939   -16.027 1.00 0.93 ? 65 SER X OG   1 
ATOM 968  H H    . SER A 1 65 ? 7.590   9.288   -13.871 1.00 0.72 ? 65 SER X H    1 
ATOM 969  H HA   . SER A 1 65 ? 5.300   7.597   -14.031 1.00 0.62 ? 65 SER X HA   1 
ATOM 970  H HB2  . SER A 1 65 ? 6.396   7.295   -16.460 1.00 0.83 ? 65 SER X HB2  1 
ATOM 971  H HB3  . SER A 1 65 ? 5.491   8.735   -15.994 1.00 0.91 ? 65 SER X HB3  1 
ATOM 972  H HG   . SER A 1 65 ? 7.905   8.706   -16.875 1.00 1.35 ? 65 SER X HG   1 
ATOM 973  N N    . GLU A 1 66 ? 7.904   6.042   -13.358 1.00 0.68 ? 66 GLU X N    1 
ATOM 974  C CA   . GLU A 1 66 ? 8.530   4.742   -13.182 1.00 0.75 ? 66 GLU X CA   1 
ATOM 975  C C    . GLU A 1 66 ? 8.081   4.085   -11.869 1.00 0.71 ? 66 GLU X C    1 
ATOM 976  O O    . GLU A 1 66 ? 8.636   3.065   -11.466 1.00 0.82 ? 66 GLU X O    1 
ATOM 977  C CB   . GLU A 1 66 ? 10.051  4.873   -13.216 1.00 0.89 ? 66 GLU X CB   1 
ATOM 978  C CG   . GLU A 1 66 ? 10.592  5.233   -14.590 1.00 0.99 ? 66 GLU X CG   1 
ATOM 979  C CD   . GLU A 1 66 ? 12.106  5.266   -14.629 1.00 1.52 ? 66 GLU X CD   1 
ATOM 980  O OE1  . GLU A 1 66 ? 12.731  4.240   -14.286 1.00 2.22 ? 66 GLU X OE1  1 
ATOM 981  O OE2  . GLU A 1 66 ? 12.669  6.317   -15.004 1.00 2.02 ? 66 GLU X OE2  1 
ATOM 982  H H    . GLU A 1 66 ? 8.205   6.780   -12.800 1.00 0.70 ? 66 GLU X H    1 
ATOM 983  H HA   . GLU A 1 66 ? 8.216   4.113   -14.003 1.00 0.77 ? 66 GLU X HA   1 
ATOM 984  H HB2  . GLU A 1 66 ? 10.351  5.642   -12.519 1.00 0.88 ? 66 GLU X HB2  1 
ATOM 985  H HB3  . GLU A 1 66 ? 10.489  3.933   -12.915 1.00 0.96 ? 66 GLU X HB3  1 
ATOM 986  H HG2  . GLU A 1 66 ? 10.242  4.504   -15.304 1.00 1.14 ? 66 GLU X HG2  1 
ATOM 987  H HG3  . GLU A 1 66 ? 10.219  6.210   -14.862 1.00 1.21 ? 66 GLU X HG3  1 
ATOM 988  N N    . TYR A 1 67 ? 7.097   4.686   -11.184 1.00 0.62 ? 67 TYR X N    1 
ATOM 989  C CA   . TYR A 1 67 ? 6.629   4.149   -9.906  1.00 0.67 ? 67 TYR X CA   1 
ATOM 990  C C    . TYR A 1 67 ? 5.567   3.066   -10.099 1.00 0.60 ? 67 TYR X C    1 
ATOM 991  O O    . TYR A 1 67 ? 4.457   3.159   -9.573  1.00 0.59 ? 67 TYR X O    1 
ATOM 992  C CB   . TYR A 1 67 ? 6.091   5.272   -9.003  1.00 0.76 ? 67 TYR X CB   1 
ATOM 993  C CG   . TYR A 1 67 ? 7.072   5.760   -7.963  1.00 0.91 ? 67 TYR X CG   1 
ATOM 994  C CD1  . TYR A 1 67 ? 7.473   4.927   -6.896  1.00 1.47 ? 67 TYR X CD1  1 
ATOM 995  C CD2  . TYR A 1 67 ? 7.594   7.071   -8.023  1.00 1.64 ? 67 TYR X CD2  1 
ATOM 996  C CE1  . TYR A 1 67 ? 8.372   5.385   -5.917  1.00 1.62 ? 67 TYR X CE1  1 
ATOM 997  C CE2  . TYR A 1 67 ? 8.497   7.536   -7.050  1.00 1.79 ? 67 TYR X CE2  1 
ATOM 998  C CZ   . TYR A 1 67 ? 8.882   6.690   -6.001  1.00 1.34 ? 67 TYR X CZ   1 
ATOM 999  O OH   . TYR A 1 67 ? 9.763   7.142   -5.046  1.00 1.59 ? 67 TYR X OH   1 
ATOM 1000 H H    . TYR A 1 67 ? 6.679   5.502   -11.541 1.00 0.58 ? 67 TYR X H    1 
ATOM 1001 H HA   . TYR A 1 67 ? 7.482   3.700   -9.418  1.00 0.79 ? 67 TYR X HA   1 
ATOM 1002 H HB2  . TYR A 1 67 ? 5.820   6.117   -9.611  1.00 0.72 ? 67 TYR X HB2  1 
ATOM 1003 H HB3  . TYR A 1 67 ? 5.219   4.916   -8.479  1.00 0.89 ? 67 TYR X HB3  1 
ATOM 1004 H HD1  . TYR A 1 67 ? 7.081   3.921   -6.838  1.00 2.22 ? 67 TYR X HD1  1 
ATOM 1005 H HD2  . TYR A 1 67 ? 7.291   7.720   -8.828  1.00 2.41 ? 67 TYR X HD2  1 
ATOM 1006 H HE1  . TYR A 1 67 ? 8.668   4.733   -5.109  1.00 2.39 ? 67 TYR X HE1  1 
ATOM 1007 H HE2  . TYR A 1 67 ? 8.889   8.541   -7.114  1.00 2.61 ? 67 TYR X HE2  1 
ATOM 1008 H HH   . TYR A 1 67 ? 10.478  7.622   -5.472  1.00 1.89 ? 67 TYR X HH   1 
ATOM 1009 N N    . SER A 1 68 ? 5.922   2.024   -10.837 1.00 0.62 ? 68 SER X N    1 
ATOM 1010 C CA   . SER A 1 68 ? 5.011   0.911   -11.069 1.00 0.61 ? 68 SER X CA   1 
ATOM 1011 C C    . SER A 1 68 ? 5.549   -0.339  -10.386 1.00 0.72 ? 68 SER X C    1 
ATOM 1012 O O    . SER A 1 68 ? 6.599   -0.856  -10.767 1.00 0.86 ? 68 SER X O    1 
ATOM 1013 C CB   . SER A 1 68 ? 4.830   0.661   -12.568 1.00 0.71 ? 68 SER X CB   1 
ATOM 1014 O OG   . SER A 1 68 ? 4.026   -0.483  -12.800 1.00 1.52 ? 68 SER X OG   1 
ATOM 1015 H H    . SER A 1 68 ? 6.825   1.992   -11.217 1.00 0.70 ? 68 SER X H    1 
ATOM 1016 H HA   . SER A 1 68 ? 4.058   1.162   -10.631 1.00 0.55 ? 68 SER X HA   1 
ATOM 1017 H HB2  . SER A 1 68 ? 4.351   1.518   -13.017 1.00 1.23 ? 68 SER X HB2  1 
ATOM 1018 H HB3  . SER A 1 68 ? 5.796   0.507   -13.025 1.00 1.25 ? 68 SER X HB3  1 
ATOM 1019 H HG   . SER A 1 68 ? 4.569   -1.273  -12.748 1.00 2.02 ? 68 SER X HG   1 
ATOM 1020 N N    . GLY A 1 69 ? 4.836   -0.814  -9.368  1.00 0.71 ? 69 GLY X N    1 
ATOM 1021 C CA   . GLY A 1 69 ? 5.286   -1.991  -8.652  1.00 0.89 ? 69 GLY X CA   1 
ATOM 1022 C C    . GLY A 1 69 ? 4.162   -2.739  -7.974  1.00 0.67 ? 69 GLY X C    1 
ATOM 1023 O O    . GLY A 1 69 ? 3.035   -2.245  -7.883  1.00 0.54 ? 69 GLY X O    1 
ATOM 1024 H H    . GLY A 1 69 ? 4.009   -0.359  -9.095  1.00 0.62 ? 69 GLY X H    1 
ATOM 1025 H HA2  . GLY A 1 69 ? 5.775   -2.654  -9.349  1.00 1.14 ? 69 GLY X HA2  1 
ATOM 1026 H HA3  . GLY A 1 69 ? 6.003   -1.685  -7.903  1.00 1.07 ? 69 GLY X HA3  1 
ATOM 1027 N N    . THR A 1 70 ? 4.476   -3.934  -7.493  1.00 0.77 ? 70 THR X N    1 
ATOM 1028 C CA   . THR A 1 70 ? 3.496   -4.765  -6.813  1.00 0.75 ? 70 THR X CA   1 
ATOM 1029 C C    . THR A 1 70 ? 3.639   -4.629  -5.302  1.00 0.82 ? 70 THR X C    1 
ATOM 1030 O O    . THR A 1 70 ? 4.613   -5.100  -4.716  1.00 1.12 ? 70 THR X O    1 
ATOM 1031 C CB   . THR A 1 70 ? 3.664   -6.228  -7.229  1.00 1.07 ? 70 THR X CB   1 
ATOM 1032 O OG1  . THR A 1 70 ? 5.016   -6.505  -7.555  1.00 1.30 ? 70 THR X OG1  1 
ATOM 1033 C CG2  . THR A 1 70 ? 2.815   -6.612  -8.422  1.00 1.28 ? 70 THR X CG2  1 
ATOM 1034 H H    . THR A 1 70 ? 5.394   -4.264  -7.594  1.00 0.94 ? 70 THR X H    1 
ATOM 1035 H HA   . THR A 1 70 ? 2.512   -4.426  -7.104  1.00 0.75 ? 70 THR X HA   1 
ATOM 1036 H HB   . THR A 1 70 ? 3.378   -6.862  -6.401  1.00 1.19 ? 70 THR X HB   1 
ATOM 1037 H HG1  . THR A 1 70 ? 5.242   -6.078  -8.385  1.00 1.54 ? 70 THR X HG1  1 
ATOM 1038 H HG21 . THR A 1 70 ? 3.372   -6.437  -9.331  1.00 1.60 ? 70 THR X HG21 1 
ATOM 1039 H HG22 . THR A 1 70 ? 1.915   -6.016  -8.431  1.00 1.73 ? 70 THR X HG22 1 
ATOM 1040 H HG23 . THR A 1 70 ? 2.555   -7.658  -8.357  1.00 1.70 ? 70 THR X HG23 1 
ATOM 1041 N N    . TYR A 1 71 ? 2.661   -3.984  -4.678  1.00 0.80 ? 71 TYR X N    1 
ATOM 1042 C CA   . TYR A 1 71 ? 2.676   -3.787  -3.236  1.00 1.07 ? 71 TYR X CA   1 
ATOM 1043 C C    . TYR A 1 71 ? 2.088   -4.994  -2.515  1.00 0.73 ? 71 TYR X C    1 
ATOM 1044 O O    . TYR A 1 71 ? 1.560   -5.911  -3.143  1.00 0.63 ? 71 TYR X O    1 
ATOM 1045 C CB   . TYR A 1 71 ? 1.905   -2.518  -2.860  1.00 1.66 ? 71 TYR X CB   1 
ATOM 1046 C CG   . TYR A 1 71 ? 2.788   -1.324  -2.580  1.00 2.35 ? 71 TYR X CG   1 
ATOM 1047 C CD1  . TYR A 1 71 ? 3.844   -0.974  -3.452  1.00 2.91 ? 71 TYR X CD1  1 
ATOM 1048 C CD2  . TYR A 1 71 ? 2.573   -0.528  -1.433  1.00 3.01 ? 71 TYR X CD2  1 
ATOM 1049 C CE1  . TYR A 1 71 ? 4.663   0.138   -3.185  1.00 3.58 ? 71 TYR X CE1  1 
ATOM 1050 C CE2  . TYR A 1 71 ? 3.384   0.585   -1.161  1.00 3.65 ? 71 TYR X CE2  1 
ATOM 1051 C CZ   . TYR A 1 71 ? 4.429   0.913   -2.039  1.00 3.77 ? 71 TYR X CZ   1 
ATOM 1052 O OH   . TYR A 1 71 ? 5.227   2.002   -1.775  1.00 4.50 ? 71 TYR X OH   1 
ATOM 1053 H H    . TYR A 1 71 ? 1.910   -3.632  -5.201  1.00 0.77 ? 71 TYR X H    1 
ATOM 1054 H HA   . TYR A 1 71 ? 3.706   -3.672  -2.932  1.00 1.45 ? 71 TYR X HA   1 
ATOM 1055 H HB2  . TYR A 1 71 ? 1.242   -2.255  -3.669  1.00 1.76 ? 71 TYR X HB2  1 
ATOM 1056 H HB3  . TYR A 1 71 ? 1.324   -2.706  -1.974  1.00 1.69 ? 71 TYR X HB3  1 
ATOM 1057 H HD1  . TYR A 1 71 ? 4.020   -1.574  -4.333  1.00 3.15 ? 71 TYR X HD1  1 
ATOM 1058 H HD2  . TYR A 1 71 ? 1.769   -0.785  -0.759  1.00 3.31 ? 71 TYR X HD2  1 
ATOM 1059 H HE1  . TYR A 1 71 ? 5.464   0.390   -3.861  1.00 4.20 ? 71 TYR X HE1  1 
ATOM 1060 H HE2  . TYR A 1 71 ? 3.205   1.178   -0.278  1.00 4.31 ? 71 TYR X HE2  1 
ATOM 1061 H HH   . TYR A 1 71 ? 6.144   1.722   -1.722  1.00 4.70 ? 71 TYR X HH   1 
ATOM 1062 N N    . SER A 1 72 ? 2.190   -4.994  -1.195  1.00 0.83 ? 72 SER X N    1 
ATOM 1063 C CA   . SER A 1 72 ? 1.666   -6.093  -0.397  1.00 0.75 ? 72 SER X CA   1 
ATOM 1064 C C    . SER A 1 72 ? 1.524   -5.684  1.062   1.00 0.64 ? 72 SER X C    1 
ATOM 1065 O O    . SER A 1 72 ? 2.274   -4.844  1.561   1.00 0.74 ? 72 SER X O    1 
ATOM 1066 C CB   . SER A 1 72 ? 2.570   -7.321  -0.514  1.00 1.13 ? 72 SER X CB   1 
ATOM 1067 O OG   . SER A 1 72 ? 1.820   -8.518  -0.399  1.00 1.60 ? 72 SER X OG   1 
ATOM 1068 H H    . SER A 1 72 ? 2.628   -4.236  -0.745  1.00 1.11 ? 72 SER X H    1 
ATOM 1069 H HA   . SER A 1 72 ? 0.688   -6.342  -0.783  1.00 0.71 ? 72 SER X HA   1 
ATOM 1070 H HB2  . SER A 1 72 ? 3.065   -7.313  -1.474  1.00 1.64 ? 72 SER X HB2  1 
ATOM 1071 H HB3  . SER A 1 72 ? 3.309   -7.299  0.273   1.00 1.65 ? 72 SER X HB3  1 
ATOM 1072 H HG   . SER A 1 72 ? 2.376   -9.268  -0.625  1.00 2.06 ? 72 SER X HG   1 
ATOM 1073 N N    . CYS A 1 73 ? 0.557   -6.283  1.741   1.00 0.57 ? 73 CYS X N    1 
ATOM 1074 C CA   . CYS A 1 73 ? 0.311   -5.986  3.146   1.00 0.50 ? 73 CYS X CA   1 
ATOM 1075 C C    . CYS A 1 73 ? 0.303   -7.272  3.965   1.00 0.51 ? 73 CYS X C    1 
ATOM 1076 O O    . CYS A 1 73 ? -0.165  -8.305  3.499   1.00 0.61 ? 73 CYS X O    1 
ATOM 1077 C CB   . CYS A 1 73 ? -1.021  -5.253  3.299   1.00 0.57 ? 73 CYS X CB   1 
ATOM 1078 S SG   . CYS A 1 73 ? -1.002  -3.923  4.534   1.00 0.75 ? 73 CYS X SG   1 
ATOM 1079 H H    . CYS A 1 73 ? -0.007  -6.943  1.287   1.00 0.66 ? 73 CYS X H    1 
ATOM 1080 H HA   . CYS A 1 73 ? 1.109   -5.351  3.499   1.00 0.47 ? 73 CYS X HA   1 
ATOM 1081 H HB2  . CYS A 1 73 ? -1.294  -4.815  2.352   1.00 0.82 ? 73 CYS X HB2  1 
ATOM 1082 H HB3  . CYS A 1 73 ? -1.780  -5.956  3.595   1.00 0.84 ? 73 CYS X HB3  1 
ATOM 1083 N N    . THR A 1 74 ? 0.821   -7.208  5.185   1.00 0.51 ? 74 THR X N    1 
ATOM 1084 C CA   . THR A 1 74 ? 0.859   -8.383  6.049   1.00 0.57 ? 74 THR X CA   1 
ATOM 1085 C C    . THR A 1 74 ? 0.377   -8.042  7.456   1.00 0.55 ? 74 THR X C    1 
ATOM 1086 O O    . THR A 1 74 ? 0.835   -7.075  8.065   1.00 0.59 ? 74 THR X O    1 
ATOM 1087 C CB   . THR A 1 74 ? 2.273   -8.981  6.096   1.00 0.66 ? 74 THR X CB   1 
ATOM 1088 O OG1  . THR A 1 74 ? 3.187   -8.187  5.358   1.00 1.16 ? 74 THR X OG1  1 
ATOM 1089 C CG2  . THR A 1 74 ? 2.339   -10.386 5.536   1.00 1.14 ? 74 THR X CG2  1 
ATOM 1090 H H    . THR A 1 74 ? 1.185   -6.358  5.511   1.00 0.54 ? 74 THR X H    1 
ATOM 1091 H HA   . THR A 1 74 ? 0.187   -9.118  5.629   1.00 0.63 ? 74 THR X HA   1 
ATOM 1092 H HB   . THR A 1 74 ? 2.608   -9.020  7.122   1.00 0.81 ? 74 THR X HB   1 
ATOM 1093 H HG1  . THR A 1 74 ? 4.081   -8.502  5.511   1.00 1.59 ? 74 THR X HG1  1 
ATOM 1094 H HG21 . THR A 1 74 ? 1.340   -10.743 5.342   1.00 1.65 ? 74 THR X HG21 1 
ATOM 1095 H HG22 . THR A 1 74 ? 2.823   -11.035 6.250   1.00 1.61 ? 74 THR X HG22 1 
ATOM 1096 H HG23 . THR A 1 74 ? 2.905   -10.380 4.616   1.00 1.63 ? 74 THR X HG23 1 
ATOM 1097 N N    . VAL A 1 75 ? -0.545  -8.850  7.966   1.00 0.58 ? 75 VAL X N    1 
ATOM 1098 C CA   . VAL A 1 75 ? -1.090  -8.648  9.303   1.00 0.61 ? 75 VAL X CA   1 
ATOM 1099 C C    . VAL A 1 75 ? -1.035  -9.949  10.084  1.00 0.63 ? 75 VAL X C    1 
ATOM 1100 O O    . VAL A 1 75 ? -1.207  -11.027 9.515   1.00 0.73 ? 75 VAL X O    1 
ATOM 1101 C CB   . VAL A 1 75 ? -2.549  -8.153  9.277   1.00 0.73 ? 75 VAL X CB   1 
ATOM 1102 C CG1  . VAL A 1 75 ? -2.916  -7.519  10.611  1.00 0.75 ? 75 VAL X CG1  1 
ATOM 1103 C CG2  . VAL A 1 75 ? -2.786  -7.182  8.123   1.00 0.93 ? 75 VAL X CG2  1 
ATOM 1104 H H    . VAL A 1 75 ? -0.863  -9.608  7.432   1.00 0.62 ? 75 VAL X H    1 
ATOM 1105 H HA   . VAL A 1 75 ? -0.483  -7.909  9.806   1.00 0.62 ? 75 VAL X HA   1 
ATOM 1106 H HB   . VAL A 1 75 ? -3.187  -9.011  9.135   1.00 0.77 ? 75 VAL X HB   1 
ATOM 1107 H HG11 . VAL A 1 75 ? -2.715  -6.460  10.572  1.00 1.37 ? 75 VAL X HG11 1 
ATOM 1108 H HG12 . VAL A 1 75 ? -2.327  -7.967  11.397  1.00 1.22 ? 75 VAL X HG12 1 
ATOM 1109 H HG13 . VAL A 1 75 ? -3.964  -7.681  10.810  1.00 1.22 ? 75 VAL X HG13 1 
ATOM 1110 H HG21 . VAL A 1 75 ? -3.269  -6.289  8.490   1.00 1.36 ? 75 VAL X HG21 1 
ATOM 1111 H HG22 . VAL A 1 75 ? -3.415  -7.651  7.381   1.00 1.45 ? 75 VAL X HG22 1 
ATOM 1112 H HG23 . VAL A 1 75 ? -1.840  -6.918  7.674   1.00 1.44 ? 75 VAL X HG23 1 
ATOM 1113 N N    . ARG A 1 76 ? -0.787  -9.856  11.381  1.00 0.62 ? 76 ARG X N    1 
ATOM 1114 C CA   . ARG A 1 76 ? -0.706  -11.051 12.205  1.00 0.73 ? 76 ARG X CA   1 
ATOM 1115 C C    . ARG A 1 76 ? -1.409  -10.871 13.539  1.00 0.78 ? 76 ARG X C    1 
ATOM 1116 O O    . ARG A 1 76 ? -0.840  -10.322 14.483  1.00 1.11 ? 76 ARG X O    1 
ATOM 1117 C CB   . ARG A 1 76 ? 0.752   -11.420 12.453  1.00 1.01 ? 76 ARG X CB   1 
ATOM 1118 C CG   . ARG A 1 76 ? 1.573   -11.543 11.182  1.00 1.21 ? 76 ARG X CG   1 
ATOM 1119 C CD   . ARG A 1 76 ? 2.997   -11.976 11.482  1.00 1.70 ? 76 ARG X CD   1 
ATOM 1120 N NE   . ARG A 1 76 ? 3.613   -12.650 10.341  1.00 2.23 ? 76 ARG X NE   1 
ATOM 1121 C CZ   . ARG A 1 76 ? 4.690   -13.430 10.428  1.00 2.75 ? 76 ARG X CZ   1 
ATOM 1122 N NH1  . ARG A 1 76 ? 5.304   -13.610 11.592  1.00 3.03 ? 76 ARG X NH1  1 
ATOM 1123 N NH2  . ARG A 1 76 ? 5.157   -14.031 9.343   1.00 3.54 ? 76 ARG X NH2  1 
ATOM 1124 H H    . ARG A 1 76 ? -0.654  -8.976  11.787  1.00 0.61 ? 76 ARG X H    1 
ATOM 1125 H HA   . ARG A 1 76 ? -1.180  -11.858 11.669  1.00 0.78 ? 76 ARG X HA   1 
ATOM 1126 H HB2  . ARG A 1 76 ? 1.199   -10.665 13.077  1.00 1.07 ? 76 ARG X HB2  1 
ATOM 1127 H HB3  . ARG A 1 76 ? 0.783   -12.367 12.969  1.00 1.14 ? 76 ARG X HB3  1 
ATOM 1128 H HG2  . ARG A 1 76 ? 1.113   -12.272 10.533  1.00 1.33 ? 76 ARG X HG2  1 
ATOM 1129 H HG3  . ARG A 1 76 ? 1.596   -10.582 10.688  1.00 1.33 ? 76 ARG X HG3  1 
ATOM 1130 H HD2  . ARG A 1 76 ? 3.582   -11.102 11.729  1.00 2.05 ? 76 ARG X HD2  1 
ATOM 1131 H HD3  . ARG A 1 76 ? 2.985   -12.652 12.325  1.00 2.09 ? 76 ARG X HD3  1 
ATOM 1132 H HE   . ARG A 1 76 ? 3.193   -12.526 9.465   1.00 2.69 ? 76 ARG X HE   1 
ATOM 1133 H HH11 . ARG A 1 76 ? 4.961   -13.160 12.416  1.00 2.85 ? 76 ARG X HH11 1 
ATOM 1134 H HH12 . ARG A 1 76 ? 6.111   -14.198 11.645  1.00 3.74 ? 76 ARG X HH12 1 
ATOM 1135 H HH21 . ARG A 1 76 ? 4.701   -13.897 8.462   1.00 3.84 ? 76 ARG X HH21 1 
ATOM 1136 H HH22 . ARG A 1 76 ? 5.964   -14.618 9.404   1.00 4.08 ? 76 ARG X HH22 1 
ATOM 1137 N N    . ASN A 1 77 ? -2.636  -11.366 13.628  1.00 0.72 ? 77 ASN X N    1 
ATOM 1138 C CA   . ASN A 1 77 ? -3.392  -11.289 14.863  1.00 0.87 ? 77 ASN X CA   1 
ATOM 1139 C C    . ASN A 1 77 ? -3.858  -12.684 15.250  1.00 0.96 ? 77 ASN X C    1 
ATOM 1140 O O    . ASN A 1 77 ? -4.292  -13.455 14.394  1.00 1.05 ? 77 ASN X O    1 
ATOM 1141 C CB   . ASN A 1 77 ? -4.593  -10.356 14.700  1.00 1.00 ? 77 ASN X CB   1 
ATOM 1142 C CG   . ASN A 1 77 ? -4.983  -9.683  16.001  1.00 1.71 ? 77 ASN X CG   1 
ATOM 1143 O OD1  . ASN A 1 77 ? -4.157  -9.518  16.900  1.00 2.32 ? 77 ASN X OD1  1 
ATOM 1144 N ND2  . ASN A 1 77 ? -6.246  -9.287  16.109  1.00 2.40 ? 77 ASN X ND2  1 
ATOM 1145 H H    . ASN A 1 77 ? -3.036  -11.812 12.851  1.00 0.78 ? 77 ASN X H    1 
ATOM 1146 H HA   . ASN A 1 77 ? -2.741  -10.905 15.636  1.00 1.02 ? 77 ASN X HA   1 
ATOM 1147 H HB2  . ASN A 1 77 ? -4.353  -9.591  13.978  1.00 1.26 ? 77 ASN X HB2  1 
ATOM 1148 H HB3  . ASN A 1 77 ? -5.438  -10.928 14.345  1.00 1.39 ? 77 ASN X HB3  1 
ATOM 1149 H HD21 . ASN A 1 77 ? -6.848  -9.449  15.352  1.00 2.55 ? 77 ASN X HD21 1 
ATOM 1150 H HD22 . ASN A 1 77 ? -6.524  -8.847  16.939  1.00 3.05 ? 77 ASN X HD22 1 
ATOM 1151 N N    . ARG A 1 78 ? -3.777  -13.012 16.542  1.00 1.55 ? 78 ARG X N    1 
ATOM 1152 C CA   . ARG A 1 78 ? -4.207  -14.331 17.029  1.00 1.69 ? 78 ARG X CA   1 
ATOM 1153 C C    . ARG A 1 78 ? -5.587  -14.673 16.468  1.00 1.23 ? 78 ARG X C    1 
ATOM 1154 O O    . ARG A 1 78 ? -5.905  -15.832 16.199  1.00 1.12 ? 78 ARG X O    1 
ATOM 1155 C CB   . ARG A 1 78 ? -4.257  -14.334 18.557  1.00 2.53 ? 78 ARG X CB   1 
ATOM 1156 C CG   . ARG A 1 78 ? -2.895  -14.178 19.211  1.00 3.28 ? 78 ARG X CG   1 
ATOM 1157 C CD   . ARG A 1 78 ? -3.009  -14.186 20.726  1.00 4.01 ? 78 ARG X CD   1 
ATOM 1158 N NE   . ARG A 1 78 ? -1.721  -14.435 21.373  1.00 4.70 ? 78 ARG X NE   1 
ATOM 1159 C CZ   . ARG A 1 78 ? -1.552  -14.514 22.692  1.00 5.38 ? 78 ARG X CZ   1 
ATOM 1160 N NH1  . ARG A 1 78 ? -2.576  -14.327 23.519  1.00 5.54 ? 78 ARG X NH1  1 
ATOM 1161 N NH2  . ARG A 1 78 ? -0.352  -14.777 23.188  1.00 6.20 ? 78 ARG X NH2  1 
ATOM 1162 H H    . ARG A 1 78 ? -3.430  -12.357 17.180  1.00 2.04 ? 78 ARG X H    1 
ATOM 1163 H HA   . ARG A 1 78 ? -3.494  -15.066 16.692  1.00 1.87 ? 78 ARG X HA   1 
ATOM 1164 H HB2  . ARG A 1 78 ? -4.886  -13.521 18.887  1.00 2.75 ? 78 ARG X HB2  1 
ATOM 1165 H HB3  . ARG A 1 78 ? -4.686  -15.268 18.889  1.00 2.58 ? 78 ARG X HB3  1 
ATOM 1166 H HG2  . ARG A 1 78 ? -2.259  -14.994 18.902  1.00 3.42 ? 78 ARG X HG2  1 
ATOM 1167 H HG3  . ARG A 1 78 ? -2.460  -13.241 18.897  1.00 3.46 ? 78 ARG X HG3  1 
ATOM 1168 H HD2  . ARG A 1 78 ? -3.383  -13.228 21.051  1.00 4.30 ? 78 ARG X HD2  1 
ATOM 1169 H HD3  . ARG A 1 78 ? -3.702  -14.961 21.018  1.00 4.15 ? 78 ARG X HD3  1 
ATOM 1170 H HE   . ARG A 1 78 ? -0.942  -14.561 20.791  1.00 4.91 ? 78 ARG X HE   1 
ATOM 1171 H HH11 . ARG A 1 78 ? -3.485  -14.123 23.155  1.00 5.18 ? 78 ARG X HH11 1 
ATOM 1172 H HH12 . ARG A 1 78 ? -2.437  -14.390 24.507  1.00 6.22 ? 78 ARG X HH12 1 
ATOM 1173 H HH21 . ARG A 1 78 ? 0.425   -14.914 22.573  1.00 6.37 ? 78 ARG X HH21 1 
ATOM 1174 H HH22 . ARG A 1 78 ? -0.222  -14.839 24.178  1.00 6.80 ? 78 ARG X HH22 1 
ATOM 1175 N N    . VAL A 1 79 ? -6.378  -13.628 16.276  1.00 1.52 ? 79 VAL X N    1 
ATOM 1176 C CA   . VAL A 1 79 ? -7.709  -13.732 15.729  1.00 1.97 ? 79 VAL X CA   1 
ATOM 1177 C C    . VAL A 1 79 ? -7.714  -13.217 14.290  1.00 2.23 ? 79 VAL X C    1 
ATOM 1178 O O    . VAL A 1 79 ? -8.460  -12.294 13.954  1.00 3.20 ? 79 VAL X O    1 
ATOM 1179 C CB   . VAL A 1 79 ? -8.717  -12.931 16.571  1.00 2.97 ? 79 VAL X CB   1 
ATOM 1180 C CG1  . VAL A 1 79 ? -8.985  -13.630 17.895  1.00 3.33 ? 79 VAL X CG1  1 
ATOM 1181 C CG2  . VAL A 1 79 ? -8.209  -11.515 16.797  1.00 3.24 ? 79 VAL X CG2  1 
ATOM 1182 H H    . VAL A 1 79 ? -6.046  -12.736 16.502  1.00 1.78 ? 79 VAL X H    1 
ATOM 1183 H HA   . VAL A 1 79 ? -7.999  -14.773 15.737  1.00 1.81 ? 79 VAL X HA   1 
ATOM 1184 H HB   . VAL A 1 79 ? -9.643  -12.873 16.025  1.00 3.45 ? 79 VAL X HB   1 
ATOM 1185 H HG11 . VAL A 1 79 ? -10.039 -13.577 18.123  1.00 3.57 ? 79 VAL X HG11 1 
ATOM 1186 H HG12 . VAL A 1 79 ? -8.422  -13.145 18.679  1.00 3.65 ? 79 VAL X HG12 1 
ATOM 1187 H HG13 . VAL A 1 79 ? -8.684  -14.665 17.823  1.00 3.54 ? 79 VAL X HG13 1 
ATOM 1188 H HG21 . VAL A 1 79 ? -7.442  -11.290 16.069  1.00 3.45 ? 79 VAL X HG21 1 
ATOM 1189 H HG22 . VAL A 1 79 ? -7.796  -11.435 17.792  1.00 3.61 ? 79 VAL X HG22 1 
ATOM 1190 H HG23 . VAL A 1 79 ? -9.025  -10.817 16.688  1.00 3.30 ? 79 VAL X HG23 1 
ATOM 1191 N N    . GLY A 1 80 ? -6.856  -13.793 13.440  1.00 1.76 ? 80 GLY X N    1 
ATOM 1192 C CA   . GLY A 1 80 ? -6.781  -13.330 12.061  1.00 2.51 ? 80 GLY X CA   1 
ATOM 1193 C C    . GLY A 1 80 ? -5.394  -12.895 11.598  1.00 2.06 ? 80 GLY X C    1 
ATOM 1194 O O    . GLY A 1 80 ? -5.164  -11.728 11.282  1.00 2.55 ? 80 GLY X O    1 
ATOM 1195 H H    . GLY A 1 80 ? -6.265  -14.506 13.756  1.00 1.30 ? 80 GLY X H    1 
ATOM 1196 H HA2  . GLY A 1 80 ? -7.116  -14.127 11.417  1.00 2.99 ? 80 GLY X HA2  1 
ATOM 1197 H HA3  . GLY A 1 80 ? -7.455  -12.495 11.944  1.00 3.29 ? 80 GLY X HA3  1 
ATOM 1198 N N    . SER A 1 81 ? -4.465  -13.842 11.538  1.00 1.25 ? 81 SER X N    1 
ATOM 1199 C CA   . SER A 1 81 ? -3.117  -13.549 11.061  1.00 0.99 ? 81 SER X CA   1 
ATOM 1200 C C    . SER A 1 81 ? -2.997  -13.996 9.606   1.00 0.84 ? 81 SER X C    1 
ATOM 1201 O O    . SER A 1 81 ? -3.004  -15.192 9.315   1.00 1.01 ? 81 SER X O    1 
ATOM 1202 C CB   . SER A 1 81 ? -2.067  -14.251 11.924  1.00 1.33 ? 81 SER X CB   1 
ATOM 1203 O OG   . SER A 1 81 ? -2.458  -15.580 12.222  1.00 1.96 ? 81 SER X OG   1 
ATOM 1204 H H    . SER A 1 81 ? -4.698  -14.761 11.787  1.00 1.07 ? 81 SER X H    1 
ATOM 1205 H HA   . SER A 1 81 ? -2.969  -12.483 11.103  1.00 0.98 ? 81 SER X HA   1 
ATOM 1206 H HB2  . SER A 1 81 ? -1.127  -14.276 11.394  1.00 1.57 ? 81 SER X HB2  1 
ATOM 1207 H HB3  . SER A 1 81 ? -1.945  -13.709 12.850  1.00 1.71 ? 81 SER X HB3  1 
ATOM 1208 H HG   . SER A 1 81 ? -2.027  -16.185 11.614  1.00 2.43 ? 81 SER X HG   1 
ATOM 1209 N N    . ASP A 1 82 ? -2.919  -13.031 8.688   1.00 0.81 ? 82 ASP X N    1 
ATOM 1210 C CA   . ASP A 1 82 ? -2.837  -13.344 7.263   1.00 1.05 ? 82 ASP X CA   1 
ATOM 1211 C C    . ASP A 1 82 ? -2.069  -12.275 6.487   1.00 0.86 ? 82 ASP X C    1 
ATOM 1212 O O    . ASP A 1 82 ? -1.446  -11.390 7.072   1.00 0.86 ? 82 ASP X O    1 
ATOM 1213 C CB   . ASP A 1 82 ? -4.246  -13.493 6.686   1.00 1.47 ? 82 ASP X CB   1 
ATOM 1214 C CG   . ASP A 1 82 ? -5.110  -14.429 7.509   1.00 1.88 ? 82 ASP X CG   1 
ATOM 1215 O OD1  . ASP A 1 82 ? -4.766  -15.626 7.602   1.00 2.34 ? 82 ASP X OD1  1 
ATOM 1216 O OD2  . ASP A 1 82 ? -6.128  -13.964 8.062   1.00 2.31 ? 82 ASP X OD2  1 
ATOM 1217 H H    . ASP A 1 82 ? -2.939  -12.092 8.973   1.00 0.78 ? 82 ASP X H    1 
ATOM 1218 H HA   . ASP A 1 82 ? -2.318  -14.286 7.163   1.00 1.33 ? 82 ASP X HA   1 
ATOM 1219 H HB2  . ASP A 1 82 ? -4.723  -12.525 6.659   1.00 1.43 ? 82 ASP X HB2  1 
ATOM 1220 H HB3  . ASP A 1 82 ? -4.180  -13.886 5.683   1.00 1.67 ? 82 ASP X HB3  1 
ATOM 1221 N N    . GLN A 1 83 ? -2.118  -12.377 5.160   1.00 0.87 ? 83 GLN X N    1 
ATOM 1222 C CA   . GLN A 1 83 ? -1.429  -11.437 4.283   1.00 0.84 ? 83 GLN X CA   1 
ATOM 1223 C C    . GLN A 1 83 ? -2.418  -10.682 3.397   1.00 0.81 ? 83 GLN X C    1 
ATOM 1224 O O    . GLN A 1 83 ? -3.633  -10.803 3.557   1.00 0.94 ? 83 GLN X O    1 
ATOM 1225 C CB   . GLN A 1 83 ? -0.412  -12.177 3.416   1.00 1.14 ? 83 GLN X CB   1 
ATOM 1226 C CG   . GLN A 1 83 ? 0.506   -13.089 4.211   1.00 1.26 ? 83 GLN X CG   1 
ATOM 1227 C CD   . GLN A 1 83 ? 0.813   -14.381 3.484   1.00 1.70 ? 83 GLN X CD   1 
ATOM 1228 O OE1  . GLN A 1 83 ? 0.494   -14.534 2.305   1.00 1.92 ? 83 GLN X OE1  1 
ATOM 1229 N NE2  . GLN A 1 83 ? 1.426   -15.324 4.188   1.00 2.16 ? 83 GLN X NE2  1 
ATOM 1230 H H    . GLN A 1 83 ? -2.627  -13.110 4.758   1.00 1.00 ? 83 GLN X H    1 
ATOM 1231 H HA   . GLN A 1 83 ? -0.906  -10.725 4.906   1.00 0.76 ? 83 GLN X HA   1 
ATOM 1232 H HB2  . GLN A 1 83 ? -0.942  -12.776 2.690   1.00 1.30 ? 83 GLN X HB2  1 
ATOM 1233 H HB3  . GLN A 1 83 ? 0.197   -11.451 2.897   1.00 1.23 ? 83 GLN X HB3  1 
ATOM 1234 H HG2  . GLN A 1 83 ? 1.435   -12.569 4.397   1.00 1.30 ? 83 GLN X HG2  1 
ATOM 1235 H HG3  . GLN A 1 83 ? 0.031   -13.325 5.153   1.00 1.23 ? 83 GLN X HG3  1 
ATOM 1236 H HE21 . GLN A 1 83 ? 1.644   -15.135 5.125   1.00 2.28 ? 83 GLN X HE21 1 
ATOM 1237 H HE22 . GLN A 1 83 ? 1.635   -16.173 3.743   1.00 2.50 ? 83 GLN X HE22 1 
ATOM 1238 N N    . CYS A 1 84 ? -1.882  -9.889  2.474   1.00 0.78 ? 84 CYS X N    1 
ATOM 1239 C CA   . CYS A 1 84 ? -2.699  -9.090  1.566   1.00 0.85 ? 84 CYS X CA   1 
ATOM 1240 C C    . CYS A 1 84 ? -1.939  -8.753  0.287   1.00 0.78 ? 84 CYS X C    1 
ATOM 1241 O O    . CYS A 1 84 ? -0.711  -8.835  0.238   1.00 0.74 ? 84 CYS X O    1 
ATOM 1242 C CB   . CYS A 1 84 ? -3.131  -7.798  2.258   1.00 0.91 ? 84 CYS X CB   1 
ATOM 1243 S SG   . CYS A 1 84 ? -4.845  -7.792  2.861   1.00 0.95 ? 84 CYS X SG   1 
ATOM 1244 H H    . CYS A 1 84 ? -0.906  -9.829  2.411   1.00 0.79 ? 84 CYS X H    1 
ATOM 1245 H HA   . CYS A 1 84 ? -3.576  -9.664  1.313   1.00 1.02 ? 84 CYS X HA   1 
ATOM 1246 H HB2  . CYS A 1 84 ? -2.494  -7.643  3.112   1.00 1.11 ? 84 CYS X HB2  1 
ATOM 1247 H HB3  . CYS A 1 84 ? -3.019  -6.967  1.576   1.00 1.15 ? 84 CYS X HB3  1 
ATOM 1248 N N    . LEU A 1 85 ? -2.683  -8.359  -0.742  1.00 0.84 ? 85 LEU X N    1 
ATOM 1249 C CA   . LEU A 1 85 ? -2.089  -7.991  -2.020  1.00 0.83 ? 85 LEU X CA   1 
ATOM 1250 C C    . LEU A 1 85 ? -2.484  -6.565  -2.406  1.00 0.74 ? 85 LEU X C    1 
ATOM 1251 O O    . LEU A 1 85 ? -3.662  -6.270  -2.609  1.00 0.93 ? 85 LEU X O    1 
ATOM 1252 C CB   . LEU A 1 85 ? -2.528  -8.974  -3.105  1.00 1.08 ? 85 LEU X CB   1 
ATOM 1253 C CG   . LEU A 1 85 ? -2.133  -10.430 -2.850  1.00 1.26 ? 85 LEU X CG   1 
ATOM 1254 C CD1  . LEU A 1 85 ? -2.778  -11.348 -3.876  1.00 1.89 ? 85 LEU X CD1  1 
ATOM 1255 C CD2  . LEU A 1 85 ? -0.620  -10.583 -2.873  1.00 1.51 ? 85 LEU X CD2  1 
ATOM 1256 H H    . LEU A 1 85 ? -3.654  -8.305  -0.634  1.00 0.94 ? 85 LEU X H    1 
ATOM 1257 H HA   . LEU A 1 85 ? -1.015  -8.038  -1.914  1.00 0.76 ? 85 LEU X HA   1 
ATOM 1258 H HB2  . LEU A 1 85 ? -3.604  -8.923  -3.195  1.00 1.20 ? 85 LEU X HB2  1 
ATOM 1259 H HB3  . LEU A 1 85 ? -2.090  -8.665  -4.042  1.00 1.10 ? 85 LEU X HB3  1 
ATOM 1260 H HG   . LEU A 1 85 ? -2.484  -10.726 -1.872  1.00 1.48 ? 85 LEU X HG   1 
ATOM 1261 H HD11 . LEU A 1 85 ? -2.936  -10.806 -4.797  1.00 2.36 ? 85 LEU X HD11 1 
ATOM 1262 H HD12 . LEU A 1 85 ? -3.728  -11.699 -3.498  1.00 2.29 ? 85 LEU X HD12 1 
ATOM 1263 H HD13 . LEU A 1 85 ? -2.132  -12.192 -4.062  1.00 2.31 ? 85 LEU X HD13 1 
ATOM 1264 H HD21 . LEU A 1 85 ? -0.225  -10.121 -3.766  1.00 1.96 ? 85 LEU X HD21 1 
ATOM 1265 H HD22 . LEU A 1 85 ? -0.363  -11.632 -2.868  1.00 1.92 ? 85 LEU X HD22 1 
ATOM 1266 H HD23 . LEU A 1 85 ? -0.196  -10.104 -2.003  1.00 1.92 ? 85 LEU X HD23 1 
ATOM 1267 N N    . LEU A 1 86 ? -1.490  -5.689  -2.509  1.00 0.58 ? 86 LEU X N    1 
ATOM 1268 C CA   . LEU A 1 86 ? -1.722  -4.293  -2.874  1.00 0.56 ? 86 LEU X CA   1 
ATOM 1269 C C    . LEU A 1 86 ? -0.980  -3.954  -4.166  1.00 0.52 ? 86 LEU X C    1 
ATOM 1270 O O    . LEU A 1 86 ? 0.005   -4.606  -4.505  1.00 0.53 ? 86 LEU X O    1 
ATOM 1271 C CB   . LEU A 1 86 ? -1.273  -3.371  -1.739  1.00 0.61 ? 86 LEU X CB   1 
ATOM 1272 C CG   . LEU A 1 86 ? -2.121  -3.435  -0.468  1.00 0.77 ? 86 LEU X CG   1 
ATOM 1273 C CD1  . LEU A 1 86 ? -1.495  -2.590  0.631   1.00 1.44 ? 86 LEU X CD1  1 
ATOM 1274 C CD2  . LEU A 1 86 ? -3.545  -2.978  -0.746  1.00 1.31 ? 86 LEU X CD2  1 
ATOM 1275 H H    . LEU A 1 86 ? -0.573  -5.989  -2.337  1.00 0.60 ? 86 LEU X H    1 
ATOM 1276 H HA   . LEU A 1 86 ? -2.781  -4.165  -3.037  1.00 0.66 ? 86 LEU X HA   1 
ATOM 1277 H HB2  . LEU A 1 86 ? -0.263  -3.637  -1.475  1.00 0.63 ? 86 LEU X HB2  1 
ATOM 1278 H HB3  . LEU A 1 86 ? -1.280  -2.354  -2.101  1.00 0.72 ? 86 LEU X HB3  1 
ATOM 1279 H HG   . LEU A 1 86 ? -2.159  -4.457  -0.120  1.00 1.30 ? 86 LEU X HG   1 
ATOM 1280 H HD11 . LEU A 1 86 ? -2.212  -2.446  1.428   1.00 1.88 ? 86 LEU X HD11 1 
ATOM 1281 H HD12 . LEU A 1 86 ? -1.208  -1.630  0.228   1.00 1.98 ? 86 LEU X HD12 1 
ATOM 1282 H HD13 . LEU A 1 86 ? -0.622  -3.092  1.020   1.00 2.02 ? 86 LEU X HD13 1 
ATOM 1283 H HD21 . LEU A 1 86 ? -3.541  -1.935  -1.025  1.00 1.80 ? 86 LEU X HD21 1 
ATOM 1284 H HD22 . LEU A 1 86 ? -4.144  -3.111  0.142   1.00 1.85 ? 86 LEU X HD22 1 
ATOM 1285 H HD23 . LEU A 1 86 ? -3.961  -3.566  -1.551  1.00 1.89 ? 86 LEU X HD23 1 
ATOM 1286 N N    . ARG A 1 87 ? -1.461  -2.957  -4.903  1.00 0.52 ? 87 ARG X N    1 
ATOM 1287 C CA   . ARG A 1 87 ? -0.816  -2.592  -6.169  1.00 0.52 ? 87 ARG X CA   1 
ATOM 1288 C C    . ARG A 1 87 ? -0.816  -1.084  -6.423  1.00 0.48 ? 87 ARG X C    1 
ATOM 1289 O O    . ARG A 1 87 ? -1.786  -0.393  -6.122  1.00 0.50 ? 87 ARG X O    1 
ATOM 1290 C CB   . ARG A 1 87 ? -1.507  -3.315  -7.322  1.00 0.62 ? 87 ARG X CB   1 
ATOM 1291 C CG   . ARG A 1 87 ? -0.837  -3.104  -8.668  1.00 0.66 ? 87 ARG X CG   1 
ATOM 1292 C CD   . ARG A 1 87 ? -1.349  -4.096  -9.695  1.00 0.95 ? 87 ARG X CD   1 
ATOM 1293 N NE   . ARG A 1 87 ? -1.367  -3.533  -11.042 1.00 1.56 ? 87 ARG X NE   1 
ATOM 1294 C CZ   . ARG A 1 87 ? -2.096  -4.025  -12.046 1.00 2.13 ? 87 ARG X CZ   1 
ATOM 1295 N NH1  . ARG A 1 87 ? -2.847  -5.107  -11.869 1.00 2.37 ? 87 ARG X NH1  1 
ATOM 1296 N NH2  . ARG A 1 87 ? -2.071  -3.432  -13.230 1.00 3.12 ? 87 ARG X NH2  1 
ATOM 1297 H H    . ARG A 1 87 ? -2.264  -2.474  -4.603  1.00 0.55 ? 87 ARG X H    1 
ATOM 1298 H HA   . ARG A 1 87 ? 0.208   -2.929  -6.119  1.00 0.53 ? 87 ARG X HA   1 
ATOM 1299 H HB2  . ARG A 1 87 ? -1.519  -4.374  -7.113  1.00 0.68 ? 87 ARG X HB2  1 
ATOM 1300 H HB3  . ARG A 1 87 ? -2.526  -2.960  -7.393  1.00 0.66 ? 87 ARG X HB3  1 
ATOM 1301 H HG2  . ARG A 1 87 ? -1.045  -2.101  -9.011  1.00 0.76 ? 87 ARG X HG2  1 
ATOM 1302 H HG3  . ARG A 1 87 ? 0.229   -3.235  -8.552  1.00 0.91 ? 87 ARG X HG3  1 
ATOM 1303 H HD2  . ARG A 1 87 ? -0.708  -4.965  -9.687  1.00 1.64 ? 87 ARG X HD2  1 
ATOM 1304 H HD3  . ARG A 1 87 ? -2.353  -4.390  -9.424  1.00 1.40 ? 87 ARG X HD3  1 
ATOM 1305 H HE   . ARG A 1 87 ? -0.814  -2.740  -11.209 1.00 2.21 ? 87 ARG X HE   1 
ATOM 1306 H HH11 . ARG A 1 87 ? -2.871  -5.563  -10.980 1.00 2.25 ? 87 ARG X HH11 1 
ATOM 1307 H HH12 . ARG A 1 87 ? -3.390  -5.467  -12.629 1.00 3.10 ? 87 ARG X HH12 1 
ATOM 1308 H HH21 . ARG A 1 87 ? -1.507  -2.618  -13.371 1.00 3.55 ? 87 ARG X HH21 1 
ATOM 1309 H HH22 . ARG A 1 87 ? -2.618  -3.798  -13.984 1.00 3.65 ? 87 ARG X HH22 1 
ATOM 1310 N N    . LEU A 1 88 ? 0.286   -0.590  -6.998  1.00 0.49 ? 88 LEU X N    1 
ATOM 1311 C CA   . LEU A 1 88 ? 0.434   0.831   -7.320  1.00 0.49 ? 88 LEU X CA   1 
ATOM 1312 C C    . LEU A 1 88 ? 1.072   0.989   -8.698  1.00 0.50 ? 88 LEU X C    1 
ATOM 1313 O O    . LEU A 1 88 ? 1.967   0.218   -9.048  1.00 0.57 ? 88 LEU X O    1 
ATOM 1314 C CB   . LEU A 1 88 ? 1.312   1.509   -6.269  1.00 0.55 ? 88 LEU X CB   1 
ATOM 1315 C CG   . LEU A 1 88 ? 0.657   1.699   -4.896  1.00 0.65 ? 88 LEU X CG   1 
ATOM 1316 C CD1  . LEU A 1 88 ? 1.616   1.318   -3.773  1.00 1.56 ? 88 LEU X CD1  1 
ATOM 1317 C CD2  . LEU A 1 88 ? 0.178   3.135   -4.724  1.00 1.38 ? 88 LEU X CD2  1 
ATOM 1318 H H    . LEU A 1 88 ? 1.022   -1.203  -7.223  1.00 0.52 ? 88 LEU X H    1 
ATOM 1319 H HA   . LEU A 1 88 ? -0.545  1.286   -7.322  1.00 0.50 ? 88 LEU X HA   1 
ATOM 1320 H HB2  . LEU A 1 88 ? 2.206   0.913   -6.144  1.00 0.64 ? 88 LEU X HB2  1 
ATOM 1321 H HB3  . LEU A 1 88 ? 1.599   2.475   -6.647  1.00 0.62 ? 88 LEU X HB3  1 
ATOM 1322 H HG   . LEU A 1 88 ? -0.199  1.049   -4.830  1.00 1.18 ? 88 LEU X HG   1 
ATOM 1323 H HD11 . LEU A 1 88 ? 1.749   2.157   -3.105  1.00 2.10 ? 88 LEU X HD11 1 
ATOM 1324 H HD12 . LEU A 1 88 ? 2.570   1.037   -4.191  1.00 1.98 ? 88 LEU X HD12 1 
ATOM 1325 H HD13 . LEU A 1 88 ? 1.203   0.486   -3.225  1.00 2.22 ? 88 LEU X HD13 1 
ATOM 1326 H HD21 . LEU A 1 88 ? 0.995   3.742   -4.369  1.00 1.89 ? 88 LEU X HD21 1 
ATOM 1327 H HD22 . LEU A 1 88 ? -0.627  3.166   -4.009  1.00 1.97 ? 88 LEU X HD22 1 
ATOM 1328 H HD23 . LEU A 1 88 ? -0.168  3.516   -5.674  1.00 1.94 ? 88 LEU X HD23 1 
ATOM 1329 N N    . ASN A 1 89 ? 0.623   1.969   -9.496  1.00 0.45 ? 89 ASN X N    1 
ATOM 1330 C CA   . ASN A 1 89 ? 1.203   2.142   -10.826 1.00 0.48 ? 89 ASN X CA   1 
ATOM 1331 C C    . ASN A 1 89 ? 1.313   3.609   -11.249 1.00 0.43 ? 89 ASN X C    1 
ATOM 1332 O O    . ASN A 1 89 ? 0.321   4.350   -11.272 1.00 0.50 ? 89 ASN X O    1 
ATOM 1333 C CB   . ASN A 1 89 ? 0.388   1.359   -11.854 1.00 0.54 ? 89 ASN X CB   1 
ATOM 1334 C CG   . ASN A 1 89 ? 1.168   1.098   -13.127 1.00 0.67 ? 89 ASN X CG   1 
ATOM 1335 O OD1  . ASN A 1 89 ? 2.042   1.878   -13.506 1.00 1.22 ? 89 ASN X OD1  1 
ATOM 1336 N ND2  . ASN A 1 89 ? 0.859   -0.009  -13.794 1.00 1.18 ? 89 ASN X ND2  1 
ATOM 1337 H H    . ASN A 1 89 ? -0.102  2.567   -9.195  1.00 0.42 ? 89 ASN X H    1 
ATOM 1338 H HA   . ASN A 1 89 ? 2.196   1.728   -10.797 1.00 0.54 ? 89 ASN X HA   1 
ATOM 1339 H HB2  . ASN A 1 89 ? 0.099   0.410   -11.429 1.00 0.63 ? 89 ASN X HB2  1 
ATOM 1340 H HB3  . ASN A 1 89 ? -0.499  1.921   -12.105 1.00 0.52 ? 89 ASN X HB3  1 
ATOM 1341 H HD21 . ASN A 1 89 ? 0.155   -0.586  -13.431 1.00 1.76 ? 89 ASN X HD21 1 
ATOM 1342 H HD22 . ASN A 1 89 ? 1.348   -0.203  -14.620 1.00 1.24 ? 89 ASN X HD22 1 
ATOM 1343 N N    . VAL A 1 90 ? 2.534   4.018   -11.608 1.00 0.41 ? 90 VAL X N    1 
ATOM 1344 C CA   . VAL A 1 90 ? 2.775   5.379   -12.073 1.00 0.44 ? 90 VAL X CA   1 
ATOM 1345 C C    . VAL A 1 90 ? 3.564   5.385   -13.373 1.00 0.46 ? 90 VAL X C    1 
ATOM 1346 O O    . VAL A 1 90 ? 4.690   4.873   -13.417 1.00 0.51 ? 90 VAL X O    1 
ATOM 1347 C CB   . VAL A 1 90 ? 3.515   6.233   -11.049 1.00 0.55 ? 90 VAL X CB   1 
ATOM 1348 C CG1  . VAL A 1 90 ? 3.466   7.693   -11.467 1.00 0.56 ? 90 VAL X CG1  1 
ATOM 1349 C CG2  . VAL A 1 90 ? 2.918   6.042   -9.675  1.00 0.94 ? 90 VAL X CG2  1 
ATOM 1350 H H    . VAL A 1 90 ? 3.279   3.381   -11.582 1.00 0.43 ? 90 VAL X H    1 
ATOM 1351 H HA   . VAL A 1 90 ? 1.817   5.825   -12.253 1.00 0.46 ? 90 VAL X HA   1 
ATOM 1352 H HB   . VAL A 1 90 ? 4.544   5.919   -11.027 1.00 0.69 ? 90 VAL X HB   1 
ATOM 1353 H HG11 . VAL A 1 90 ? 2.446   7.965   -11.693 1.00 1.16 ? 90 VAL X HG11 1 
ATOM 1354 H HG12 . VAL A 1 90 ? 4.079   7.838   -12.345 1.00 1.19 ? 90 VAL X HG12 1 
ATOM 1355 H HG13 . VAL A 1 90 ? 3.835   8.311   -10.664 1.00 1.13 ? 90 VAL X HG13 1 
ATOM 1356 H HG21 . VAL A 1 90 ? 1.891   5.718   -9.769  1.00 1.58 ? 90 VAL X HG21 1 
ATOM 1357 H HG22 . VAL A 1 90 ? 2.949   6.978   -9.137  1.00 1.39 ? 90 VAL X HG22 1 
ATOM 1358 H HG23 . VAL A 1 90 ? 3.477   5.298   -9.137  1.00 1.39 ? 90 VAL X HG23 1 
ATOM 1359 N N    . VAL A 1 91 ? 2.974   5.969   -14.419 1.00 0.50 ? 91 VAL X N    1 
ATOM 1360 C CA   . VAL A 1 91 ? 3.614   6.029   -15.731 1.00 0.57 ? 91 VAL X CA   1 
ATOM 1361 C C    . VAL A 1 91 ? 3.290   7.356   -16.451 1.00 0.61 ? 91 VAL X C    1 
ATOM 1362 O O    . VAL A 1 91 ? 2.617   8.218   -15.889 1.00 0.65 ? 91 VAL X O    1 
ATOM 1363 C CB   . VAL A 1 91 ? 3.207   4.783   -16.584 1.00 0.66 ? 91 VAL X CB   1 
ATOM 1364 C CG1  . VAL A 1 91 ? 3.181   3.525   -15.723 1.00 0.69 ? 91 VAL X CG1  1 
ATOM 1365 C CG2  . VAL A 1 91 ? 1.856   4.974   -17.271 1.00 0.73 ? 91 VAL X CG2  1 
ATOM 1366 H H    . VAL A 1 91 ? 2.085   6.363   -14.308 1.00 0.52 ? 91 VAL X H    1 
ATOM 1367 H HA   . VAL A 1 91 ? 4.672   5.990   -15.573 1.00 0.60 ? 91 VAL X HA   1 
ATOM 1368 H HB   . VAL A 1 91 ? 3.954   4.627   -17.341 1.00 0.72 ? 91 VAL X HB   1 
ATOM 1369 H HG11 . VAL A 1 91 ? 2.296   3.531   -15.105 1.00 1.19 ? 91 VAL X HG11 1 
ATOM 1370 H HG12 . VAL A 1 91 ? 4.059   3.501   -15.094 1.00 1.25 ? 91 VAL X HG12 1 
ATOM 1371 H HG13 . VAL A 1 91 ? 3.170   2.652   -16.359 1.00 1.27 ? 91 VAL X HG13 1 
ATOM 1372 H HG21 . VAL A 1 91 ? 2.005   5.439   -18.234 1.00 1.21 ? 91 VAL X HG21 1 
ATOM 1373 H HG22 . VAL A 1 91 ? 1.228   5.605   -16.660 1.00 1.30 ? 91 VAL X HG22 1 
ATOM 1374 H HG23 . VAL A 1 91 ? 1.381   4.013   -17.404 1.00 1.25 ? 91 VAL X HG23 1 
ATOM 1375 N N    . PRO A 1 92 ? 3.775   7.558   -17.695 1.00 0.64 ? 92 PRO X N    1 
ATOM 1376 C CA   . PRO A 1 92 ? 3.517   8.782   -18.438 1.00 0.70 ? 92 PRO X CA   1 
ATOM 1377 C C    . PRO A 1 92 ? 2.239   8.689   -19.269 1.00 0.83 ? 92 PRO X C    1 
ATOM 1378 O O    . PRO A 1 92 ? 1.892   7.615   -19.762 1.00 1.00 ? 92 PRO X O    1 
ATOM 1379 C CB   . PRO A 1 92 ? 4.748   8.888   -19.332 1.00 0.75 ? 92 PRO X CB   1 
ATOM 1380 C CG   . PRO A 1 92 ? 5.127   7.475   -19.625 1.00 0.78 ? 92 PRO X CG   1 
ATOM 1381 C CD   . PRO A 1 92 ? 4.613   6.631   -18.480 1.00 0.67 ? 92 PRO X CD   1 
ATOM 1382 H HA   . PRO A 1 92 ? 3.460   9.636   -17.788 1.00 0.75 ? 92 PRO X HA   1 
ATOM 1383 H HB2  . PRO A 1 92 ? 4.496   9.427   -20.234 1.00 0.89 ? 92 PRO X HB2  1 
ATOM 1384 H HB3  . PRO A 1 92 ? 5.535   9.404   -18.805 1.00 0.88 ? 92 PRO X HB3  1 
ATOM 1385 H HG2  . PRO A 1 92 ? 4.671   7.161   -20.552 1.00 0.98 ? 92 PRO X HG2  1 
ATOM 1386 H HG3  . PRO A 1 92 ? 6.202   7.394   -19.693 1.00 0.96 ? 92 PRO X HG3  1 
ATOM 1387 H HD2  . PRO A 1 92 ? 4.022   5.815   -18.864 1.00 0.77 ? 92 PRO X HD2  1 
ATOM 1388 H HD3  . PRO A 1 92 ? 5.435   6.258   -17.888 1.00 0.70 ? 92 PRO X HD3  1 
ATOM 1389 N N    . PRO A 1 93 ? 1.511   9.811   -19.439 1.00 0.98 ? 93 PRO X N    1 
ATOM 1390 C CA   . PRO A 1 93 ? 0.270   9.822   -20.216 1.00 1.17 ? 93 PRO X CA   1 
ATOM 1391 C C    . PRO A 1 93 ? 0.529   9.633   -21.704 1.00 1.13 ? 93 PRO X C    1 
ATOM 1392 O O    . PRO A 1 93 ? 1.210   10.444  -22.332 1.00 1.21 ? 93 PRO X O    1 
ATOM 1393 C CB   . PRO A 1 93 ? -0.312  11.210  -19.944 1.00 1.47 ? 93 PRO X CB   1 
ATOM 1394 C CG   . PRO A 1 93 ? 0.869   12.053  -19.615 1.00 1.63 ? 93 PRO X CG   1 
ATOM 1395 C CD   . PRO A 1 93 ? 1.831   11.149  -18.897 1.00 1.17 ? 93 PRO X CD   1 
ATOM 1396 H HA   . PRO A 1 93 ? -0.419  9.063   -19.873 1.00 1.42 ? 93 PRO X HA   1 
ATOM 1397 H HB2  . PRO A 1 93 ? -0.822  11.568  -20.826 1.00 1.52 ? 93 PRO X HB2  1 
ATOM 1398 H HB3  . PRO A 1 93 ? -1.003  11.159  -19.116 1.00 1.80 ? 93 PRO X HB3  1 
ATOM 1399 H HG2  . PRO A 1 93 ? 1.315   12.432  -20.523 1.00 1.88 ? 93 PRO X HG2  1 
ATOM 1400 H HG3  . PRO A 1 93 ? 0.571   12.869  -18.972 1.00 2.12 ? 93 PRO X HG3  1 
ATOM 1401 H HD2  . PRO A 1 93 ? 2.850   11.424  -19.125 1.00 1.16 ? 93 PRO X HD2  1 
ATOM 1402 H HD3  . PRO A 1 93 ? 1.657   11.184  -17.833 1.00 1.32 ? 93 PRO X HD3  1 
ATOM 1403 N N    . SER A 1 94 ? -0.019  8.562   -22.264 1.00 1.40 ? 94 SER X N    1 
ATOM 1404 C CA   . SER A 1 94 ? 0.156   8.279   -23.680 1.00 1.70 ? 94 SER X CA   1 
ATOM 1405 C C    . SER A 1 94 ? -0.797  9.126   -24.513 1.00 1.83 ? 94 SER X C    1 
ATOM 1406 O O    . SER A 1 94 ? -1.956  8.759   -24.714 1.00 1.98 ? 94 SER X O    1 
ATOM 1407 C CB   . SER A 1 94 ? -0.079  6.793   -23.959 1.00 2.25 ? 94 SER X CB   1 
ATOM 1408 O OG   . SER A 1 94 ? 0.581   5.984   -23.000 1.00 2.90 ? 94 SER X OG   1 
ATOM 1409 H H    . SER A 1 94 ? -0.554  7.952   -21.714 1.00 1.60 ? 94 SER X H    1 
ATOM 1410 H HA   . SER A 1 94 ? 1.172   8.531   -23.947 1.00 1.77 ? 94 SER X HA   1 
ATOM 1411 H HB2  . SER A 1 94 ? -1.138  6.586   -23.918 1.00 2.65 ? 94 SER X HB2  1 
ATOM 1412 H HB3  . SER A 1 94 ? 0.299   6.549   -24.940 1.00 2.49 ? 94 SER X HB3  1 
ATOM 1413 H HG   . SER A 1 94 ? 0.345   5.064   -23.142 1.00 3.18 ? 94 SER X HG   1 
ATOM 1414 N N    . ASN A 1 95 ? -0.301  10.261  -24.992 1.00 2.12 ? 95 ASN X N    1 
ATOM 1415 C CA   . ASN A 1 95 ? -1.108  11.164  -25.800 1.00 2.43 ? 95 ASN X CA   1 
ATOM 1416 C C    . ASN A 1 95 ? -1.307  10.601  -27.201 1.00 2.73 ? 95 ASN X C    1 
ATOM 1417 O O    . ASN A 1 95 ? -0.434  9.916   -27.734 1.00 3.11 ? 95 ASN X O    1 
ATOM 1418 C CB   . ASN A 1 95 ? -0.444  12.541  -25.880 1.00 3.04 ? 95 ASN X CB   1 
ATOM 1419 C CG   . ASN A 1 95 ? -0.271  13.180  -24.515 1.00 3.65 ? 95 ASN X CG   1 
ATOM 1420 O OD1  . ASN A 1 95 ? -0.341  12.506  -23.487 1.00 4.01 ? 95 ASN X OD1  1 
ATOM 1421 N ND2  . ASN A 1 95 ? -0.050  14.489  -24.499 1.00 4.31 ? 95 ASN X ND2  1 
ATOM 1422 H H    . ASN A 1 95 ? 0.628   10.497  -24.793 1.00 2.31 ? 95 ASN X H    1 
ATOM 1423 H HA   . ASN A 1 95 ? -2.071  11.266  -25.323 1.00 2.68 ? 95 ASN X HA   1 
ATOM 1424 H HB2  . ASN A 1 95 ? 0.531   12.438  -26.333 1.00 3.30 ? 95 ASN X HB2  1 
ATOM 1425 H HB3  . ASN A 1 95 ? -1.053  13.193  -26.488 1.00 3.29 ? 95 ASN X HB3  1 
ATOM 1426 H HD21 . ASN A 1 95 ? -0.012  14.963  -25.355 1.00 4.41 ? 95 ASN X HD21 1 
ATOM 1427 H HD22 . ASN A 1 95 ? 0.066   14.929  -23.630 1.00 4.90 ? 95 ASN X HD22 1 
ATOM 1428 N N    . LYS A 1 96 ? -2.458  10.896  -27.796 1.00 3.22 ? 96 LYS X N    1 
ATOM 1429 C CA   . LYS A 1 96 ? -2.764  10.417  -29.139 1.00 4.05 ? 96 LYS X CA   1 
ATOM 1430 C C    . LYS A 1 96 ? -2.720  11.561  -30.146 1.00 4.70 ? 96 LYS X C    1 
ATOM 1431 O O    . LYS A 1 96 ? -2.947  12.718  -29.735 1.00 5.13 ? 96 LYS X O    1 
ATOM 1432 C CB   . LYS A 1 96 ? -4.138  9.745   -29.173 1.00 4.62 ? 96 LYS X CB   1 
ATOM 1433 C CG   . LYS A 1 96 ? -4.301  8.632   -28.149 1.00 4.95 ? 96 LYS X CG   1 
ATOM 1434 C CD   . LYS A 1 96 ? -5.224  7.530   -28.652 1.00 5.91 ? 96 LYS X CD   1 
ATOM 1435 C CE   . LYS A 1 96 ? -6.599  8.065   -29.025 1.00 6.64 ? 96 LYS X CE   1 
ATOM 1436 N NZ   . LYS A 1 96 ? -6.754  8.213   -30.499 1.00 7.27 ? 96 LYS X NZ   1 
ATOM 1437 O OXT  . LYS A 1 96 ? -2.458  11.290  -31.336 1.00 5.15 ? 96 LYS X OXT  1 
ATOM 1438 H H    . LYS A 1 96 ? -3.116  11.447  -27.323 1.00 3.35 ? 96 LYS X H    1 
ATOM 1439 H HA   . LYS A 1 96 ? -2.013  9.689   -29.409 1.00 4.32 ? 96 LYS X HA   1 
ATOM 1440 H HB2  . LYS A 1 96 ? -4.895  10.492  -28.983 1.00 4.68 ? 96 LYS X HB2  1 
ATOM 1441 H HB3  . LYS A 1 96 ? -4.297  9.327   -30.155 1.00 5.26 ? 96 LYS X HB3  1 
ATOM 1442 H HG2  . LYS A 1 96 ? -3.331  8.207   -27.937 1.00 5.17 ? 96 LYS X HG2  1 
ATOM 1443 H HG3  . LYS A 1 96 ? -4.716  9.051   -27.242 1.00 4.76 ? 96 LYS X HG3  1 
ATOM 1444 H HD2  . LYS A 1 96 ? -4.780  7.076   -29.524 1.00 6.06 ? 96 LYS X HD2  1 
ATOM 1445 H HD3  . LYS A 1 96 ? -5.335  6.787   -27.875 1.00 6.30 ? 96 LYS X HD3  1 
ATOM 1446 H HE2  . LYS A 1 96 ? -7.349  7.379   -28.660 1.00 6.93 ? 96 LYS X HE2  1 
ATOM 1447 H HE3  . LYS A 1 96 ? -6.735  9.029   -28.558 1.00 6.78 ? 96 LYS X HE3  1 
ATOM 1448 H HZ1  . LYS A 1 96 ? -7.224  7.372   -30.895 1.00 7.60 ? 96 LYS X HZ1  1 
ATOM 1449 H HZ2  . LYS A 1 96 ? -5.823  8.319   -30.949 1.00 7.43 ? 96 LYS X HZ2  1 
ATOM 1450 H HZ3  . LYS A 1 96 ? -7.330  9.052   -30.715 1.00 7.52 ? 96 LYS X HZ3  1 
# 
